data_5U7E
# 
_entry.id   5U7E 
# 
_audit_conform.dict_name       mmcif_pdbx.dic 
_audit_conform.dict_version    5.379 
_audit_conform.dict_location   http://mmcif.pdb.org/dictionaries/ascii/mmcif_pdbx.dic 
# 
loop_
_database_2.database_id 
_database_2.database_code 
_database_2.pdbx_database_accession 
_database_2.pdbx_DOI 
PDB   5U7E         pdb_00005u7e 10.2210/pdb5u7e/pdb 
WWPDB D_1000225437 ?            ?                   
# 
loop_
_pdbx_database_related.db_name 
_pdbx_database_related.details 
_pdbx_database_related.db_id 
_pdbx_database_related.content_type 
PDB . 5U7F unspecified 
PDB . 5U7H unspecified 
# 
_pdbx_database_status.status_code                     REL 
_pdbx_database_status.status_code_sf                  REL 
_pdbx_database_status.status_code_mr                  ? 
_pdbx_database_status.entry_id                        5U7E 
_pdbx_database_status.recvd_initial_deposition_date   2016-12-12 
_pdbx_database_status.SG_entry                        N 
_pdbx_database_status.deposit_site                    RCSB 
_pdbx_database_status.process_site                    RCSB 
_pdbx_database_status.status_code_cs                  ? 
_pdbx_database_status.methods_development_category    ? 
_pdbx_database_status.pdb_format_compatible           Y 
_pdbx_database_status.status_code_nmr_data            ? 
# 
loop_
_audit_author.name 
_audit_author.pdbx_ordinal 
_audit_author.identifier_ORCID 
'Nguyen, E.'      1 ? 
'Hill, S.E.'      2 ? 
'Lieberman, R.L.' 3 ? 
# 
_citation.abstract                  ? 
_citation.abstract_id_CAS           ? 
_citation.book_id_ISBN              ? 
_citation.book_publisher            ? 
_citation.book_publisher_city       ? 
_citation.book_title                ? 
_citation.coordinate_linkage        ? 
_citation.country                   US 
_citation.database_id_Medline       ? 
_citation.details                   ? 
_citation.id                        primary 
_citation.journal_abbrev            'PLoS ONE' 
_citation.journal_id_ASTM           ? 
_citation.journal_id_CSD            ? 
_citation.journal_id_ISSN           1932-6203 
_citation.journal_full              ? 
_citation.journal_issue             ? 
_citation.journal_volume            12 
_citation.language                  ? 
_citation.page_first                e0180241 
_citation.page_last                 e0180241 
_citation.title                     
;Metal ion coordination in the E. coli Nudix hydrolase dihydroneopterin triphosphate pyrophosphatase: New clues into catalytic mechanism.
;
_citation.year                      2017 
_citation.database_id_CSD           ? 
_citation.pdbx_database_id_DOI      10.1371/journal.pone.0180241 
_citation.pdbx_database_id_PubMed   28742822 
_citation.unpublished_flag          ? 
# 
loop_
_citation_author.citation_id 
_citation_author.name 
_citation_author.ordinal 
_citation_author.identifier_ORCID 
primary 'Hill, S.E.'      1 ? 
primary 'Nguyen, E.'      2 ? 
primary 'Ukachukwu, C.U.' 3 ? 
primary 'Freeman, D.M.'   4 ? 
primary 'Quirk, S.'       5 ? 
primary 'Lieberman, R.L.' 6 ? 
# 
_cell.entry_id           5U7E 
_cell.length_a           53.322 
_cell.length_b           42.905 
_cell.length_c           56.953 
_cell.angle_alpha        90.00 
_cell.angle_beta         91.80 
_cell.angle_gamma        90.00 
_cell.Z_PDB              4 
_cell.pdbx_unique_axis   ? 
# 
_symmetry.entry_id                         5U7E 
_symmetry.space_group_name_H-M             'C 1 2 1' 
_symmetry.pdbx_full_space_group_name_H-M   ? 
_symmetry.cell_setting                     ? 
_symmetry.Int_Tables_number                5 
# 
loop_
_entity.id 
_entity.type 
_entity.src_method 
_entity.pdbx_description 
_entity.formula_weight 
_entity.pdbx_number_of_molecules 
_entity.pdbx_ec 
_entity.pdbx_mutation 
_entity.pdbx_fragment 
_entity.details 
1 polymer     man 'Dihydroneopterin triphosphate diphosphatase' 17327.734 1   3.6.1.67 ? ? ? 
2 non-polymer syn 'SULFATE ION'                                 96.063    1   ?        ? ? ? 
3 non-polymer syn GLYCEROL                                      92.094    1   ?        ? ? ? 
4 water       nat water                                         18.015    130 ?        ? ? ? 
# 
_entity_name_com.entity_id   1 
_entity_name_com.name        'Dihydroneopterin triphosphate pyrophosphatase,dATP pyrophosphohydrolase' 
# 
_entity_poly.entity_id                      1 
_entity_poly.type                           'polypeptide(L)' 
_entity_poly.nstd_linkage                   no 
_entity_poly.nstd_monomer                   no 
_entity_poly.pdbx_seq_one_letter_code       
;MKDKVYKRPVSILVVIYAQDTKRVLMLQRRDDPDFWQSVTGSVEEGETAPQAAMREVKEEVTIDVVAEQLTLIDCQRTVE
FEIFSHLRHRYAPGVTRNTESWFCLALPHERQIVFTEHLAYKWLDAPAAAALTKSWSNRQAIEQFVINAA
;
_entity_poly.pdbx_seq_one_letter_code_can   
;MKDKVYKRPVSILVVIYAQDTKRVLMLQRRDDPDFWQSVTGSVEEGETAPQAAMREVKEEVTIDVVAEQLTLIDCQRTVE
FEIFSHLRHRYAPGVTRNTESWFCLALPHERQIVFTEHLAYKWLDAPAAAALTKSWSNRQAIEQFVINAA
;
_entity_poly.pdbx_strand_id                 A 
_entity_poly.pdbx_target_identifier         ? 
# 
loop_
_entity_poly_seq.entity_id 
_entity_poly_seq.num 
_entity_poly_seq.mon_id 
_entity_poly_seq.hetero 
1 1   MET n 
1 2   LYS n 
1 3   ASP n 
1 4   LYS n 
1 5   VAL n 
1 6   TYR n 
1 7   LYS n 
1 8   ARG n 
1 9   PRO n 
1 10  VAL n 
1 11  SER n 
1 12  ILE n 
1 13  LEU n 
1 14  VAL n 
1 15  VAL n 
1 16  ILE n 
1 17  TYR n 
1 18  ALA n 
1 19  GLN n 
1 20  ASP n 
1 21  THR n 
1 22  LYS n 
1 23  ARG n 
1 24  VAL n 
1 25  LEU n 
1 26  MET n 
1 27  LEU n 
1 28  GLN n 
1 29  ARG n 
1 30  ARG n 
1 31  ASP n 
1 32  ASP n 
1 33  PRO n 
1 34  ASP n 
1 35  PHE n 
1 36  TRP n 
1 37  GLN n 
1 38  SER n 
1 39  VAL n 
1 40  THR n 
1 41  GLY n 
1 42  SER n 
1 43  VAL n 
1 44  GLU n 
1 45  GLU n 
1 46  GLY n 
1 47  GLU n 
1 48  THR n 
1 49  ALA n 
1 50  PRO n 
1 51  GLN n 
1 52  ALA n 
1 53  ALA n 
1 54  MET n 
1 55  ARG n 
1 56  GLU n 
1 57  VAL n 
1 58  LYS n 
1 59  GLU n 
1 60  GLU n 
1 61  VAL n 
1 62  THR n 
1 63  ILE n 
1 64  ASP n 
1 65  VAL n 
1 66  VAL n 
1 67  ALA n 
1 68  GLU n 
1 69  GLN n 
1 70  LEU n 
1 71  THR n 
1 72  LEU n 
1 73  ILE n 
1 74  ASP n 
1 75  CYS n 
1 76  GLN n 
1 77  ARG n 
1 78  THR n 
1 79  VAL n 
1 80  GLU n 
1 81  PHE n 
1 82  GLU n 
1 83  ILE n 
1 84  PHE n 
1 85  SER n 
1 86  HIS n 
1 87  LEU n 
1 88  ARG n 
1 89  HIS n 
1 90  ARG n 
1 91  TYR n 
1 92  ALA n 
1 93  PRO n 
1 94  GLY n 
1 95  VAL n 
1 96  THR n 
1 97  ARG n 
1 98  ASN n 
1 99  THR n 
1 100 GLU n 
1 101 SER n 
1 102 TRP n 
1 103 PHE n 
1 104 CYS n 
1 105 LEU n 
1 106 ALA n 
1 107 LEU n 
1 108 PRO n 
1 109 HIS n 
1 110 GLU n 
1 111 ARG n 
1 112 GLN n 
1 113 ILE n 
1 114 VAL n 
1 115 PHE n 
1 116 THR n 
1 117 GLU n 
1 118 HIS n 
1 119 LEU n 
1 120 ALA n 
1 121 TYR n 
1 122 LYS n 
1 123 TRP n 
1 124 LEU n 
1 125 ASP n 
1 126 ALA n 
1 127 PRO n 
1 128 ALA n 
1 129 ALA n 
1 130 ALA n 
1 131 ALA n 
1 132 LEU n 
1 133 THR n 
1 134 LYS n 
1 135 SER n 
1 136 TRP n 
1 137 SER n 
1 138 ASN n 
1 139 ARG n 
1 140 GLN n 
1 141 ALA n 
1 142 ILE n 
1 143 GLU n 
1 144 GLN n 
1 145 PHE n 
1 146 VAL n 
1 147 ILE n 
1 148 ASN n 
1 149 ALA n 
1 150 ALA n 
# 
_entity_src_gen.entity_id                          1 
_entity_src_gen.pdbx_src_id                        1 
_entity_src_gen.pdbx_alt_source_flag               sample 
_entity_src_gen.pdbx_seq_type                      'Biological sequence' 
_entity_src_gen.pdbx_beg_seq_num                   1 
_entity_src_gen.pdbx_end_seq_num                   150 
_entity_src_gen.gene_src_common_name               ? 
_entity_src_gen.gene_src_genus                     ? 
_entity_src_gen.pdbx_gene_src_gene                 'nudB, Z2917, ECs2575' 
_entity_src_gen.gene_src_species                   ? 
_entity_src_gen.gene_src_strain                    ? 
_entity_src_gen.gene_src_tissue                    ? 
_entity_src_gen.gene_src_tissue_fraction           ? 
_entity_src_gen.gene_src_details                   ? 
_entity_src_gen.pdbx_gene_src_fragment             ? 
_entity_src_gen.pdbx_gene_src_scientific_name      'Escherichia coli O157:H7' 
_entity_src_gen.pdbx_gene_src_ncbi_taxonomy_id     83334 
_entity_src_gen.pdbx_gene_src_variant              ? 
_entity_src_gen.pdbx_gene_src_cell_line            ? 
_entity_src_gen.pdbx_gene_src_atcc                 ? 
_entity_src_gen.pdbx_gene_src_organ                ? 
_entity_src_gen.pdbx_gene_src_organelle            ? 
_entity_src_gen.pdbx_gene_src_cell                 ? 
_entity_src_gen.pdbx_gene_src_cellular_location    ? 
_entity_src_gen.host_org_common_name               ? 
_entity_src_gen.pdbx_host_org_scientific_name      'Escherichia coli' 
_entity_src_gen.pdbx_host_org_ncbi_taxonomy_id     562 
_entity_src_gen.host_org_genus                     ? 
_entity_src_gen.pdbx_host_org_gene                 ? 
_entity_src_gen.pdbx_host_org_organ                ? 
_entity_src_gen.host_org_species                   ? 
_entity_src_gen.pdbx_host_org_tissue               ? 
_entity_src_gen.pdbx_host_org_tissue_fraction      ? 
_entity_src_gen.pdbx_host_org_strain               ? 
_entity_src_gen.pdbx_host_org_variant              ? 
_entity_src_gen.pdbx_host_org_cell_line            ? 
_entity_src_gen.pdbx_host_org_atcc                 ? 
_entity_src_gen.pdbx_host_org_culture_collection   ? 
_entity_src_gen.pdbx_host_org_cell                 ? 
_entity_src_gen.pdbx_host_org_organelle            ? 
_entity_src_gen.pdbx_host_org_cellular_location    ? 
_entity_src_gen.pdbx_host_org_vector_type          ? 
_entity_src_gen.pdbx_host_org_vector               ? 
_entity_src_gen.host_org_details                   ? 
_entity_src_gen.expression_system_id               ? 
_entity_src_gen.plasmid_name                       ? 
_entity_src_gen.plasmid_details                    ? 
_entity_src_gen.pdbx_description                   ? 
# 
_struct_ref.id                         1 
_struct_ref.db_name                    UNP 
_struct_ref.db_code                    NUDB_ECO57 
_struct_ref.pdbx_db_accession          P0AFC1 
_struct_ref.pdbx_db_isoform            ? 
_struct_ref.entity_id                  1 
_struct_ref.pdbx_seq_one_letter_code   
;MKDKVYKRPVSILVVIYAQDTKRVLMLQRRDDPDFWQSVTGSVEEGETAPQAAMREVKEEVTIDVVAEQLTLIDCQRTVE
FEIFSHLRHRYAPGVTRNTESWFCLALPHERQIVFTEHLAYKWLDAPAAAALTKSWSNRQAIEQFVINAA
;
_struct_ref.pdbx_align_begin           1 
# 
_struct_ref_seq.align_id                      1 
_struct_ref_seq.ref_id                        1 
_struct_ref_seq.pdbx_PDB_id_code              5U7E 
_struct_ref_seq.pdbx_strand_id                A 
_struct_ref_seq.seq_align_beg                 1 
_struct_ref_seq.pdbx_seq_align_beg_ins_code   ? 
_struct_ref_seq.seq_align_end                 150 
_struct_ref_seq.pdbx_seq_align_end_ins_code   ? 
_struct_ref_seq.pdbx_db_accession             P0AFC1 
_struct_ref_seq.db_align_beg                  1 
_struct_ref_seq.pdbx_db_align_beg_ins_code    ? 
_struct_ref_seq.db_align_end                  150 
_struct_ref_seq.pdbx_db_align_end_ins_code    ? 
_struct_ref_seq.pdbx_auth_seq_align_beg       1 
_struct_ref_seq.pdbx_auth_seq_align_end       150 
# 
loop_
_chem_comp.id 
_chem_comp.type 
_chem_comp.mon_nstd_flag 
_chem_comp.name 
_chem_comp.pdbx_synonyms 
_chem_comp.formula 
_chem_comp.formula_weight 
ALA 'L-peptide linking' y ALANINE         ?                               'C3 H7 N O2'     89.093  
ARG 'L-peptide linking' y ARGININE        ?                               'C6 H15 N4 O2 1' 175.209 
ASN 'L-peptide linking' y ASPARAGINE      ?                               'C4 H8 N2 O3'    132.118 
ASP 'L-peptide linking' y 'ASPARTIC ACID' ?                               'C4 H7 N O4'     133.103 
CYS 'L-peptide linking' y CYSTEINE        ?                               'C3 H7 N O2 S'   121.158 
GLN 'L-peptide linking' y GLUTAMINE       ?                               'C5 H10 N2 O3'   146.144 
GLU 'L-peptide linking' y 'GLUTAMIC ACID' ?                               'C5 H9 N O4'     147.129 
GLY 'peptide linking'   y GLYCINE         ?                               'C2 H5 N O2'     75.067  
GOL non-polymer         . GLYCEROL        'GLYCERIN; PROPANE-1,2,3-TRIOL' 'C3 H8 O3'       92.094  
HIS 'L-peptide linking' y HISTIDINE       ?                               'C6 H10 N3 O2 1' 156.162 
HOH non-polymer         . WATER           ?                               'H2 O'           18.015  
ILE 'L-peptide linking' y ISOLEUCINE      ?                               'C6 H13 N O2'    131.173 
LEU 'L-peptide linking' y LEUCINE         ?                               'C6 H13 N O2'    131.173 
LYS 'L-peptide linking' y LYSINE          ?                               'C6 H15 N2 O2 1' 147.195 
MET 'L-peptide linking' y METHIONINE      ?                               'C5 H11 N O2 S'  149.211 
PHE 'L-peptide linking' y PHENYLALANINE   ?                               'C9 H11 N O2'    165.189 
PRO 'L-peptide linking' y PROLINE         ?                               'C5 H9 N O2'     115.130 
SER 'L-peptide linking' y SERINE          ?                               'C3 H7 N O3'     105.093 
SO4 non-polymer         . 'SULFATE ION'   ?                               'O4 S -2'        96.063  
THR 'L-peptide linking' y THREONINE       ?                               'C4 H9 N O3'     119.119 
TRP 'L-peptide linking' y TRYPTOPHAN      ?                               'C11 H12 N2 O2'  204.225 
TYR 'L-peptide linking' y TYROSINE        ?                               'C9 H11 N O3'    181.189 
VAL 'L-peptide linking' y VALINE          ?                               'C5 H11 N O2'    117.146 
# 
_exptl.absorpt_coefficient_mu     ? 
_exptl.absorpt_correction_T_max   ? 
_exptl.absorpt_correction_T_min   ? 
_exptl.absorpt_correction_type    ? 
_exptl.absorpt_process_details    ? 
_exptl.entry_id                   5U7E 
_exptl.crystals_number            1 
_exptl.details                    ? 
_exptl.method                     'X-RAY DIFFRACTION' 
_exptl.method_details             ? 
# 
_exptl_crystal.colour                      ? 
_exptl_crystal.density_diffrn              ? 
_exptl_crystal.density_Matthews            1.88 
_exptl_crystal.density_method              ? 
_exptl_crystal.density_percent_sol         34.54 
_exptl_crystal.description                 ? 
_exptl_crystal.F_000                       ? 
_exptl_crystal.id                          1 
_exptl_crystal.preparation                 ? 
_exptl_crystal.size_max                    ? 
_exptl_crystal.size_mid                    ? 
_exptl_crystal.size_min                    ? 
_exptl_crystal.size_rad                    ? 
_exptl_crystal.colour_lustre               ? 
_exptl_crystal.colour_modifier             ? 
_exptl_crystal.colour_primary              ? 
_exptl_crystal.density_meas                ? 
_exptl_crystal.density_meas_esd            ? 
_exptl_crystal.density_meas_gt             ? 
_exptl_crystal.density_meas_lt             ? 
_exptl_crystal.density_meas_temp           ? 
_exptl_crystal.density_meas_temp_esd       ? 
_exptl_crystal.density_meas_temp_gt        ? 
_exptl_crystal.density_meas_temp_lt        ? 
_exptl_crystal.pdbx_crystal_image_url      ? 
_exptl_crystal.pdbx_crystal_image_format   ? 
_exptl_crystal.pdbx_mosaicity              ? 
_exptl_crystal.pdbx_mosaicity_esd          ? 
# 
_exptl_crystal_grow.apparatus       ? 
_exptl_crystal_grow.atmosphere      ? 
_exptl_crystal_grow.crystal_id      1 
_exptl_crystal_grow.details         ? 
_exptl_crystal_grow.method          'VAPOR DIFFUSION, SITTING DROP' 
_exptl_crystal_grow.method_ref      ? 
_exptl_crystal_grow.pH              ? 
_exptl_crystal_grow.pressure        ? 
_exptl_crystal_grow.pressure_esd    ? 
_exptl_crystal_grow.seeding         ? 
_exptl_crystal_grow.seeding_ref     ? 
_exptl_crystal_grow.temp            298 
_exptl_crystal_grow.temp_details    ? 
_exptl_crystal_grow.temp_esd        ? 
_exptl_crystal_grow.time            ? 
_exptl_crystal_grow.pdbx_details    '36% PEG 8000, 0.05M Ammonium Sulfate' 
_exptl_crystal_grow.pdbx_pH_range   ? 
# 
_diffrn.ambient_environment    ? 
_diffrn.ambient_temp           80 
_diffrn.ambient_temp_details   ? 
_diffrn.ambient_temp_esd       ? 
_diffrn.crystal_id             1 
_diffrn.crystal_support        ? 
_diffrn.crystal_treatment      ? 
_diffrn.details                ? 
_diffrn.id                     1 
_diffrn.ambient_pressure       ? 
_diffrn.ambient_pressure_esd   ? 
_diffrn.ambient_pressure_gt    ? 
_diffrn.ambient_pressure_lt    ? 
_diffrn.ambient_temp_gt        ? 
_diffrn.ambient_temp_lt        ? 
# 
_diffrn_detector.details                      ? 
_diffrn_detector.detector                     'IMAGE PLATE' 
_diffrn_detector.diffrn_id                    1 
_diffrn_detector.type                         'MAR scanner 300 mm plate' 
_diffrn_detector.area_resol_mean              ? 
_diffrn_detector.dtime                        ? 
_diffrn_detector.pdbx_frames_total            ? 
_diffrn_detector.pdbx_collection_time_total   ? 
_diffrn_detector.pdbx_collection_date         2015-11-25 
# 
_diffrn_radiation.collimation                      ? 
_diffrn_radiation.diffrn_id                        1 
_diffrn_radiation.filter_edge                      ? 
_diffrn_radiation.inhomogeneity                    ? 
_diffrn_radiation.monochromator                    ? 
_diffrn_radiation.polarisn_norm                    ? 
_diffrn_radiation.polarisn_ratio                   ? 
_diffrn_radiation.probe                            ? 
_diffrn_radiation.type                             ? 
_diffrn_radiation.xray_symbol                      ? 
_diffrn_radiation.wavelength_id                    1 
_diffrn_radiation.pdbx_monochromatic_or_laue_m_l   M 
_diffrn_radiation.pdbx_wavelength_list             ? 
_diffrn_radiation.pdbx_wavelength                  ? 
_diffrn_radiation.pdbx_diffrn_protocol             'SINGLE WAVELENGTH' 
_diffrn_radiation.pdbx_analyzer                    ? 
_diffrn_radiation.pdbx_scattering_type             x-ray 
# 
_diffrn_radiation_wavelength.id           1 
_diffrn_radiation_wavelength.wavelength   1.0 
_diffrn_radiation_wavelength.wt           1.0 
# 
_diffrn_source.current                     ? 
_diffrn_source.details                     ? 
_diffrn_source.diffrn_id                   1 
_diffrn_source.power                       ? 
_diffrn_source.size                        ? 
_diffrn_source.source                      SYNCHROTRON 
_diffrn_source.target                      ? 
_diffrn_source.type                        'APS BEAMLINE 22-BM' 
_diffrn_source.voltage                     ? 
_diffrn_source.take-off_angle              ? 
_diffrn_source.pdbx_wavelength_list        1.0 
_diffrn_source.pdbx_wavelength             ? 
_diffrn_source.pdbx_synchrotron_beamline   22-BM 
_diffrn_source.pdbx_synchrotron_site       APS 
# 
_reflns.B_iso_Wilson_estimate            ? 
_reflns.entry_id                         5U7E 
_reflns.data_reduction_details           ? 
_reflns.data_reduction_method            ? 
_reflns.d_resolution_high                1.942 
_reflns.d_resolution_low                 29.071 
_reflns.details                          ? 
_reflns.limit_h_max                      ? 
_reflns.limit_h_min                      ? 
_reflns.limit_k_max                      ? 
_reflns.limit_k_min                      ? 
_reflns.limit_l_max                      ? 
_reflns.limit_l_min                      ? 
_reflns.number_all                       ? 
_reflns.number_obs                       8908 
_reflns.observed_criterion               ? 
_reflns.observed_criterion_F_max         ? 
_reflns.observed_criterion_F_min         ? 
_reflns.observed_criterion_I_max         ? 
_reflns.observed_criterion_I_min         ? 
_reflns.observed_criterion_sigma_F       ? 
_reflns.observed_criterion_sigma_I       ? 
_reflns.percent_possible_obs             92.6 
_reflns.R_free_details                   ? 
_reflns.Rmerge_F_all                     ? 
_reflns.Rmerge_F_obs                     ? 
_reflns.Friedel_coverage                 ? 
_reflns.number_gt                        ? 
_reflns.threshold_expression             ? 
_reflns.pdbx_redundancy                  6.3 
_reflns.pdbx_Rmerge_I_obs                ? 
_reflns.pdbx_Rmerge_I_all                ? 
_reflns.pdbx_Rsym_value                  ? 
_reflns.pdbx_netI_over_av_sigmaI         ? 
_reflns.pdbx_netI_over_sigmaI            12.81 
_reflns.pdbx_res_netI_over_av_sigmaI_2   ? 
_reflns.pdbx_res_netI_over_sigmaI_2      ? 
_reflns.pdbx_chi_squared                 ? 
_reflns.pdbx_scaling_rejects             ? 
_reflns.pdbx_d_res_high_opt              ? 
_reflns.pdbx_d_res_low_opt               ? 
_reflns.pdbx_d_res_opt_method            ? 
_reflns.phase_calculation_details        ? 
_reflns.pdbx_Rrim_I_all                  ? 
_reflns.pdbx_Rpim_I_all                  ? 
_reflns.pdbx_d_opt                       ? 
_reflns.pdbx_number_measured_all         ? 
_reflns.pdbx_diffrn_id                   1 
_reflns.pdbx_ordinal                     1 
_reflns.pdbx_CC_half                     ? 
_reflns.pdbx_R_split                     ? 
# 
_reflns_shell.d_res_high                  . 
_reflns_shell.d_res_low                   ? 
_reflns_shell.meanI_over_sigI_all         ? 
_reflns_shell.meanI_over_sigI_obs         ? 
_reflns_shell.number_measured_all         ? 
_reflns_shell.number_measured_obs         ? 
_reflns_shell.number_possible             ? 
_reflns_shell.number_unique_all           ? 
_reflns_shell.number_unique_obs           ? 
_reflns_shell.percent_possible_all        ? 
_reflns_shell.percent_possible_obs        ? 
_reflns_shell.Rmerge_F_all                ? 
_reflns_shell.Rmerge_F_obs                ? 
_reflns_shell.Rmerge_I_all                ? 
_reflns_shell.Rmerge_I_obs                ? 
_reflns_shell.meanI_over_sigI_gt          ? 
_reflns_shell.meanI_over_uI_all           ? 
_reflns_shell.meanI_over_uI_gt            ? 
_reflns_shell.number_measured_gt          ? 
_reflns_shell.number_unique_gt            ? 
_reflns_shell.percent_possible_gt         ? 
_reflns_shell.Rmerge_F_gt                 ? 
_reflns_shell.Rmerge_I_gt                 ? 
_reflns_shell.pdbx_redundancy             ? 
_reflns_shell.pdbx_Rsym_value             ? 
_reflns_shell.pdbx_chi_squared            ? 
_reflns_shell.pdbx_netI_over_sigmaI_all   ? 
_reflns_shell.pdbx_netI_over_sigmaI_obs   ? 
_reflns_shell.pdbx_Rrim_I_all             ? 
_reflns_shell.pdbx_Rpim_I_all             ? 
_reflns_shell.pdbx_rejects                ? 
_reflns_shell.pdbx_ordinal                1 
_reflns_shell.pdbx_diffrn_id              1 
_reflns_shell.pdbx_CC_half                ? 
_reflns_shell.pdbx_R_split                ? 
# 
_refine.pdbx_refine_id                           'X-RAY DIFFRACTION' 
_refine.entry_id                                 5U7E 
_refine.pdbx_diffrn_id                           1 
_refine.pdbx_TLS_residual_ADP_flag               ? 
_refine.ls_number_reflns_obs                     8908 
_refine.ls_number_reflns_all                     ? 
_refine.pdbx_ls_sigma_I                          ? 
_refine.pdbx_ls_sigma_F                          1.37 
_refine.pdbx_data_cutoff_high_absF               ? 
_refine.pdbx_data_cutoff_low_absF                ? 
_refine.pdbx_data_cutoff_high_rms_absF           ? 
_refine.ls_d_res_low                             29.071 
_refine.ls_d_res_high                            1.942 
_refine.ls_percent_reflns_obs                    92.49 
_refine.ls_R_factor_obs                          0.1995 
_refine.ls_R_factor_all                          ? 
_refine.ls_R_factor_R_work                       0.1952 
_refine.ls_R_factor_R_free                       0.2382 
_refine.ls_R_factor_R_free_error                 ? 
_refine.ls_R_factor_R_free_error_details         ? 
_refine.ls_percent_reflns_R_free                 10.15 
_refine.ls_number_reflns_R_free                  904 
_refine.ls_number_parameters                     ? 
_refine.ls_number_restraints                     ? 
_refine.occupancy_min                            ? 
_refine.occupancy_max                            ? 
_refine.correlation_coeff_Fo_to_Fc               ? 
_refine.correlation_coeff_Fo_to_Fc_free          ? 
_refine.B_iso_mean                               ? 
_refine.aniso_B[1][1]                            ? 
_refine.aniso_B[2][2]                            ? 
_refine.aniso_B[3][3]                            ? 
_refine.aniso_B[1][2]                            ? 
_refine.aniso_B[1][3]                            ? 
_refine.aniso_B[2][3]                            ? 
_refine.solvent_model_details                    'FLAT BULK SOLVENT MODEL' 
_refine.solvent_model_param_ksol                 ? 
_refine.solvent_model_param_bsol                 ? 
_refine.pdbx_solvent_vdw_probe_radii             1.11 
_refine.pdbx_solvent_ion_probe_radii             ? 
_refine.pdbx_solvent_shrinkage_radii             0.90 
_refine.pdbx_ls_cross_valid_method               NONE 
_refine.details                                  ? 
_refine.pdbx_starting_model                      2O1C 
_refine.pdbx_method_to_determine_struct          'MOLECULAR REPLACEMENT' 
_refine.pdbx_isotropic_thermal_model             ? 
_refine.pdbx_stereochemistry_target_values       ML 
_refine.pdbx_stereochem_target_val_spec_case     ? 
_refine.pdbx_R_Free_selection_details            ? 
_refine.pdbx_overall_ESU_R                       ? 
_refine.pdbx_overall_ESU_R_Free                  ? 
_refine.overall_SU_ML                            0.26 
_refine.pdbx_overall_phase_error                 27.16 
_refine.overall_SU_B                             ? 
_refine.overall_SU_R_Cruickshank_DPI             ? 
_refine.pdbx_overall_SU_R_free_Cruickshank_DPI   ? 
_refine.pdbx_overall_SU_R_Blow_DPI               ? 
_refine.pdbx_overall_SU_R_free_Blow_DPI          ? 
# 
_refine_hist.pdbx_refine_id                   'X-RAY DIFFRACTION' 
_refine_hist.cycle_id                         LAST 
_refine_hist.pdbx_number_atoms_protein        1175 
_refine_hist.pdbx_number_atoms_nucleic_acid   0 
_refine_hist.pdbx_number_atoms_ligand         11 
_refine_hist.number_atoms_solvent             130 
_refine_hist.number_atoms_total               1316 
_refine_hist.d_res_high                       1.942 
_refine_hist.d_res_low                        29.071 
# 
loop_
_refine_ls_restr.type 
_refine_ls_restr.dev_ideal 
_refine_ls_restr.dev_ideal_target 
_refine_ls_restr.weight 
_refine_ls_restr.number 
_refine_ls_restr.pdbx_refine_id 
_refine_ls_restr.pdbx_restraint_function 
f_bond_d           0.002  ? ? 1236 'X-RAY DIFFRACTION' ? 
f_angle_d          0.423  ? ? 1684 'X-RAY DIFFRACTION' ? 
f_dihedral_angle_d 10.959 ? ? 747  'X-RAY DIFFRACTION' ? 
f_chiral_restr     0.043  ? ? 188  'X-RAY DIFFRACTION' ? 
f_plane_restr      0.003  ? ? 218  'X-RAY DIFFRACTION' ? 
# 
loop_
_refine_ls_shell.pdbx_refine_id 
_refine_ls_shell.pdbx_total_number_of_bins_used 
_refine_ls_shell.d_res_high 
_refine_ls_shell.d_res_low 
_refine_ls_shell.number_reflns_R_work 
_refine_ls_shell.R_factor_R_work 
_refine_ls_shell.percent_reflns_obs 
_refine_ls_shell.R_factor_R_free 
_refine_ls_shell.R_factor_R_free_error 
_refine_ls_shell.percent_reflns_R_free 
_refine_ls_shell.number_reflns_R_free 
_refine_ls_shell.number_reflns_all 
_refine_ls_shell.R_factor_all 
'X-RAY DIFFRACTION' . 1.9420 2.0636  1317 0.2374 93.00 0.2946 . . 156 . . 
'X-RAY DIFFRACTION' . 2.0636 2.2229  1359 0.2198 95.00 0.2762 . . 145 . . 
'X-RAY DIFFRACTION' . 2.2229 2.4465  1375 0.2214 95.00 0.2817 . . 160 . . 
'X-RAY DIFFRACTION' . 2.4465 2.8003  1308 0.2214 92.00 0.2629 . . 144 . . 
'X-RAY DIFFRACTION' . 2.8003 3.5271  1298 0.1949 90.00 0.2434 . . 148 . . 
'X-RAY DIFFRACTION' . 3.5271 29.0745 1347 0.1652 90.00 0.1940 . . 151 . . 
# 
_struct.entry_id                     5U7E 
_struct.title                        'Apo dihydroneopterin triphosphate pyrophosphohydrolase from E. coli' 
_struct.pdbx_model_details           ? 
_struct.pdbx_formula_weight          ? 
_struct.pdbx_formula_weight_method   ? 
_struct.pdbx_model_type_details      ? 
_struct.pdbx_CASP_flag               N 
# 
_struct_keywords.entry_id        5U7E 
_struct_keywords.text            'Nudix hydrolase, Dihydroneopterin Triphosphate Pyrophosphohydrolase, HYDROLASE' 
_struct_keywords.pdbx_keywords   HYDROLASE 
# 
loop_
_struct_asym.id 
_struct_asym.pdbx_blank_PDB_chainid_flag 
_struct_asym.pdbx_modified 
_struct_asym.entity_id 
_struct_asym.details 
A N N 1 ? 
B N N 2 ? 
C N N 3 ? 
D N N 4 ? 
# 
loop_
_struct_conf.conf_type_id 
_struct_conf.id 
_struct_conf.pdbx_PDB_helix_id 
_struct_conf.beg_label_comp_id 
_struct_conf.beg_label_asym_id 
_struct_conf.beg_label_seq_id 
_struct_conf.pdbx_beg_PDB_ins_code 
_struct_conf.end_label_comp_id 
_struct_conf.end_label_asym_id 
_struct_conf.end_label_seq_id 
_struct_conf.pdbx_end_PDB_ins_code 
_struct_conf.beg_auth_comp_id 
_struct_conf.beg_auth_asym_id 
_struct_conf.beg_auth_seq_id 
_struct_conf.end_auth_comp_id 
_struct_conf.end_auth_asym_id 
_struct_conf.end_auth_seq_id 
_struct_conf.pdbx_PDB_helix_class 
_struct_conf.details 
_struct_conf.pdbx_PDB_helix_length 
HELX_P HELX_P1 AA1 THR A 48  ? VAL A 61  ? THR A 48  VAL A 61  1 ? 14 
HELX_P HELX_P2 AA2 PHE A 84  ? TYR A 91  ? PHE A 84  TYR A 91  5 ? 8  
HELX_P HELX_P3 AA3 ASP A 125 ? THR A 133 ? ASP A 125 THR A 133 1 ? 9  
HELX_P HELX_P4 AA4 SER A 135 ? VAL A 146 ? SER A 135 VAL A 146 1 ? 12 
# 
_struct_conf_type.id          HELX_P 
_struct_conf_type.criteria    ? 
_struct_conf_type.reference   ? 
# 
loop_
_struct_sheet.id 
_struct_sheet.type 
_struct_sheet.number_strands 
_struct_sheet.details 
AA1 ? 4 ? 
AA2 ? 3 ? 
# 
loop_
_struct_sheet_order.sheet_id 
_struct_sheet_order.range_id_1 
_struct_sheet_order.range_id_2 
_struct_sheet_order.offset 
_struct_sheet_order.sense 
AA1 1 2 ? anti-parallel 
AA1 2 3 ? parallel      
AA1 3 4 ? anti-parallel 
AA2 1 2 ? anti-parallel 
AA2 2 3 ? anti-parallel 
# 
loop_
_struct_sheet_range.sheet_id 
_struct_sheet_range.id 
_struct_sheet_range.beg_label_comp_id 
_struct_sheet_range.beg_label_asym_id 
_struct_sheet_range.beg_label_seq_id 
_struct_sheet_range.pdbx_beg_PDB_ins_code 
_struct_sheet_range.end_label_comp_id 
_struct_sheet_range.end_label_asym_id 
_struct_sheet_range.end_label_seq_id 
_struct_sheet_range.pdbx_end_PDB_ins_code 
_struct_sheet_range.beg_auth_comp_id 
_struct_sheet_range.beg_auth_asym_id 
_struct_sheet_range.beg_auth_seq_id 
_struct_sheet_range.end_auth_comp_id 
_struct_sheet_range.end_auth_asym_id 
_struct_sheet_range.end_auth_seq_id 
AA1 1 VAL A 39  ? SER A 42  ? VAL A 39  SER A 42  
AA1 2 VAL A 10  ? ALA A 18  ? VAL A 10  ALA A 18  
AA1 3 ARG A 97  ? LEU A 107 ? ARG A 97  LEU A 107 
AA1 4 LEU A 72  ? GLU A 82  ? LEU A 72  GLU A 82  
AA2 1 TRP A 36  ? GLN A 37  ? TRP A 36  GLN A 37  
AA2 2 VAL A 24  ? ARG A 29  ? VAL A 24  ARG A 29  
AA2 3 HIS A 118 ? LEU A 124 ? HIS A 118 LEU A 124 
# 
loop_
_pdbx_struct_sheet_hbond.sheet_id 
_pdbx_struct_sheet_hbond.range_id_1 
_pdbx_struct_sheet_hbond.range_id_2 
_pdbx_struct_sheet_hbond.range_1_label_atom_id 
_pdbx_struct_sheet_hbond.range_1_label_comp_id 
_pdbx_struct_sheet_hbond.range_1_label_asym_id 
_pdbx_struct_sheet_hbond.range_1_label_seq_id 
_pdbx_struct_sheet_hbond.range_1_PDB_ins_code 
_pdbx_struct_sheet_hbond.range_1_auth_atom_id 
_pdbx_struct_sheet_hbond.range_1_auth_comp_id 
_pdbx_struct_sheet_hbond.range_1_auth_asym_id 
_pdbx_struct_sheet_hbond.range_1_auth_seq_id 
_pdbx_struct_sheet_hbond.range_2_label_atom_id 
_pdbx_struct_sheet_hbond.range_2_label_comp_id 
_pdbx_struct_sheet_hbond.range_2_label_asym_id 
_pdbx_struct_sheet_hbond.range_2_label_seq_id 
_pdbx_struct_sheet_hbond.range_2_PDB_ins_code 
_pdbx_struct_sheet_hbond.range_2_auth_atom_id 
_pdbx_struct_sheet_hbond.range_2_auth_comp_id 
_pdbx_struct_sheet_hbond.range_2_auth_asym_id 
_pdbx_struct_sheet_hbond.range_2_auth_seq_id 
AA1 1 2 O VAL A 39  ? O VAL A 39  N VAL A 14  ? N VAL A 14  
AA1 2 3 N TYR A 17  ? N TYR A 17  O LEU A 107 ? O LEU A 107 
AA1 3 4 O GLU A 100 ? O GLU A 100 N VAL A 79  ? N VAL A 79  
AA2 1 2 O GLN A 37  ? O GLN A 37  N LEU A 27  ? N LEU A 27  
AA2 2 3 N VAL A 24  ? N VAL A 24  O LEU A 124 ? O LEU A 124 
# 
loop_
_struct_site.id 
_struct_site.pdbx_evidence_code 
_struct_site.pdbx_auth_asym_id 
_struct_site.pdbx_auth_comp_id 
_struct_site.pdbx_auth_seq_id 
_struct_site.pdbx_auth_ins_code 
_struct_site.pdbx_num_residues 
_struct_site.details 
AC1 Software A SO4 201 ? 10 'binding site for residue SO4 A 201' 
AC2 Software A GOL 202 ? 1  'binding site for residue GOL A 202' 
# 
loop_
_struct_site_gen.id 
_struct_site_gen.site_id 
_struct_site_gen.pdbx_num_res 
_struct_site_gen.label_comp_id 
_struct_site_gen.label_asym_id 
_struct_site_gen.label_seq_id 
_struct_site_gen.pdbx_auth_ins_code 
_struct_site_gen.auth_comp_id 
_struct_site_gen.auth_asym_id 
_struct_site_gen.auth_seq_id 
_struct_site_gen.label_atom_id 
_struct_site_gen.label_alt_id 
_struct_site_gen.symmetry 
_struct_site_gen.details 
1  AC1 10 PHE A 81  ? PHE A 81  . ? 2_455 ? 
2  AC1 10 PHE A 81  ? PHE A 81  . ? 1_555 ? 
3  AC1 10 GLU A 82  ? GLU A 82  . ? 1_555 ? 
4  AC1 10 GLU A 82  ? GLU A 82  . ? 2_455 ? 
5  AC1 10 ARG A 97  ? ARG A 97  . ? 1_555 ? 
6  AC1 10 ARG A 97  ? ARG A 97  . ? 2_455 ? 
7  AC1 10 TRP A 136 ? TRP A 136 . ? 1_555 ? 
8  AC1 10 TRP A 136 ? TRP A 136 . ? 2_455 ? 
9  AC1 10 HOH D .   ? HOH A 328 . ? 1_555 ? 
10 AC1 10 HOH D .   ? HOH A 328 . ? 2_455 ? 
11 AC2 1  ARG A 90  ? ARG A 90  . ? 1_555 ? 
# 
_atom_sites.entry_id                    5U7E 
_atom_sites.fract_transf_matrix[1][1]   0.01746422 
_atom_sites.fract_transf_matrix[1][2]   0.00220203 
_atom_sites.fract_transf_matrix[1][3]   -0.00649694 
_atom_sites.fract_transf_matrix[2][1]   -0.00690122 
_atom_sites.fract_transf_matrix[2][2]   0.01858773 
_atom_sites.fract_transf_matrix[2][3]   -0.01225094 
_atom_sites.fract_transf_matrix[3][1]   0.00427797 
_atom_sites.fract_transf_matrix[3][2]   0.01045515 
_atom_sites.fract_transf_matrix[3][3]   0.01345319 
_atom_sites.fract_transf_vector[1]      -0.708359 
_atom_sites.fract_transf_vector[2]      0.034143 
_atom_sites.fract_transf_vector[3]      0.223058 
# 
loop_
_atom_type.symbol 
C 
H 
N 
O 
S 
# 
loop_
_atom_site.group_PDB 
_atom_site.id 
_atom_site.type_symbol 
_atom_site.label_atom_id 
_atom_site.label_alt_id 
_atom_site.label_comp_id 
_atom_site.label_asym_id 
_atom_site.label_entity_id 
_atom_site.label_seq_id 
_atom_site.pdbx_PDB_ins_code 
_atom_site.Cartn_x 
_atom_site.Cartn_y 
_atom_site.Cartn_z 
_atom_site.occupancy 
_atom_site.B_iso_or_equiv 
_atom_site.pdbx_formal_charge 
_atom_site.auth_seq_id 
_atom_site.auth_comp_id 
_atom_site.auth_asym_id 
_atom_site.auth_atom_id 
_atom_site.pdbx_PDB_model_num 
ATOM   1    N N   . VAL A 1 5   ? -13.381 -14.462 -4.953  1.00 47.08 ? 5   VAL A N   1 
ATOM   2    C CA  . VAL A 1 5   ? -13.757 -13.441 -5.924  1.00 50.29 ? 5   VAL A CA  1 
ATOM   3    C C   . VAL A 1 5   ? -12.496 -12.796 -6.493  1.00 46.95 ? 5   VAL A C   1 
ATOM   4    O O   . VAL A 1 5   ? -11.534 -12.541 -5.767  1.00 43.78 ? 5   VAL A O   1 
ATOM   5    C CB  . VAL A 1 5   ? -14.698 -12.394 -5.297  1.00 50.34 ? 5   VAL A CB  1 
ATOM   6    C CG1 . VAL A 1 5   ? -15.294 -11.505 -6.368  1.00 38.19 ? 5   VAL A CG1 1 
ATOM   7    C CG2 . VAL A 1 5   ? -15.804 -13.077 -4.510  1.00 48.16 ? 5   VAL A CG2 1 
ATOM   8    N N   . TYR A 1 6   ? -12.517 -12.541 -7.799  1.00 43.55 ? 6   TYR A N   1 
ATOM   9    C CA  . TYR A 1 6   ? -11.325 -12.084 -8.499  1.00 37.78 ? 6   TYR A CA  1 
ATOM   10   C C   . TYR A 1 6   ? -10.902 -10.702 -8.015  1.00 31.79 ? 6   TYR A C   1 
ATOM   11   O O   . TYR A 1 6   ? -11.732 -9.807  -7.835  1.00 32.37 ? 6   TYR A O   1 
ATOM   12   C CB  . TYR A 1 6   ? -11.584 -12.059 -10.005 1.00 32.93 ? 6   TYR A CB  1 
ATOM   13   C CG  . TYR A 1 6   ? -11.584 -13.426 -10.660 1.00 31.18 ? 6   TYR A CG  1 
ATOM   14   C CD1 . TYR A 1 6   ? -10.623 -14.372 -10.330 1.00 34.01 ? 6   TYR A CD1 1 
ATOM   15   C CD2 . TYR A 1 6   ? -12.545 -13.769 -11.608 1.00 35.19 ? 6   TYR A CD2 1 
ATOM   16   C CE1 . TYR A 1 6   ? -10.613 -15.615 -10.921 1.00 31.94 ? 6   TYR A CE1 1 
ATOM   17   C CE2 . TYR A 1 6   ? -12.544 -15.014 -12.206 1.00 27.42 ? 6   TYR A CE2 1 
ATOM   18   C CZ  . TYR A 1 6   ? -11.574 -15.931 -11.856 1.00 33.68 ? 6   TYR A CZ  1 
ATOM   19   O OH  . TYR A 1 6   ? -11.556 -17.173 -12.441 1.00 41.91 ? 6   TYR A OH  1 
ATOM   20   N N   . LYS A 1 7   ? -9.602  -10.535 -7.784  1.00 30.20 ? 7   LYS A N   1 
ATOM   21   C CA  . LYS A 1 7   ? -9.075  -9.198  -7.554  1.00 33.25 ? 7   LYS A CA  1 
ATOM   22   C C   . LYS A 1 7   ? -9.128  -8.402  -8.850  1.00 23.59 ? 7   LYS A C   1 
ATOM   23   O O   . LYS A 1 7   ? -8.981  -8.946  -9.948  1.00 24.86 ? 7   LYS A O   1 
ATOM   24   C CB  . LYS A 1 7   ? -7.640  -9.248  -7.025  1.00 33.53 ? 7   LYS A CB  1 
ATOM   25   C CG  . LYS A 1 7   ? -7.510  -9.642  -5.562  1.00 35.57 ? 7   LYS A CG  1 
ATOM   26   C CD  . LYS A 1 7   ? -6.126  -9.301  -5.033  1.00 42.46 ? 7   LYS A CD  1 
ATOM   27   C CE  . LYS A 1 7   ? -5.950  -7.797  -4.864  1.00 41.64 ? 7   LYS A CE  1 
ATOM   28   N NZ  . LYS A 1 7   ? -6.794  -7.275  -3.757  1.00 37.01 ? 7   LYS A NZ  1 
ATOM   29   N N   . ARG A 1 8   ? -9.348  -7.121  -8.716  1.00 27.31 ? 8   ARG A N   1 
ATOM   30   C CA  . ARG A 1 8   ? -9.478  -6.303  -9.912  1.00 24.09 ? 8   ARG A CA  1 
ATOM   31   C C   . ARG A 1 8   ? -8.127  -5.713  -10.304 1.00 20.91 ? 8   ARG A C   1 
ATOM   32   O O   . ARG A 1 8   ? -7.333  -5.345  -9.433  1.00 24.45 ? 8   ARG A O   1 
ATOM   33   C CB  . ARG A 1 8   ? -10.487 -5.182  -9.685  1.00 29.84 ? 8   ARG A CB  1 
ATOM   34   C CG  . ARG A 1 8   ? -11.879 -5.693  -9.335  1.00 33.53 ? 8   ARG A CG  1 
ATOM   35   C CD  . ARG A 1 8   ? -12.708 -4.641  -8.617  1.00 36.52 ? 8   ARG A CD  1 
ATOM   36   N NE  . ARG A 1 8   ? -13.011 -3.496  -9.470  1.00 42.04 ? 8   ARG A NE  1 
ATOM   37   C CZ  . ARG A 1 8   ? -14.092 -3.403  -10.238 1.00 43.88 ? 8   ARG A CZ  1 
ATOM   38   N NH1 . ARG A 1 8   ? -14.980 -4.388  -10.262 1.00 44.94 ? 8   ARG A NH1 1 
ATOM   39   N NH2 . ARG A 1 8   ? -14.286 -2.322  -10.981 1.00 44.22 ? 8   ARG A NH2 1 
ATOM   40   N N   . PRO A 1 9   ? -7.851  -5.609  -11.604 1.00 19.01 ? 9   PRO A N   1 
ATOM   41   C CA  . PRO A 1 9   ? -6.546  -5.101  -12.048 1.00 19.97 ? 9   PRO A CA  1 
ATOM   42   C C   . PRO A 1 9   ? -6.429  -3.587  -11.947 1.00 20.32 ? 9   PRO A C   1 
ATOM   43   O O   . PRO A 1 9   ? -5.665  -2.963  -12.690 1.00 16.44 ? 9   PRO A O   1 
ATOM   44   C CB  . PRO A 1 9   ? -6.474  -5.571  -13.506 1.00 23.27 ? 9   PRO A CB  1 
ATOM   45   C CG  . PRO A 1 9   ? -7.902  -5.596  -13.943 1.00 24.40 ? 9   PRO A CG  1 
ATOM   46   C CD  . PRO A 1 9   ? -8.708  -6.006  -12.736 1.00 21.95 ? 9   PRO A CD  1 
ATOM   47   N N   . VAL A 1 10  ? -7.195  -2.989  -11.038 1.00 18.89 ? 10  VAL A N   1 
ATOM   48   C CA  . VAL A 1 10  ? -7.095  -1.572  -10.712 1.00 19.95 ? 10  VAL A CA  1 
ATOM   49   C C   . VAL A 1 10  ? -6.997  -1.472  -9.199  1.00 21.61 ? 10  VAL A C   1 
ATOM   50   O O   . VAL A 1 10  ? -7.935  -1.853  -8.489  1.00 21.49 ? 10  VAL A O   1 
ATOM   51   C CB  . VAL A 1 10  ? -8.296  -0.763  -11.230 1.00 17.65 ? 10  VAL A CB  1 
ATOM   52   C CG1 . VAL A 1 10  ? -8.165  0.699   -10.831 1.00 20.88 ? 10  VAL A CG1 1 
ATOM   53   C CG2 . VAL A 1 10  ? -8.421  -0.897  -12.743 1.00 21.56 ? 10  VAL A CG2 1 
ATOM   54   N N   . SER A 1 11  ? -5.870  -0.967  -8.705  1.00 18.32 ? 11  SER A N   1 
ATOM   55   C CA  . SER A 1 11  ? -5.554  -1.041  -7.286  1.00 18.29 ? 11  SER A CA  1 
ATOM   56   C C   . SER A 1 11  ? -5.081  0.318   -6.786  1.00 18.01 ? 11  SER A C   1 
ATOM   57   O O   . SER A 1 11  ? -4.951  1.281   -7.548  1.00 15.36 ? 11  SER A O   1 
ATOM   58   C CB  . SER A 1 11  ? -4.486  -2.108  -7.020  1.00 18.43 ? 11  SER A CB  1 
ATOM   59   O OG  . SER A 1 11  ? -3.250  -1.730  -7.601  1.00 19.35 ? 11  SER A OG  1 
ATOM   60   N N   . ILE A 1 12  ? -4.821  0.383   -5.485  1.00 17.46 ? 12  ILE A N   1 
ATOM   61   C CA  . ILE A 1 12  ? -4.284  1.575   -4.848  1.00 16.70 ? 12  ILE A CA  1 
ATOM   62   C C   . ILE A 1 12  ? -3.111  1.172   -3.967  1.00 19.77 ? 12  ILE A C   1 
ATOM   63   O O   . ILE A 1 12  ? -3.016  0.032   -3.501  1.00 20.89 ? 12  ILE A O   1 
ATOM   64   C CB  . ILE A 1 12  ? -5.356  2.331   -4.031  1.00 23.05 ? 12  ILE A CB  1 
ATOM   65   C CG1 . ILE A 1 12  ? -6.021  1.406   -3.008  1.00 24.53 ? 12  ILE A CG1 1 
ATOM   66   C CG2 . ILE A 1 12  ? -6.398  2.946   -4.958  1.00 21.84 ? 12  ILE A CG2 1 
ATOM   67   C CD1 . ILE A 1 12  ? -5.254  1.268   -1.710  1.00 23.65 ? 12  ILE A CD1 1 
ATOM   68   N N   . LEU A 1 13  ? -2.204  2.121   -3.755  1.00 17.94 ? 13  LEU A N   1 
ATOM   69   C CA  . LEU A 1 13  ? -1.065  1.950   -2.866  1.00 21.78 ? 13  LEU A CA  1 
ATOM   70   C C   . LEU A 1 13  ? -1.037  3.126   -1.903  1.00 17.16 ? 13  LEU A C   1 
ATOM   71   O O   . LEU A 1 13  ? -1.046  4.282   -2.337  1.00 21.46 ? 13  LEU A O   1 
ATOM   72   C CB  . LEU A 1 13  ? 0.249   1.868   -3.649  1.00 18.85 ? 13  LEU A CB  1 
ATOM   73   C CG  . LEU A 1 13  ? 1.546   1.851   -2.832  1.00 23.61 ? 13  LEU A CG  1 
ATOM   74   C CD1 . LEU A 1 13  ? 1.755   0.499   -2.162  1.00 22.01 ? 13  LEU A CD1 1 
ATOM   75   C CD2 . LEU A 1 13  ? 2.740   2.217   -3.704  1.00 21.30 ? 13  LEU A CD2 1 
ATOM   76   N N   . VAL A 1 14  ? -1.012  2.835   -0.606  1.00 16.80 ? 14  VAL A N   1 
ATOM   77   C CA  . VAL A 1 14  ? -0.951  3.865   0.426   1.00 16.53 ? 14  VAL A CA  1 
ATOM   78   C C   . VAL A 1 14  ? 0.361   3.686   1.177   1.00 21.61 ? 14  VAL A C   1 
ATOM   79   O O   . VAL A 1 14  ? 0.524   2.720   1.934   1.00 16.56 ? 14  VAL A O   1 
ATOM   80   C CB  . VAL A 1 14  ? -2.149  3.801   1.382   1.00 20.96 ? 14  VAL A CB  1 
ATOM   81   C CG1 . VAL A 1 14  ? -2.025  4.876   2.453   1.00 24.86 ? 14  VAL A CG1 1 
ATOM   82   C CG2 . VAL A 1 14  ? -3.453  3.964   0.611   1.00 23.04 ? 14  VAL A CG2 1 
ATOM   83   N N   . VAL A 1 15  ? 1.298   4.603   0.958   1.00 19.87 ? 15  VAL A N   1 
ATOM   84   C CA  . VAL A 1 15  ? 2.574   4.598   1.665   1.00 19.98 ? 15  VAL A CA  1 
ATOM   85   C C   . VAL A 1 15  ? 2.378   5.323   2.991   1.00 22.45 ? 15  VAL A C   1 
ATOM   86   O O   . VAL A 1 15  ? 2.282   6.553   3.029   1.00 18.56 ? 15  VAL A O   1 
ATOM   87   C CB  . VAL A 1 15  ? 3.687   5.253   0.840   1.00 20.69 ? 15  VAL A CB  1 
ATOM   88   C CG1 . VAL A 1 15  ? 4.979   5.308   1.648   1.00 18.55 ? 15  VAL A CG1 1 
ATOM   89   C CG2 . VAL A 1 15  ? 3.906   4.500   -0.465  1.00 21.24 ? 15  VAL A CG2 1 
ATOM   90   N N   . ILE A 1 16  ? 2.312   4.561   4.075   1.00 21.30 ? 16  ILE A N   1 
ATOM   91   C CA  . ILE A 1 16  ? 2.175   5.115   5.415   1.00 21.96 ? 16  ILE A CA  1 
ATOM   92   C C   . ILE A 1 16  ? 3.565   5.320   5.999   1.00 22.64 ? 16  ILE A C   1 
ATOM   93   O O   . ILE A 1 16  ? 4.429   4.442   5.890   1.00 20.03 ? 16  ILE A O   1 
ATOM   94   C CB  . ILE A 1 16  ? 1.335   4.191   6.311   1.00 20.72 ? 16  ILE A CB  1 
ATOM   95   C CG1 . ILE A 1 16  ? -0.080  4.050   5.747   1.00 18.63 ? 16  ILE A CG1 1 
ATOM   96   C CG2 . ILE A 1 16  ? 1.315   4.714   7.741   1.00 20.82 ? 16  ILE A CG2 1 
ATOM   97   C CD1 . ILE A 1 16  ? -0.943  3.068   6.504   1.00 21.96 ? 16  ILE A CD1 1 
ATOM   98   N N   . TYR A 1 17  ? 3.787   6.480   6.614   1.00 21.22 ? 17  TYR A N   1 
ATOM   99   C CA  . TYR A 1 17  ? 5.069   6.778   7.232   1.00 18.29 ? 17  TYR A CA  1 
ATOM   100  C C   . TYR A 1 17  ? 4.839   7.707   8.416   1.00 20.39 ? 17  TYR A C   1 
ATOM   101  O O   . TYR A 1 17  ? 3.756   8.268   8.591   1.00 22.25 ? 17  TYR A O   1 
ATOM   102  C CB  . TYR A 1 17  ? 6.047   7.394   6.223   1.00 19.27 ? 17  TYR A CB  1 
ATOM   103  C CG  . TYR A 1 17  ? 5.638   8.757   5.708   1.00 19.77 ? 17  TYR A CG  1 
ATOM   104  C CD1 . TYR A 1 17  ? 4.823   8.884   4.592   1.00 24.05 ? 17  TYR A CD1 1 
ATOM   105  C CD2 . TYR A 1 17  ? 6.075   9.916   6.336   1.00 27.24 ? 17  TYR A CD2 1 
ATOM   106  C CE1 . TYR A 1 17  ? 4.451   10.127  4.118   1.00 24.34 ? 17  TYR A CE1 1 
ATOM   107  C CE2 . TYR A 1 17  ? 5.709   11.165  5.869   1.00 24.97 ? 17  TYR A CE2 1 
ATOM   108  C CZ  . TYR A 1 17  ? 4.896   11.265  4.760   1.00 28.10 ? 17  TYR A CZ  1 
ATOM   109  O OH  . TYR A 1 17  ? 4.529   12.506  4.293   1.00 27.54 ? 17  TYR A OH  1 
ATOM   110  N N   . ALA A 1 18  ? 5.878   7.861   9.235   1.00 21.95 ? 18  ALA A N   1 
ATOM   111  C CA  . ALA A 1 18  ? 5.823   8.698   10.427  1.00 21.49 ? 18  ALA A CA  1 
ATOM   112  C C   . ALA A 1 18  ? 6.457   10.047  10.112  1.00 20.86 ? 18  ALA A C   1 
ATOM   113  O O   . ALA A 1 18  ? 7.622   10.108  9.703   1.00 21.58 ? 18  ALA A O   1 
ATOM   114  C CB  . ALA A 1 18  ? 6.533   8.027   11.602  1.00 24.09 ? 18  ALA A CB  1 
ATOM   115  N N   A GLN A 1 19  ? 5.694   11.123  10.312  0.50 23.86 ? 19  GLN A N   1 
ATOM   116  N N   B GLN A 1 19  ? 5.689   11.121  10.305  0.50 23.16 ? 19  GLN A N   1 
ATOM   117  C CA  A GLN A 1 19  ? 6.201   12.455  9.998   0.50 25.27 ? 19  GLN A CA  1 
ATOM   118  C CA  B GLN A 1 19  ? 6.196   12.457  10.006  0.50 25.26 ? 19  GLN A CA  1 
ATOM   119  C C   A GLN A 1 19  ? 7.459   12.776  10.797  0.50 26.15 ? 19  GLN A C   1 
ATOM   120  C C   B GLN A 1 19  ? 7.464   12.762  10.794  0.50 26.14 ? 19  GLN A C   1 
ATOM   121  O O   A GLN A 1 19  ? 8.405   13.371  10.265  0.50 27.14 ? 19  GLN A O   1 
ATOM   122  O O   B GLN A 1 19  ? 8.418   13.330  10.251  0.50 27.14 ? 19  GLN A O   1 
ATOM   123  C CB  A GLN A 1 19  ? 5.119   13.503  10.256  0.50 27.51 ? 19  GLN A CB  1 
ATOM   124  C CB  B GLN A 1 19  ? 5.116   13.500  10.296  0.50 27.51 ? 19  GLN A CB  1 
ATOM   125  C CG  A GLN A 1 19  ? 5.599   14.945  10.132  0.50 28.76 ? 19  GLN A CG  1 
ATOM   126  C CG  B GLN A 1 19  ? 5.648   14.907  10.535  0.50 28.52 ? 19  GLN A CG  1 
ATOM   127  C CD  A GLN A 1 19  ? 6.042   15.302  8.724   0.50 27.82 ? 19  GLN A CD  1 
ATOM   128  C CD  B GLN A 1 19  ? 5.875   15.202  12.007  0.50 29.82 ? 19  GLN A CD  1 
ATOM   129  O OE1 A GLN A 1 19  ? 5.923   14.498  7.800   0.50 29.47 ? 19  GLN A OE1 1 
ATOM   130  O OE1 B GLN A 1 19  ? 6.931   15.700  12.398  0.50 33.35 ? 19  GLN A OE1 1 
ATOM   131  N NE2 A GLN A 1 19  ? 6.554   16.516  8.555   0.50 31.84 ? 19  GLN A NE2 1 
ATOM   132  N NE2 B GLN A 1 19  ? 4.876   14.903  12.831  0.50 30.23 ? 19  GLN A NE2 1 
ATOM   133  N N   . ASP A 1 20  ? 7.495   12.388  12.074  1.00 24.47 ? 20  ASP A N   1 
ATOM   134  C CA  . ASP A 1 20  ? 8.628   12.754  12.919  1.00 26.46 ? 20  ASP A CA  1 
ATOM   135  C C   . ASP A 1 20  ? 9.878   11.956  12.560  1.00 25.68 ? 20  ASP A C   1 
ATOM   136  O O   . ASP A 1 20  ? 10.942  12.536  12.316  1.00 26.04 ? 20  ASP A O   1 
ATOM   137  C CB  . ASP A 1 20  ? 8.264   12.590  14.400  1.00 27.10 ? 20  ASP A CB  1 
ATOM   138  C CG  . ASP A 1 20  ? 7.867   11.172  14.761  1.00 28.01 ? 20  ASP A CG  1 
ATOM   139  O OD1 . ASP A 1 20  ? 7.555   10.378  13.851  1.00 25.33 ? 20  ASP A OD1 1 
ATOM   140  O OD2 . ASP A 1 20  ? 7.862   10.855  15.971  1.00 35.70 ? 20  ASP A OD2 1 
ATOM   141  N N   . THR A 1 21  ? 9.773   10.624  12.508  1.00 24.51 ? 21  THR A N   1 
ATOM   142  C CA  . THR A 1 21  ? 10.943  9.794   12.234  1.00 24.51 ? 21  THR A CA  1 
ATOM   143  C C   . THR A 1 21  ? 11.168  9.530   10.752  1.00 28.11 ? 21  THR A C   1 
ATOM   144  O O   . THR A 1 21  ? 12.295  9.201   10.362  1.00 25.77 ? 21  THR A O   1 
ATOM   145  C CB  . THR A 1 21  ? 10.837  8.443   12.953  1.00 25.78 ? 21  THR A CB  1 
ATOM   146  O OG1 . THR A 1 21  ? 9.732   7.700   12.424  1.00 26.76 ? 21  THR A OG1 1 
ATOM   147  C CG2 . THR A 1 21  ? 10.646  8.640   14.447  1.00 23.06 ? 21  THR A CG2 1 
ATOM   148  N N   . LYS A 1 22  ? 10.135  9.655   9.923   1.00 27.17 ? 22  LYS A N   1 
ATOM   149  C CA  . LYS A 1 22  ? 10.184  9.332   8.500   1.00 24.21 ? 22  LYS A CA  1 
ATOM   150  C C   . LYS A 1 22  ? 10.252  7.834   8.243   1.00 26.28 ? 22  LYS A C   1 
ATOM   151  O O   . LYS A 1 22  ? 10.439  7.420   7.092   1.00 28.10 ? 22  LYS A O   1 
ATOM   152  C CB  . LYS A 1 22  ? 11.362  10.016  7.799   1.00 23.41 ? 22  LYS A CB  1 
ATOM   153  C CG  . LYS A 1 22  ? 11.385  11.526  7.958   1.00 27.34 ? 22  LYS A CG  1 
ATOM   154  C CD  . LYS A 1 22  ? 10.081  12.146  7.487   1.00 28.76 ? 22  LYS A CD  1 
ATOM   155  C CE  . LYS A 1 22  ? 10.083  13.651  7.703   1.00 35.55 ? 22  LYS A CE  1 
ATOM   156  N NZ  . LYS A 1 22  ? 8.782   14.264  7.329   1.00 30.85 ? 22  LYS A NZ  1 
ATOM   157  N N   . ARG A 1 23  ? 10.121  7.004   9.275   1.00 25.10 ? 23  ARG A N   1 
ATOM   158  C CA  . ARG A 1 23  ? 10.105  5.565   9.061   1.00 21.79 ? 23  ARG A CA  1 
ATOM   159  C C   . ARG A 1 23  ? 8.832   5.152   8.332   1.00 18.33 ? 23  ARG A C   1 
ATOM   160  O O   . ARG A 1 23  ? 7.777   5.774   8.472   1.00 22.81 ? 23  ARG A O   1 
ATOM   161  C CB  . ARG A 1 23  ? 10.220  4.819   10.391  1.00 26.94 ? 23  ARG A CB  1 
ATOM   162  C CG  . ARG A 1 23  ? 11.628  4.799   10.966  1.00 28.48 ? 23  ARG A CG  1 
ATOM   163  C CD  . ARG A 1 23  ? 11.768  3.745   12.055  1.00 24.01 ? 23  ARG A CD  1 
ATOM   164  N NE  . ARG A 1 23  ? 13.108  3.728   12.633  1.00 23.84 ? 23  ARG A NE  1 
ATOM   165  C CZ  . ARG A 1 23  ? 13.484  4.482   13.660  1.00 27.57 ? 23  ARG A CZ  1 
ATOM   166  N NH1 . ARG A 1 23  ? 12.618  5.314   14.225  1.00 27.81 ? 23  ARG A NH1 1 
ATOM   167  N NH2 . ARG A 1 23  ? 14.724  4.407   14.122  1.00 27.65 ? 23  ARG A NH2 1 
ATOM   168  N N   . VAL A 1 24  ? 8.942   4.085   7.545   1.00 22.05 ? 24  VAL A N   1 
ATOM   169  C CA  . VAL A 1 24  ? 7.857   3.602   6.701   1.00 17.91 ? 24  VAL A CA  1 
ATOM   170  C C   . VAL A 1 24  ? 7.304   2.315   7.298   1.00 20.04 ? 24  VAL A C   1 
ATOM   171  O O   . VAL A 1 24  ? 8.062   1.463   7.774   1.00 19.97 ? 24  VAL A O   1 
ATOM   172  C CB  . VAL A 1 24  ? 8.339   3.378   5.254   1.00 21.10 ? 24  VAL A CB  1 
ATOM   173  C CG1 . VAL A 1 24  ? 7.230   2.774   4.408   1.00 18.36 ? 24  VAL A CG1 1 
ATOM   174  C CG2 . VAL A 1 24  ? 8.825   4.688   4.649   1.00 24.99 ? 24  VAL A CG2 1 
ATOM   175  N N   . LEU A 1 25  ? 5.980   2.180   7.270   1.00 21.58 ? 25  LEU A N   1 
ATOM   176  C CA  . LEU A 1 25  ? 5.305   0.999   7.797   1.00 19.86 ? 25  LEU A CA  1 
ATOM   177  C C   . LEU A 1 25  ? 5.245   -0.072  6.716   1.00 22.17 ? 25  LEU A C   1 
ATOM   178  O O   . LEU A 1 25  ? 4.621   0.131   5.669   1.00 17.45 ? 25  LEU A O   1 
ATOM   179  C CB  . LEU A 1 25  ? 3.897   1.349   8.274   1.00 21.41 ? 25  LEU A CB  1 
ATOM   180  C CG  . LEU A 1 25  ? 3.024   0.155   8.665   1.00 20.88 ? 25  LEU A CG  1 
ATOM   181  C CD1 . LEU A 1 25  ? 3.585   -0.555  9.888   1.00 22.35 ? 25  LEU A CD1 1 
ATOM   182  C CD2 . LEU A 1 25  ? 1.586   0.592   8.901   1.00 22.27 ? 25  LEU A CD2 1 
ATOM   183  N N   . MET A 1 26  ? 5.882   -1.210  6.973   1.00 21.97 ? 26  MET A N   1 
ATOM   184  C CA  . MET A 1 26  ? 5.911   -2.321  6.033   1.00 22.02 ? 26  MET A CA  1 
ATOM   185  C C   . MET A 1 26  ? 5.191   -3.522  6.628   1.00 23.27 ? 26  MET A C   1 
ATOM   186  O O   . MET A 1 26  ? 5.367   -3.846  7.807   1.00 21.59 ? 26  MET A O   1 
ATOM   187  C CB  . MET A 1 26  ? 7.349   -2.682  5.666   1.00 19.89 ? 26  MET A CB  1 
ATOM   188  C CG  . MET A 1 26  ? 8.102   -1.528  5.015   1.00 19.98 ? 26  MET A CG  1 
ATOM   189  S SD  . MET A 1 26  ? 7.297   -0.943  3.510   1.00 22.03 ? 26  MET A SD  1 
ATOM   190  C CE  . MET A 1 26  ? 7.519   -2.364  2.441   1.00 22.56 ? 26  MET A CE  1 
ATOM   191  N N   . LEU A 1 27  ? 4.383   -4.182  5.800   1.00 19.64 ? 27  LEU A N   1 
ATOM   192  C CA  . LEU A 1 27  ? 3.514   -5.270  6.225   1.00 23.66 ? 27  LEU A CA  1 
ATOM   193  C C   . LEU A 1 27  ? 3.884   -6.546  5.483   1.00 22.05 ? 27  LEU A C   1 
ATOM   194  O O   . LEU A 1 27  ? 4.147   -6.517  4.276   1.00 23.62 ? 27  LEU A O   1 
ATOM   195  C CB  . LEU A 1 27  ? 2.042   -4.923  5.968   1.00 19.67 ? 27  LEU A CB  1 
ATOM   196  C CG  . LEU A 1 27  ? 1.544   -3.589  6.531   1.00 18.99 ? 27  LEU A CG  1 
ATOM   197  C CD1 . LEU A 1 27  ? 0.183   -3.232  5.951   1.00 24.68 ? 27  LEU A CD1 1 
ATOM   198  C CD2 . LEU A 1 27  ? 1.482   -3.636  8.051   1.00 22.44 ? 27  LEU A CD2 1 
ATOM   199  N N   . GLN A 1 28  ? 3.893   -7.664  6.206   1.00 24.51 ? 28  GLN A N   1 
ATOM   200  C CA  . GLN A 1 28  ? 4.270   -8.957  5.645   1.00 20.35 ? 28  GLN A CA  1 
ATOM   201  C C   . GLN A 1 28  ? 3.031   -9.658  5.095   1.00 25.35 ? 28  GLN A C   1 
ATOM   202  O O   . GLN A 1 28  ? 2.100   -9.965  5.847   1.00 25.86 ? 28  GLN A O   1 
ATOM   203  C CB  . GLN A 1 28  ? 4.956   -9.826  6.701   1.00 24.10 ? 28  GLN A CB  1 
ATOM   204  C CG  . GLN A 1 28  ? 5.475   -11.151 6.158   1.00 25.32 ? 28  GLN A CG  1 
ATOM   205  C CD  . GLN A 1 28  ? 6.123   -12.016 7.222   1.00 27.84 ? 28  GLN A CD  1 
ATOM   206  O OE1 . GLN A 1 28  ? 5.771   -11.943 8.400   1.00 26.83 ? 28  GLN A OE1 1 
ATOM   207  N NE2 . GLN A 1 28  ? 7.077   -12.842 6.810   1.00 21.66 ? 28  GLN A NE2 1 
ATOM   208  N N   . ARG A 1 29  ? 3.030   -9.922  3.791   1.00 23.47 ? 29  ARG A N   1 
ATOM   209  C CA  . ARG A 1 29  ? 1.876   -10.534 3.150   1.00 26.84 ? 29  ARG A CA  1 
ATOM   210  C C   . ARG A 1 29  ? 1.696   -11.981 3.596   1.00 29.54 ? 29  ARG A C   1 
ATOM   211  O O   . ARG A 1 29  ? 2.660   -12.685 3.913   1.00 28.74 ? 29  ARG A O   1 
ATOM   212  C CB  . ARG A 1 29  ? 2.015   -10.472 1.629   1.00 24.83 ? 29  ARG A CB  1 
ATOM   213  C CG  . ARG A 1 29  ? 1.903   -9.073  1.052   1.00 25.38 ? 29  ARG A CG  1 
ATOM   214  C CD  . ARG A 1 29  ? 1.566   -9.115  -0.434  1.00 29.30 ? 29  ARG A CD  1 
ATOM   215  N NE  . ARG A 1 29  ? 0.347   -9.878  -0.687  1.00 25.55 ? 29  ARG A NE  1 
ATOM   216  C CZ  . ARG A 1 29  ? -0.883  -9.380  -0.580  1.00 38.60 ? 29  ARG A CZ  1 
ATOM   217  N NH1 . ARG A 1 29  ? -1.060  -8.115  -0.224  1.00 39.77 ? 29  ARG A NH1 1 
ATOM   218  N NH2 . ARG A 1 29  ? -1.935  -10.150 -0.825  1.00 41.01 ? 29  ARG A NH2 1 
ATOM   219  N N   . ARG A 1 30  ? 0.435   -12.423 3.616   1.00 29.92 ? 30  ARG A N   1 
ATOM   220  C CA  . ARG A 1 30  ? 0.128   -13.800 3.991   1.00 32.26 ? 30  ARG A CA  1 
ATOM   221  C C   . ARG A 1 30  ? 0.340   -14.757 2.824   1.00 32.52 ? 30  ARG A C   1 
ATOM   222  O O   . ARG A 1 30  ? 0.808   -15.884 3.019   1.00 33.51 ? 30  ARG A O   1 
ATOM   223  C CB  . ARG A 1 30  ? -1.313  -13.906 4.496   1.00 32.07 ? 30  ARG A CB  1 
ATOM   224  C CG  . ARG A 1 30  ? -2.358  -13.698 3.407   1.00 42.79 ? 30  ARG A CG  1 
ATOM   225  C CD  . ARG A 1 30  ? -3.704  -14.312 3.772   1.00 44.96 ? 30  ARG A CD  1 
ATOM   226  N NE  . ARG A 1 30  ? -4.493  -13.453 4.650   1.00 47.24 ? 30  ARG A NE  1 
ATOM   227  C CZ  . ARG A 1 30  ? -4.386  -13.433 5.975   1.00 50.68 ? 30  ARG A CZ  1 
ATOM   228  N NH1 . ARG A 1 30  ? -3.518  -14.223 6.590   1.00 53.47 ? 30  ARG A NH1 1 
ATOM   229  N NH2 . ARG A 1 30  ? -5.151  -12.617 6.688   1.00 55.75 ? 30  ARG A NH2 1 
ATOM   230  N N   . ASP A 1 31  ? -0.009  -14.330 1.608   1.00 31.09 ? 31  ASP A N   1 
ATOM   231  C CA  . ASP A 1 31  ? 0.130   -15.198 0.444   1.00 34.12 ? 31  ASP A CA  1 
ATOM   232  C C   . ASP A 1 31  ? 1.575   -15.316 -0.023  1.00 33.52 ? 31  ASP A C   1 
ATOM   233  O O   . ASP A 1 31  ? 1.915   -16.293 -0.698  1.00 29.64 ? 31  ASP A O   1 
ATOM   234  C CB  . ASP A 1 31  ? -0.750  -14.692 -0.700  1.00 29.12 ? 31  ASP A CB  1 
ATOM   235  C CG  . ASP A 1 31  ? -0.543  -13.216 -0.990  1.00 32.80 ? 31  ASP A CG  1 
ATOM   236  O OD1 . ASP A 1 31  ? 0.416   -12.631 -0.446  1.00 32.14 ? 31  ASP A OD1 1 
ATOM   237  O OD2 . ASP A 1 31  ? -1.337  -12.643 -1.764  1.00 31.37 ? 31  ASP A OD2 1 
ATOM   238  N N   . ASP A 1 32  ? 2.422   -14.346 0.313   1.00 32.91 ? 32  ASP A N   1 
ATOM   239  C CA  . ASP A 1 32  ? 3.846   -14.395 -0.012  1.00 29.17 ? 32  ASP A CA  1 
ATOM   240  C C   . ASP A 1 32  ? 4.611   -13.839 1.181   1.00 28.47 ? 32  ASP A C   1 
ATOM   241  O O   . ASP A 1 32  ? 4.858   -12.630 1.271   1.00 26.24 ? 32  ASP A O   1 
ATOM   242  C CB  . ASP A 1 32  ? 4.161   -13.610 -1.286  1.00 26.35 ? 32  ASP A CB  1 
ATOM   243  C CG  . ASP A 1 32  ? 5.620   -13.716 -1.693  1.00 28.66 ? 32  ASP A CG  1 
ATOM   244  O OD1 . ASP A 1 32  ? 6.439   -14.198 -0.879  1.00 26.44 ? 32  ASP A OD1 1 
ATOM   245  O OD2 . ASP A 1 32  ? 5.951   -13.306 -2.827  1.00 28.28 ? 32  ASP A OD2 1 
ATOM   246  N N   . PRO A 1 33  ? 5.006   -14.702 2.120   1.00 30.47 ? 33  PRO A N   1 
ATOM   247  C CA  . PRO A 1 33  ? 5.654   -14.209 3.348   1.00 28.01 ? 33  PRO A CA  1 
ATOM   248  C C   . PRO A 1 33  ? 6.961   -13.471 3.108   1.00 24.53 ? 33  PRO A C   1 
ATOM   249  O O   . PRO A 1 33  ? 7.442   -12.790 4.020   1.00 21.53 ? 33  PRO A O   1 
ATOM   250  C CB  . PRO A 1 33  ? 5.877   -15.489 4.165   1.00 22.25 ? 33  PRO A CB  1 
ATOM   251  C CG  . PRO A 1 33  ? 4.866   -16.457 3.634   1.00 29.20 ? 33  PRO A CG  1 
ATOM   252  C CD  . PRO A 1 33  ? 4.766   -16.153 2.168   1.00 28.72 ? 33  PRO A CD  1 
ATOM   253  N N   . ASP A 1 34  ? 7.557   -13.590 1.925   1.00 23.60 ? 34  ASP A N   1 
ATOM   254  C CA  . ASP A 1 34  ? 8.742   -12.815 1.583   1.00 25.02 ? 34  ASP A CA  1 
ATOM   255  C C   . ASP A 1 34  ? 8.400   -11.452 1.001   1.00 23.61 ? 34  ASP A C   1 
ATOM   256  O O   . ASP A 1 34  ? 9.309   -10.706 0.624   1.00 28.35 ? 34  ASP A O   1 
ATOM   257  C CB  . ASP A 1 34  ? 9.615   -13.587 0.587   1.00 30.10 ? 34  ASP A CB  1 
ATOM   258  C CG  . ASP A 1 34  ? 10.151  -14.881 1.162   1.00 28.63 ? 34  ASP A CG  1 
ATOM   259  O OD1 . ASP A 1 34  ? 10.397  -14.936 2.387   1.00 30.71 ? 34  ASP A OD1 1 
ATOM   260  O OD2 . ASP A 1 34  ? 10.326  -15.843 0.387   1.00 31.21 ? 34  ASP A OD2 1 
ATOM   261  N N   . PHE A 1 35  ? 7.117   -11.114 0.924   1.00 20.83 ? 35  PHE A N   1 
ATOM   262  C CA  . PHE A 1 35  ? 6.636   -9.897  0.280   1.00 24.46 ? 35  PHE A CA  1 
ATOM   263  C C   . PHE A 1 35  ? 6.211   -8.926  1.378   1.00 20.83 ? 35  PHE A C   1 
ATOM   264  O O   . PHE A 1 35  ? 5.158   -9.099  1.998   1.00 23.68 ? 35  PHE A O   1 
ATOM   265  C CB  . PHE A 1 35  ? 5.485   -10.224 -0.672  1.00 21.25 ? 35  PHE A CB  1 
ATOM   266  C CG  . PHE A 1 35  ? 5.134   -9.115  -1.630  1.00 26.80 ? 35  PHE A CG  1 
ATOM   267  C CD1 . PHE A 1 35  ? 4.444   -9.396  -2.798  1.00 23.44 ? 35  PHE A CD1 1 
ATOM   268  C CD2 . PHE A 1 35  ? 5.479   -7.799  -1.365  1.00 23.75 ? 35  PHE A CD2 1 
ATOM   269  C CE1 . PHE A 1 35  ? 4.111   -8.389  -3.685  1.00 27.43 ? 35  PHE A CE1 1 
ATOM   270  C CE2 . PHE A 1 35  ? 5.147   -6.787  -2.248  1.00 20.58 ? 35  PHE A CE2 1 
ATOM   271  C CZ  . PHE A 1 35  ? 4.461   -7.082  -3.408  1.00 27.52 ? 35  PHE A CZ  1 
ATOM   272  N N   . TRP A 1 36  ? 7.037   -7.913  1.621   1.00 19.03 ? 36  TRP A N   1 
ATOM   273  C CA  . TRP A 1 36  ? 6.701   -6.820  2.522   1.00 19.78 ? 36  TRP A CA  1 
ATOM   274  C C   . TRP A 1 36  ? 6.297   -5.603  1.701   1.00 19.97 ? 36  TRP A C   1 
ATOM   275  O O   . TRP A 1 36  ? 6.919   -5.297  0.679   1.00 22.21 ? 36  TRP A O   1 
ATOM   276  C CB  . TRP A 1 36  ? 7.878   -6.474  3.434   1.00 19.57 ? 36  TRP A CB  1 
ATOM   277  C CG  . TRP A 1 36  ? 8.241   -7.562  4.396   1.00 22.99 ? 36  TRP A CG  1 
ATOM   278  C CD1 . TRP A 1 36  ? 8.893   -8.727  4.109   1.00 24.79 ? 36  TRP A CD1 1 
ATOM   279  C CD2 . TRP A 1 36  ? 7.985   -7.584  5.805   1.00 26.18 ? 36  TRP A CD2 1 
ATOM   280  N NE1 . TRP A 1 36  ? 9.053   -9.475  5.251   1.00 26.75 ? 36  TRP A NE1 1 
ATOM   281  C CE2 . TRP A 1 36  ? 8.505   -8.795  6.306   1.00 25.90 ? 36  TRP A CE2 1 
ATOM   282  C CE3 . TRP A 1 36  ? 7.363   -6.699  6.690   1.00 23.72 ? 36  TRP A CE3 1 
ATOM   283  C CZ2 . TRP A 1 36  ? 8.423   -9.141  7.654   1.00 27.03 ? 36  TRP A CZ2 1 
ATOM   284  C CZ3 . TRP A 1 36  ? 7.283   -7.045  8.029   1.00 28.13 ? 36  TRP A CZ3 1 
ATOM   285  C CH2 . TRP A 1 36  ? 7.810   -8.255  8.496   1.00 27.23 ? 36  TRP A CH2 1 
ATOM   286  N N   . GLN A 1 37  ? 5.258   -4.906  2.152   1.00 17.27 ? 37  GLN A N   1 
ATOM   287  C CA  . GLN A 1 37  ? 4.657   -3.857  1.345   1.00 18.32 ? 37  GLN A CA  1 
ATOM   288  C C   . GLN A 1 37  ? 3.991   -2.820  2.237   1.00 17.91 ? 37  GLN A C   1 
ATOM   289  O O   . GLN A 1 37  ? 3.813   -3.020  3.440   1.00 20.83 ? 37  GLN A O   1 
ATOM   290  C CB  . GLN A 1 37  ? 3.621   -4.436  0.381   1.00 19.35 ? 37  GLN A CB  1 
ATOM   291  C CG  . GLN A 1 37  ? 2.479   -5.132  1.101   1.00 17.44 ? 37  GLN A CG  1 
ATOM   292  C CD  . GLN A 1 37  ? 1.354   -5.533  0.171   1.00 25.57 ? 37  GLN A CD  1 
ATOM   293  O OE1 . GLN A 1 37  ? 0.422   -6.229  0.573   1.00 30.21 ? 37  GLN A OE1 1 
ATOM   294  N NE2 . GLN A 1 37  ? 1.433   -5.091  -1.080  1.00 24.09 ? 37  GLN A NE2 1 
ATOM   295  N N   . SER A 1 38  ? 3.613   -1.706  1.615   1.00 17.60 ? 38  SER A N   1 
ATOM   296  C CA  . SER A 1 38  ? 2.687   -0.759  2.217   1.00 21.59 ? 38  SER A CA  1 
ATOM   297  C C   . SER A 1 38  ? 1.267   -1.294  2.029   1.00 19.33 ? 38  SER A C   1 
ATOM   298  O O   . SER A 1 38  ? 1.060   -2.437  1.609   1.00 18.55 ? 38  SER A O   1 
ATOM   299  C CB  . SER A 1 38  ? 2.871   0.627   1.601   1.00 21.04 ? 38  SER A CB  1 
ATOM   300  O OG  . SER A 1 38  ? 4.228   1.035   1.643   1.00 21.28 ? 38  SER A OG  1 
ATOM   301  N N   . VAL A 1 39  ? 0.264   -0.469  2.328   1.00 17.87 ? 39  VAL A N   1 
ATOM   302  C CA  . VAL A 1 39  ? -1.123  -0.890  2.167   1.00 23.22 ? 39  VAL A CA  1 
ATOM   303  C C   . VAL A 1 39  ? -1.476  -0.930  0.685   1.00 24.35 ? 39  VAL A C   1 
ATOM   304  O O   . VAL A 1 39  ? -1.251  0.040   -0.051  1.00 19.94 ? 39  VAL A O   1 
ATOM   305  C CB  . VAL A 1 39  ? -2.064  0.049   2.936   1.00 19.76 ? 39  VAL A CB  1 
ATOM   306  C CG1 . VAL A 1 39  ? -3.514  -0.318  2.665   1.00 25.47 ? 39  VAL A CG1 1 
ATOM   307  C CG2 . VAL A 1 39  ? -1.763  -0.006  4.425   1.00 24.21 ? 39  VAL A CG2 1 
ATOM   308  N N   . THR A 1 40  ? -2.032  -2.057  0.241   1.00 23.85 ? 40  THR A N   1 
ATOM   309  C CA  . THR A 1 40  ? -2.476  -2.213  -1.137  1.00 24.80 ? 40  THR A CA  1 
ATOM   310  C C   . THR A 1 40  ? -3.846  -2.872  -1.159  1.00 27.58 ? 40  THR A C   1 
ATOM   311  O O   . THR A 1 40  ? -4.225  -3.601  -0.237  1.00 25.52 ? 40  THR A O   1 
ATOM   312  C CB  . THR A 1 40  ? -1.498  -3.049  -1.973  1.00 23.98 ? 40  THR A CB  1 
ATOM   313  O OG1 . THR A 1 40  ? -1.450  -4.386  -1.460  1.00 24.21 ? 40  THR A OG1 1 
ATOM   314  C CG2 . THR A 1 40  ? -0.102  -2.440  -1.934  1.00 23.97 ? 40  THR A CG2 1 
ATOM   315  N N   . GLY A 1 41  ? -4.583  -2.615  -2.231  1.00 21.37 ? 41  GLY A N   1 
ATOM   316  C CA  . GLY A 1 41  ? -5.884  -3.230  -2.408  1.00 23.29 ? 41  GLY A CA  1 
ATOM   317  C C   . GLY A 1 41  ? -6.478  -2.827  -3.740  1.00 24.51 ? 41  GLY A C   1 
ATOM   318  O O   . GLY A 1 41  ? -6.082  -1.827  -4.347  1.00 20.07 ? 41  GLY A O   1 
ATOM   319  N N   . SER A 1 42  ? -7.441  -3.633  -4.183  1.00 21.66 ? 42  SER A N   1 
ATOM   320  C CA  . SER A 1 42  ? -8.150  -3.364  -5.425  1.00 27.21 ? 42  SER A CA  1 
ATOM   321  C C   . SER A 1 42  ? -9.175  -2.253  -5.237  1.00 26.12 ? 42  SER A C   1 
ATOM   322  O O   . SER A 1 42  ? -9.700  -2.038  -4.141  1.00 26.38 ? 42  SER A O   1 
ATOM   323  C CB  . SER A 1 42  ? -8.856  -4.624  -5.931  1.00 26.09 ? 42  SER A CB  1 
ATOM   324  O OG  . SER A 1 42  ? -7.929  -5.629  -6.295  1.00 26.70 ? 42  SER A OG  1 
ATOM   325  N N   . VAL A 1 43  ? -9.456  -1.544  -6.325  1.00 24.29 ? 43  VAL A N   1 
ATOM   326  C CA  . VAL A 1 43  ? -10.528 -0.555  -6.359  1.00 22.68 ? 43  VAL A CA  1 
ATOM   327  C C   . VAL A 1 43  ? -11.793 -1.254  -6.839  1.00 25.49 ? 43  VAL A C   1 
ATOM   328  O O   . VAL A 1 43  ? -11.820 -1.819  -7.939  1.00 29.21 ? 43  VAL A O   1 
ATOM   329  C CB  . VAL A 1 43  ? -10.166 0.629   -7.266  1.00 18.84 ? 43  VAL A CB  1 
ATOM   330  C CG1 . VAL A 1 43  ? -11.305 1.635   -7.304  1.00 22.91 ? 43  VAL A CG1 1 
ATOM   331  C CG2 . VAL A 1 43  ? -8.882  1.289   -6.790  1.00 23.18 ? 43  VAL A CG2 1 
ATOM   332  N N   . GLU A 1 44  ? -12.837 -1.222  -6.018  1.00 26.59 ? 44  GLU A N   1 
ATOM   333  C CA  . GLU A 1 44  ? -14.058 -1.943  -6.338  1.00 32.51 ? 44  GLU A CA  1 
ATOM   334  C C   . GLU A 1 44  ? -14.934 -1.148  -7.301  1.00 33.21 ? 44  GLU A C   1 
ATOM   335  O O   . GLU A 1 44  ? -14.774 0.062   -7.482  1.00 25.80 ? 44  GLU A O   1 
ATOM   336  C CB  . GLU A 1 44  ? -14.849 -2.264  -5.069  1.00 32.43 ? 44  GLU A CB  1 
ATOM   337  C CG  . GLU A 1 44  ? -14.422 -3.547  -4.379  1.00 44.68 ? 44  GLU A CG  1 
ATOM   338  C CD  . GLU A 1 44  ? -15.579 -4.235  -3.679  1.00 66.78 ? 44  GLU A CD  1 
ATOM   339  O OE1 . GLU A 1 44  ? -16.653 -3.609  -3.553  1.00 68.29 ? 44  GLU A OE1 1 
ATOM   340  O OE2 . GLU A 1 44  ? -15.418 -5.403  -3.265  1.00 66.07 ? 44  GLU A OE2 1 
ATOM   341  N N   . GLU A 1 45  ? -15.875 -1.857  -7.921  1.00 35.06 ? 45  GLU A N   1 
ATOM   342  C CA  . GLU A 1 45  ? -16.838 -1.221  -8.808  1.00 33.70 ? 45  GLU A CA  1 
ATOM   343  C C   . GLU A 1 45  ? -17.566 -0.099  -8.080  1.00 33.81 ? 45  GLU A C   1 
ATOM   344  O O   . GLU A 1 45  ? -17.923 -0.229  -6.905  1.00 42.11 ? 45  GLU A O   1 
ATOM   345  C CB  . GLU A 1 45  ? -17.840 -2.254  -9.321  1.00 33.15 ? 45  GLU A CB  1 
ATOM   346  C CG  . GLU A 1 45  ? -18.840 -1.721  -10.335 1.00 39.66 ? 45  GLU A CG  1 
ATOM   347  C CD  . GLU A 1 45  ? -18.276 -1.674  -11.740 1.00 41.17 ? 45  GLU A CD  1 
ATOM   348  O OE1 . GLU A 1 45  ? -18.923 -1.068  -12.621 1.00 34.99 ? 45  GLU A OE1 1 
ATOM   349  O OE2 . GLU A 1 45  ? -17.187 -2.247  -11.962 1.00 40.88 ? 45  GLU A OE2 1 
ATOM   350  N N   . GLY A 1 46  ? -17.786 1.008   -8.783  1.00 33.86 ? 46  GLY A N   1 
ATOM   351  C CA  . GLY A 1 46  ? -18.497 2.132   -8.209  1.00 31.45 ? 46  GLY A CA  1 
ATOM   352  C C   . GLY A 1 46  ? -17.771 2.857   -7.101  1.00 36.75 ? 46  GLY A C   1 
ATOM   353  O O   . GLY A 1 46  ? -18.387 3.668   -6.404  1.00 37.28 ? 46  GLY A O   1 
ATOM   354  N N   . GLU A 1 47  ? -16.481 2.596   -6.916  1.00 32.68 ? 47  GLU A N   1 
ATOM   355  C CA  . GLU A 1 47  ? -15.688 3.229   -5.874  1.00 28.72 ? 47  GLU A CA  1 
ATOM   356  C C   . GLU A 1 47  ? -14.483 3.911   -6.508  1.00 28.18 ? 47  GLU A C   1 
ATOM   357  O O   . GLU A 1 47  ? -13.906 3.401   -7.475  1.00 25.07 ? 47  GLU A O   1 
ATOM   358  C CB  . GLU A 1 47  ? -15.264 2.191   -4.817  1.00 33.20 ? 47  GLU A CB  1 
ATOM   359  C CG  . GLU A 1 47  ? -13.787 2.150   -4.464  1.00 34.43 ? 47  GLU A CG  1 
ATOM   360  C CD  . GLU A 1 47  ? -13.472 1.067   -3.437  1.00 33.24 ? 47  GLU A CD  1 
ATOM   361  O OE1 . GLU A 1 47  ? -14.133 1.031   -2.377  1.00 35.56 ? 47  GLU A OE1 1 
ATOM   362  O OE2 . GLU A 1 47  ? -12.573 0.239   -3.692  1.00 26.47 ? 47  GLU A OE2 1 
ATOM   363  N N   . THR A 1 48  ? -14.136 5.085   -5.989  1.00 24.63 ? 48  THR A N   1 
ATOM   364  C CA  . THR A 1 48  ? -12.997 5.831   -6.499  1.00 19.33 ? 48  THR A CA  1 
ATOM   365  C C   . THR A 1 48  ? -11.706 5.345   -5.845  1.00 19.12 ? 48  THR A C   1 
ATOM   366  O O   . THR A 1 48  ? -11.713 4.641   -4.832  1.00 22.29 ? 48  THR A O   1 
ATOM   367  C CB  . THR A 1 48  ? -13.173 7.328   -6.250  1.00 22.96 ? 48  THR A CB  1 
ATOM   368  O OG1 . THR A 1 48  ? -13.147 7.584   -4.840  1.00 26.33 ? 48  THR A OG1 1 
ATOM   369  C CG2 . THR A 1 48  ? -14.498 7.816   -6.825  1.00 23.29 ? 48  THR A CG2 1 
ATOM   370  N N   . ALA A 1 49  ? -10.581 5.738   -6.438  1.00 17.60 ? 49  ALA A N   1 
ATOM   371  C CA  . ALA A 1 49  ? -9.288  5.400   -5.849  1.00 20.03 ? 49  ALA A CA  1 
ATOM   372  C C   . ALA A 1 49  ? -9.148  5.943   -4.434  1.00 21.55 ? 49  ALA A C   1 
ATOM   373  O O   . ALA A 1 49  ? -8.785  5.171   -3.532  1.00 22.58 ? 49  ALA A O   1 
ATOM   374  C CB  . ALA A 1 49  ? -8.161  5.899   -6.756  1.00 18.36 ? 49  ALA A CB  1 
ATOM   375  N N   . PRO A 1 50  ? -9.409  7.227   -4.167  1.00 19.74 ? 50  PRO A N   1 
ATOM   376  C CA  . PRO A 1 50  ? -9.328  7.701   -2.774  1.00 22.28 ? 50  PRO A CA  1 
ATOM   377  C C   . PRO A 1 50  ? -10.249 6.945   -1.835  1.00 26.54 ? 50  PRO A C   1 
ATOM   378  O O   . PRO A 1 50  ? -9.869  6.673   -0.688  1.00 24.80 ? 50  PRO A O   1 
ATOM   379  C CB  . PRO A 1 50  ? -9.717  9.183   -2.889  1.00 20.93 ? 50  PRO A CB  1 
ATOM   380  C CG  . PRO A 1 50  ? -9.413  9.545   -4.308  1.00 28.96 ? 50  PRO A CG  1 
ATOM   381  C CD  . PRO A 1 50  ? -9.707  8.315   -5.111  1.00 18.88 ? 50  PRO A CD  1 
ATOM   382  N N   . GLN A 1 51  ? -11.457 6.600   -2.286  1.00 24.31 ? 51  GLN A N   1 
ATOM   383  C CA  . GLN A 1 51  ? -12.361 5.813   -1.454  1.00 25.26 ? 51  GLN A CA  1 
ATOM   384  C C   . GLN A 1 51  ? -11.750 4.459   -1.120  1.00 26.16 ? 51  GLN A C   1 
ATOM   385  O O   . GLN A 1 51  ? -11.778 4.018   0.034   1.00 23.33 ? 51  GLN A O   1 
ATOM   386  C CB  . GLN A 1 51  ? -13.707 5.634   -2.156  1.00 25.20 ? 51  GLN A CB  1 
ATOM   387  C CG  . GLN A 1 51  ? -14.523 6.905   -2.307  1.00 26.48 ? 51  GLN A CG  1 
ATOM   388  C CD  . GLN A 1 51  ? -15.730 6.707   -3.205  1.00 29.97 ? 51  GLN A CD  1 
ATOM   389  O OE1 . GLN A 1 51  ? -15.854 5.683   -3.878  1.00 25.49 ? 51  GLN A OE1 1 
ATOM   390  N NE2 . GLN A 1 51  ? -16.628 7.687   -3.219  1.00 33.52 ? 51  GLN A NE2 1 
ATOM   391  N N   . ALA A 1 52  ? -11.192 3.782   -2.127  1.00 26.18 ? 52  ALA A N   1 
ATOM   392  C CA  . ALA A 1 52  ? -10.559 2.490   -1.887  1.00 23.41 ? 52  ALA A CA  1 
ATOM   393  C C   . ALA A 1 52  ? -9.351  2.630   -0.970  1.00 25.35 ? 52  ALA A C   1 
ATOM   394  O O   . ALA A 1 52  ? -9.120  1.782   -0.099  1.00 25.96 ? 52  ALA A O   1 
ATOM   395  C CB  . ALA A 1 52  ? -10.156 1.850   -3.214  1.00 24.43 ? 52  ALA A CB  1 
ATOM   396  N N   . ALA A 1 53  ? -8.565  3.692   -1.153  1.00 22.89 ? 53  ALA A N   1 
ATOM   397  C CA  . ALA A 1 53  ? -7.406  3.912   -0.295  1.00 20.67 ? 53  ALA A CA  1 
ATOM   398  C C   . ALA A 1 53  ? -7.820  4.017   1.168   1.00 27.71 ? 53  ALA A C   1 
ATOM   399  O O   . ALA A 1 53  ? -7.255  3.342   2.036   1.00 25.13 ? 53  ALA A O   1 
ATOM   400  C CB  . ALA A 1 53  ? -6.658  5.170   -0.738  1.00 22.65 ? 53  ALA A CB  1 
ATOM   401  N N   . MET A 1 54  ? -8.812  4.861   1.461   1.00 26.00 ? 54  MET A N   1 
ATOM   402  C CA  . MET A 1 54  ? -9.262  4.998   2.842   1.00 28.88 ? 54  MET A CA  1 
ATOM   403  C C   . MET A 1 54  ? -9.874  3.708   3.368   1.00 27.93 ? 54  MET A C   1 
ATOM   404  O O   . MET A 1 54  ? -9.769  3.418   4.565   1.00 25.61 ? 54  MET A O   1 
ATOM   405  C CB  . MET A 1 54  ? -10.265 6.144   2.963   1.00 27.42 ? 54  MET A CB  1 
ATOM   406  C CG  . MET A 1 54  ? -9.670  7.517   2.715   1.00 36.44 ? 54  MET A CG  1 
ATOM   407  S SD  . MET A 1 54  ? -10.733 8.830   3.339   1.00 57.32 ? 54  MET A SD  1 
ATOM   408  C CE  . MET A 1 54  ? -12.269 8.444   2.503   1.00 32.28 ? 54  MET A CE  1 
ATOM   409  N N   . ARG A 1 55  ? -10.518 2.925   2.500   1.00 29.28 ? 55  ARG A N   1 
ATOM   410  C CA  . ARG A 1 55  ? -11.105 1.665   2.944   1.00 29.88 ? 55  ARG A CA  1 
ATOM   411  C C   . ARG A 1 55  ? -10.025 0.648   3.288   1.00 29.03 ? 55  ARG A C   1 
ATOM   412  O O   . ARG A 1 55  ? -10.090 -0.015  4.330   1.00 25.26 ? 55  ARG A O   1 
ATOM   413  C CB  . ARG A 1 55  ? -12.044 1.112   1.870   1.00 27.20 ? 55  ARG A CB  1 
ATOM   414  C CG  . ARG A 1 55  ? -12.573 -0.277  2.188   1.00 27.05 ? 55  ARG A CG  1 
ATOM   415  C CD  . ARG A 1 55  ? -13.494 -0.791  1.096   1.00 28.73 ? 55  ARG A CD  1 
ATOM   416  N NE  . ARG A 1 55  ? -12.881 -0.686  -0.223  1.00 28.43 ? 55  ARG A NE  1 
ATOM   417  C CZ  . ARG A 1 55  ? -11.910 -1.480  -0.658  1.00 27.28 ? 55  ARG A CZ  1 
ATOM   418  N NH1 . ARG A 1 55  ? -11.432 -2.438  0.126   1.00 25.42 ? 55  ARG A NH1 1 
ATOM   419  N NH2 . ARG A 1 55  ? -11.414 -1.313  -1.875  1.00 27.39 ? 55  ARG A NH2 1 
ATOM   420  N N   . GLU A 1 56  ? -9.019  0.511   2.419   1.00 26.62 ? 56  GLU A N   1 
ATOM   421  C CA  . GLU A 1 56  ? -7.940  -0.436  2.683   1.00 25.71 ? 56  GLU A CA  1 
ATOM   422  C C   . GLU A 1 56  ? -7.173  -0.062  3.944   1.00 27.18 ? 56  GLU A C   1 
ATOM   423  O O   . GLU A 1 56  ? -6.832  -0.934  4.753   1.00 25.59 ? 56  GLU A O   1 
ATOM   424  C CB  . GLU A 1 56  ? -6.999  -0.504  1.482   1.00 25.49 ? 56  GLU A CB  1 
ATOM   425  C CG  . GLU A 1 56  ? -7.598  -1.205  0.278   1.00 21.94 ? 56  GLU A CG  1 
ATOM   426  C CD  . GLU A 1 56  ? -7.919  -2.660  0.560   1.00 27.31 ? 56  GLU A CD  1 
ATOM   427  O OE1 . GLU A 1 56  ? -7.475  -3.174  1.607   1.00 30.72 ? 56  GLU A OE1 1 
ATOM   428  O OE2 . GLU A 1 56  ? -8.615  -3.288  -0.265  1.00 32.51 ? 56  GLU A OE2 1 
ATOM   429  N N   . VAL A 1 57  ? -6.883  1.228   4.125   1.00 21.67 ? 57  VAL A N   1 
ATOM   430  C CA  . VAL A 1 57  ? -6.190  1.667   5.333   1.00 25.46 ? 57  VAL A CA  1 
ATOM   431  C C   . VAL A 1 57  ? -6.986  1.274   6.570   1.00 25.48 ? 57  VAL A C   1 
ATOM   432  O O   . VAL A 1 57  ? -6.421  0.814   7.571   1.00 25.50 ? 57  VAL A O   1 
ATOM   433  C CB  . VAL A 1 57  ? -5.932  3.185   5.277   1.00 26.47 ? 57  VAL A CB  1 
ATOM   434  C CG1 . VAL A 1 57  ? -5.354  3.677   6.597   1.00 25.47 ? 57  VAL A CG1 1 
ATOM   435  C CG2 . VAL A 1 57  ? -4.997  3.520   4.124   1.00 24.63 ? 57  VAL A CG2 1 
ATOM   436  N N   . LYS A 1 58  ? -8.310  1.434   6.518   1.00 26.03 ? 58  LYS A N   1 
ATOM   437  C CA  . LYS A 1 58  ? -9.146  1.071   7.655   1.00 30.33 ? 58  LYS A CA  1 
ATOM   438  C C   . LYS A 1 58  ? -9.263  -0.440  7.819   1.00 30.46 ? 58  LYS A C   1 
ATOM   439  O O   . LYS A 1 58  ? -9.329  -0.934  8.950   1.00 30.68 ? 58  LYS A O   1 
ATOM   440  C CB  . LYS A 1 58  ? -10.535 1.691   7.504   1.00 32.25 ? 58  LYS A CB  1 
ATOM   441  C CG  . LYS A 1 58  ? -11.469 1.419   8.671   1.00 36.12 ? 58  LYS A CG  1 
ATOM   442  C CD  . LYS A 1 58  ? -12.791 2.155   8.509   1.00 36.73 ? 58  LYS A CD  1 
ATOM   443  C CE  . LYS A 1 58  ? -13.710 1.899   9.694   1.00 48.07 ? 58  LYS A CE  1 
ATOM   444  N NZ  . LYS A 1 58  ? -14.976 2.673   9.585   1.00 44.13 ? 58  LYS A NZ  1 
ATOM   445  N N   . GLU A 1 59  ? -9.284  -1.186  6.712   1.00 26.69 ? 59  GLU A N   1 
ATOM   446  C CA  . GLU A 1 59  ? -9.464  -2.631  6.795   1.00 30.16 ? 59  GLU A CA  1 
ATOM   447  C C   . GLU A 1 59  ? -8.159  -3.350  7.122   1.00 28.50 ? 59  GLU A C   1 
ATOM   448  O O   . GLU A 1 59  ? -8.162  -4.323  7.882   1.00 32.86 ? 59  GLU A O   1 
ATOM   449  C CB  . GLU A 1 59  ? -10.053 -3.161  5.486   1.00 30.07 ? 59  GLU A CB  1 
ATOM   450  C CG  . GLU A 1 59  ? -11.484 -2.716  5.224   1.00 33.66 ? 59  GLU A CG  1 
ATOM   451  C CD  . GLU A 1 59  ? -12.025 -3.210  3.892   1.00 38.46 ? 59  GLU A CD  1 
ATOM   452  O OE1 . GLU A 1 59  ? -11.225 -3.671  3.049   1.00 37.90 ? 59  GLU A OE1 1 
ATOM   453  O OE2 . GLU A 1 59  ? -13.256 -3.139  3.687   1.00 35.28 ? 59  GLU A OE2 1 
ATOM   454  N N   . GLU A 1 60  ? -7.038  -2.885  6.573   1.00 26.09 ? 60  GLU A N   1 
ATOM   455  C CA  . GLU A 1 60  ? -5.784  -3.617  6.720   1.00 26.00 ? 60  GLU A CA  1 
ATOM   456  C C   . GLU A 1 60  ? -5.002  -3.225  7.969   1.00 27.23 ? 60  GLU A C   1 
ATOM   457  O O   . GLU A 1 60  ? -4.431  -4.098  8.630   1.00 28.00 ? 60  GLU A O   1 
ATOM   458  C CB  . GLU A 1 60  ? -4.910  -3.420  5.480   1.00 23.83 ? 60  GLU A CB  1 
ATOM   459  C CG  . GLU A 1 60  ? -5.457  -4.096  4.235   1.00 33.64 ? 60  GLU A CG  1 
ATOM   460  C CD  . GLU A 1 60  ? -4.432  -4.191  3.126   1.00 39.46 ? 60  GLU A CD  1 
ATOM   461  O OE1 . GLU A 1 60  ? -3.472  -3.393  3.138   1.00 39.83 ? 60  GLU A OE1 1 
ATOM   462  O OE2 . GLU A 1 60  ? -4.583  -5.066  2.248   1.00 41.27 ? 60  GLU A OE2 1 
ATOM   463  N N   . VAL A 1 61  ? -4.952  -1.938  8.309   1.00 27.73 ? 61  VAL A N   1 
ATOM   464  C CA  . VAL A 1 61  ? -4.172  -1.465  9.446   1.00 25.27 ? 61  VAL A CA  1 
ATOM   465  C C   . VAL A 1 61  ? -5.029  -0.813  10.520  1.00 26.98 ? 61  VAL A C   1 
ATOM   466  O O   . VAL A 1 61  ? -4.483  -0.278  11.489  1.00 28.14 ? 61  VAL A O   1 
ATOM   467  C CB  . VAL A 1 61  ? -3.052  -0.501  9.001   1.00 31.75 ? 61  VAL A CB  1 
ATOM   468  C CG1 . VAL A 1 61  ? -2.079  -1.209  8.062   1.00 33.29 ? 61  VAL A CG1 1 
ATOM   469  C CG2 . VAL A 1 61  ? -3.642  0.733   8.340   1.00 29.34 ? 61  VAL A CG2 1 
ATOM   470  N N   . THR A 1 62  ? -6.354  -0.834  10.376  1.00 27.96 ? 62  THR A N   1 
ATOM   471  C CA  . THR A 1 62  ? -7.269  -0.364  11.417  1.00 28.54 ? 62  THR A CA  1 
ATOM   472  C C   . THR A 1 62  ? -7.018  1.105   11.763  1.00 30.49 ? 62  THR A C   1 
ATOM   473  O O   . THR A 1 62  ? -6.996  1.498   12.931  1.00 31.23 ? 62  THR A O   1 
ATOM   474  C CB  . THR A 1 62  ? -7.166  -1.241  12.667  1.00 30.44 ? 62  THR A CB  1 
ATOM   475  O OG1 . THR A 1 62  ? -7.194  -2.623  12.292  1.00 37.14 ? 62  THR A OG1 1 
ATOM   476  C CG2 . THR A 1 62  ? -8.324  -0.958  13.611  1.00 31.85 ? 62  THR A CG2 1 
ATOM   477  N N   . ILE A 1 63  ? -6.828  1.923   10.733  1.00 28.52 ? 63  ILE A N   1 
ATOM   478  C CA  . ILE A 1 63  ? -6.621  3.359   10.895  1.00 25.78 ? 63  ILE A CA  1 
ATOM   479  C C   . ILE A 1 63  ? -7.767  4.068   10.189  1.00 29.02 ? 63  ILE A C   1 
ATOM   480  O O   . ILE A 1 63  ? -7.882  4.001   8.957   1.00 28.93 ? 63  ILE A O   1 
ATOM   481  C CB  . ILE A 1 63  ? -5.262  3.816   10.349  1.00 25.05 ? 63  ILE A CB  1 
ATOM   482  C CG1 . ILE A 1 63  ? -4.129  3.291   11.236  1.00 25.72 ? 63  ILE A CG1 1 
ATOM   483  C CG2 . ILE A 1 63  ? -5.209  5.335   10.257  1.00 30.28 ? 63  ILE A CG2 1 
ATOM   484  C CD1 . ILE A 1 63  ? -2.747  3.690   10.766  1.00 23.54 ? 63  ILE A CD1 1 
ATOM   485  N N   . ASP A 1 64  ? -8.617  4.739   10.962  1.00 26.62 ? 64  ASP A N   1 
ATOM   486  C CA  . ASP A 1 64  ? -9.752  5.484   10.422  1.00 29.19 ? 64  ASP A CA  1 
ATOM   487  C C   . ASP A 1 64  ? -9.280  6.905   10.140  1.00 34.49 ? 64  ASP A C   1 
ATOM   488  O O   . ASP A 1 64  ? -9.164  7.728   11.052  1.00 29.70 ? 64  ASP A O   1 
ATOM   489  C CB  . ASP A 1 64  ? -10.927 5.458   11.394  1.00 31.36 ? 64  ASP A CB  1 
ATOM   490  C CG  . ASP A 1 64  ? -12.228 5.908   10.756  1.00 29.31 ? 64  ASP A CG  1 
ATOM   491  O OD1 . ASP A 1 64  ? -12.183 6.683   9.776   1.00 27.83 ? 64  ASP A OD1 1 
ATOM   492  O OD2 . ASP A 1 64  ? -13.301 5.486   11.238  1.00 29.82 ? 64  ASP A OD2 1 
ATOM   493  N N   . VAL A 1 65  ? -9.001  7.193   8.867   1.00 30.27 ? 65  VAL A N   1 
ATOM   494  C CA  . VAL A 1 65  ? -8.452  8.495   8.500   1.00 28.51 ? 65  VAL A CA  1 
ATOM   495  C C   . VAL A 1 65  ? -9.469  9.601   8.750   1.00 33.39 ? 65  VAL A C   1 
ATOM   496  O O   . VAL A 1 65  ? -9.108  10.719  9.139   1.00 31.31 ? 65  VAL A O   1 
ATOM   497  C CB  . VAL A 1 65  ? -7.985  8.476   7.033   1.00 28.32 ? 65  VAL A CB  1 
ATOM   498  C CG1 . VAL A 1 65  ? -9.123  8.036   6.127   1.00 31.10 ? 65  VAL A CG1 1 
ATOM   499  C CG2 . VAL A 1 65  ? -7.466  9.844   6.625   1.00 33.66 ? 65  VAL A CG2 1 
ATOM   500  N N   . VAL A 1 66  ? -10.752 9.317   8.525   1.00 32.78 ? 66  VAL A N   1 
ATOM   501  C CA  . VAL A 1 66  ? -11.779 10.328  8.757   1.00 35.80 ? 66  VAL A CA  1 
ATOM   502  C C   . VAL A 1 66  ? -11.948 10.584  10.248  1.00 33.46 ? 66  VAL A C   1 
ATOM   503  O O   . VAL A 1 66  ? -12.100 11.733  10.681  1.00 31.44 ? 66  VAL A O   1 
ATOM   504  C CB  . VAL A 1 66  ? -13.106 9.905   8.103   1.00 34.67 ? 66  VAL A CB  1 
ATOM   505  C CG1 . VAL A 1 66  ? -14.184 10.943  8.379   1.00 37.00 ? 66  VAL A CG1 1 
ATOM   506  C CG2 . VAL A 1 66  ? -12.920 9.708   6.608   1.00 39.19 ? 66  VAL A CG2 1 
ATOM   507  N N   . ALA A 1 67  ? -11.922 9.524   11.058  1.00 33.34 ? 67  ALA A N   1 
ATOM   508  C CA  . ALA A 1 67  ? -12.103 9.685   12.497  1.00 30.43 ? 67  ALA A CA  1 
ATOM   509  C C   . ALA A 1 67  ? -10.944 10.457  13.116  1.00 32.84 ? 67  ALA A C   1 
ATOM   510  O O   . ALA A 1 67  ? -11.155 11.372  13.922  1.00 32.78 ? 67  ALA A O   1 
ATOM   511  C CB  . ALA A 1 67  ? -12.260 8.318   13.162  1.00 29.68 ? 67  ALA A CB  1 
ATOM   512  N N   . GLU A 1 68  ? -9.713  10.101  12.754  1.00 33.46 ? 68  GLU A N   1 
ATOM   513  C CA  . GLU A 1 68  ? -8.533  10.775  13.278  1.00 31.12 ? 68  GLU A CA  1 
ATOM   514  C C   . GLU A 1 68  ? -8.220  12.078  12.558  1.00 29.17 ? 68  GLU A C   1 
ATOM   515  O O   . GLU A 1 68  ? -7.205  12.709  12.874  1.00 29.27 ? 68  GLU A O   1 
ATOM   516  C CB  . GLU A 1 68  ? -7.312  9.854   13.198  1.00 27.73 ? 68  GLU A CB  1 
ATOM   517  C CG  . GLU A 1 68  ? -7.468  8.535   13.934  1.00 33.00 ? 68  GLU A CG  1 
ATOM   518  C CD  . GLU A 1 68  ? -6.167  7.765   13.998  1.00 30.40 ? 68  GLU A CD  1 
ATOM   519  O OE1 . GLU A 1 68  ? -5.097  8.408   13.944  1.00 32.52 ? 68  GLU A OE1 1 
ATOM   520  O OE2 . GLU A 1 68  ? -6.212  6.523   14.096  1.00 33.71 ? 68  GLU A OE2 1 
ATOM   521  N N   . GLN A 1 69  ? -9.042  12.492  11.596  1.00 29.36 ? 69  GLN A N   1 
ATOM   522  C CA  . GLN A 1 69  ? -8.781  13.724  10.856  1.00 33.57 ? 69  GLN A CA  1 
ATOM   523  C C   . GLN A 1 69  ? -7.389  13.706  10.231  1.00 30.81 ? 69  GLN A C   1 
ATOM   524  O O   . GLN A 1 69  ? -6.726  14.740  10.119  1.00 29.03 ? 69  GLN A O   1 
ATOM   525  C CB  . GLN A 1 69  ? -8.949  14.953  11.752  1.00 35.09 ? 69  GLN A CB  1 
ATOM   526  C CG  . GLN A 1 69  ? -10.354 15.150  12.285  1.00 41.31 ? 69  GLN A CG  1 
ATOM   527  C CD  . GLN A 1 69  ? -10.461 16.350  13.205  1.00 48.61 ? 69  GLN A CD  1 
ATOM   528  O OE1 . GLN A 1 69  ? -9.782  17.361  13.015  1.00 46.65 ? 69  GLN A OE1 1 
ATOM   529  N NE2 . GLN A 1 69  ? -11.315 16.242  14.215  1.00 49.73 ? 69  GLN A NE2 1 
ATOM   530  N N   . LEU A 1 70  ? -6.926  12.522  9.845   1.00 32.59 ? 70  LEU A N   1 
ATOM   531  C CA  . LEU A 1 70  ? -5.695  12.423  9.082   1.00 29.19 ? 70  LEU A CA  1 
ATOM   532  C C   . LEU A 1 70  ? -5.947  12.870  7.645   1.00 28.67 ? 70  LEU A C   1 
ATOM   533  O O   . LEU A 1 70  ? -7.088  13.049  7.211   1.00 29.60 ? 70  LEU A O   1 
ATOM   534  C CB  . LEU A 1 70  ? -5.153  10.995  9.119   1.00 29.05 ? 70  LEU A CB  1 
ATOM   535  C CG  . LEU A 1 70  ? -4.778  10.460  10.502  1.00 26.73 ? 70  LEU A CG  1 
ATOM   536  C CD1 . LEU A 1 70  ? -4.401  8.990   10.421  1.00 28.71 ? 70  LEU A CD1 1 
ATOM   537  C CD2 . LEU A 1 70  ? -3.643  11.275  11.102  1.00 23.57 ? 70  LEU A CD2 1 
ATOM   538  N N   . THR A 1 71  ? -4.863  13.053  6.900   1.00 29.55 ? 71  THR A N   1 
ATOM   539  C CA  . THR A 1 71  ? -4.937  13.544  5.529   1.00 31.19 ? 71  THR A CA  1 
ATOM   540  C C   . THR A 1 71  ? -4.319  12.504  4.604   1.00 26.77 ? 71  THR A C   1 
ATOM   541  O O   . THR A 1 71  ? -3.104  12.276  4.643   1.00 25.43 ? 71  THR A O   1 
ATOM   542  C CB  . THR A 1 71  ? -4.232  14.890  5.388   1.00 37.19 ? 71  THR A CB  1 
ATOM   543  O OG1 . THR A 1 71  ? -4.791  15.821  6.323   1.00 33.00 ? 71  THR A OG1 1 
ATOM   544  C CG2 . THR A 1 71  ? -4.408  15.429  3.978   1.00 29.28 ? 71  THR A CG2 1 
ATOM   545  N N   . LEU A 1 72  ? -5.153  11.877  3.781   1.00 26.41 ? 72  LEU A N   1 
ATOM   546  C CA  . LEU A 1 72  ? -4.676  10.950  2.762   1.00 28.25 ? 72  LEU A CA  1 
ATOM   547  C C   . LEU A 1 72  ? -4.270  11.757  1.535   1.00 27.14 ? 72  LEU A C   1 
ATOM   548  O O   . LEU A 1 72  ? -5.118  12.372  0.879   1.00 27.11 ? 72  LEU A O   1 
ATOM   549  C CB  . LEU A 1 72  ? -5.757  9.929   2.422   1.00 30.41 ? 72  LEU A CB  1 
ATOM   550  C CG  . LEU A 1 72  ? -5.392  8.893   1.359   1.00 29.49 ? 72  LEU A CG  1 
ATOM   551  C CD1 . LEU A 1 72  ? -4.304  7.961   1.871   1.00 22.31 ? 72  LEU A CD1 1 
ATOM   552  C CD2 . LEU A 1 72  ? -6.624  8.111   0.936   1.00 31.83 ? 72  LEU A CD2 1 
ATOM   553  N N   . ILE A 1 73  ? -2.979  11.768  1.230   1.00 29.51 ? 73  ILE A N   1 
ATOM   554  C CA  . ILE A 1 73  ? -2.450  12.570  0.133   1.00 27.82 ? 73  ILE A CA  1 
ATOM   555  C C   . ILE A 1 73  ? -2.565  11.776  -1.161  1.00 30.02 ? 73  ILE A C   1 
ATOM   556  O O   . ILE A 1 73  ? -2.029  10.668  -1.272  1.00 24.84 ? 73  ILE A O   1 
ATOM   557  C CB  . ILE A 1 73  ? -0.996  12.984  0.395   1.00 29.29 ? 73  ILE A CB  1 
ATOM   558  C CG1 . ILE A 1 73  ? -0.913  13.870  1.640   1.00 33.43 ? 73  ILE A CG1 1 
ATOM   559  C CG2 . ILE A 1 73  ? -0.425  13.704  -0.819  1.00 30.40 ? 73  ILE A CG2 1 
ATOM   560  C CD1 . ILE A 1 73  ? 0.488   14.331  1.969   1.00 40.87 ? 73  ILE A CD1 1 
ATOM   561  N N   . ASP A 1 74  ? -3.272  12.340  -2.136  1.00 25.53 ? 74  ASP A N   1 
ATOM   562  C CA  . ASP A 1 74  ? -3.312  11.782  -3.481  1.00 27.96 ? 74  ASP A CA  1 
ATOM   563  C C   . ASP A 1 74  ? -2.030  12.187  -4.196  1.00 26.64 ? 74  ASP A C   1 
ATOM   564  O O   . ASP A 1 74  ? -1.821  13.369  -4.488  1.00 30.84 ? 74  ASP A O   1 
ATOM   565  C CB  . ASP A 1 74  ? -4.549  12.276  -4.227  1.00 28.29 ? 74  ASP A CB  1 
ATOM   566  C CG  . ASP A 1 74  ? -4.773  11.547  -5.538  1.00 32.87 ? 74  ASP A CG  1 
ATOM   567  O OD1 . ASP A 1 74  ? -3.789  11.041  -6.118  1.00 30.27 ? 74  ASP A OD1 1 
ATOM   568  O OD2 . ASP A 1 74  ? -5.937  11.482  -5.989  1.00 32.54 ? 74  ASP A OD2 1 
ATOM   569  N N   . CYS A 1 75  ? -1.161  11.212  -4.468  1.00 25.47 ? 75  CYS A N   1 
ATOM   570  C CA  . CYS A 1 75  ? 0.118   11.516  -5.099  1.00 25.60 ? 75  CYS A CA  1 
ATOM   571  C C   . CYS A 1 75  ? -0.020  11.914  -6.559  1.00 29.48 ? 75  CYS A C   1 
ATOM   572  O O   . CYS A 1 75  ? 0.955   12.402  -7.142  1.00 26.79 ? 75  CYS A O   1 
ATOM   573  C CB  . CYS A 1 75  ? 1.060   10.316  -4.991  1.00 26.39 ? 75  CYS A CB  1 
ATOM   574  S SG  . CYS A 1 75  ? 1.422   9.791   -3.304  1.00 29.21 ? 75  CYS A SG  1 
ATOM   575  N N   A GLN A 1 76  ? -1.199  11.730  -7.156  0.50 27.87 ? 76  GLN A N   1 
ATOM   576  N N   B GLN A 1 76  ? -1.184  11.714  -7.173  0.50 27.88 ? 76  GLN A N   1 
ATOM   577  C CA  A GLN A 1 76  ? -1.408  12.003  -8.576  0.50 29.49 ? 76  GLN A CA  1 
ATOM   578  C CA  B GLN A 1 76  ? -1.364  12.033  -8.587  0.50 29.55 ? 76  GLN A CA  1 
ATOM   579  C C   A GLN A 1 76  ? -0.389  11.252  -9.429  0.50 31.55 ? 76  GLN A C   1 
ATOM   580  C C   B GLN A 1 76  ? -0.382  11.245  -9.450  0.50 31.56 ? 76  GLN A C   1 
ATOM   581  O O   A GLN A 1 76  ? 0.191   11.794  -10.373 0.50 29.60 ? 76  GLN A O   1 
ATOM   582  O O   B GLN A 1 76  ? 0.171   11.755  -10.427 0.50 29.60 ? 76  GLN A O   1 
ATOM   583  C CB  A GLN A 1 76  ? -1.365  13.506  -8.862  0.50 30.93 ? 76  GLN A CB  1 
ATOM   584  C CB  B GLN A 1 76  ? -1.226  13.537  -8.832  0.50 30.95 ? 76  GLN A CB  1 
ATOM   585  C CG  A GLN A 1 76  ? -2.545  14.274  -8.294  0.50 30.61 ? 76  GLN A CG  1 
ATOM   586  C CG  B GLN A 1 76  ? -2.318  14.356  -8.176  0.50 30.63 ? 76  GLN A CG  1 
ATOM   587  C CD  A GLN A 1 76  ? -2.552  15.733  -8.710  0.50 33.07 ? 76  GLN A CD  1 
ATOM   588  C CD  B GLN A 1 76  ? -3.708  13.935  -8.621  0.50 31.88 ? 76  GLN A CD  1 
ATOM   589  O OE1 A GLN A 1 76  ? -1.597  16.224  -9.313  0.50 31.17 ? 76  GLN A OE1 1 
ATOM   590  O OE1 B GLN A 1 76  ? -3.894  13.414  -9.721  0.50 34.02 ? 76  GLN A OE1 1 
ATOM   591  N NE2 A GLN A 1 76  ? -3.634  16.433  -8.391  0.50 30.84 ? 76  GLN A NE2 1 
ATOM   592  N NE2 B GLN A 1 76  ? -4.693  14.161  -7.764  0.50 34.36 ? 76  GLN A NE2 1 
ATOM   593  N N   . ARG A 1 77  ? -0.164  9.986   -9.084  1.00 31.32 ? 77  ARG A N   1 
ATOM   594  C CA  . ARG A 1 77  ? 0.753   9.115   -9.805  1.00 27.31 ? 77  ARG A CA  1 
ATOM   595  C C   . ARG A 1 77  ? 0.081   7.770   -10.024 1.00 27.09 ? 77  ARG A C   1 
ATOM   596  O O   . ARG A 1 77  ? -0.459  7.178   -9.084  1.00 22.37 ? 77  ARG A O   1 
ATOM   597  C CB  . ARG A 1 77  ? 2.068   8.930   -9.041  1.00 28.51 ? 77  ARG A CB  1 
ATOM   598  C CG  . ARG A 1 77  ? 2.974   10.151  -9.045  1.00 37.06 ? 77  ARG A CG  1 
ATOM   599  C CD  . ARG A 1 77  ? 3.590   10.376  -10.418 1.00 39.68 ? 77  ARG A CD  1 
ATOM   600  N NE  . ARG A 1 77  ? 4.225   9.166   -10.934 1.00 42.89 ? 77  ARG A NE  1 
ATOM   601  C CZ  . ARG A 1 77  ? 5.466   8.788   -10.642 1.00 43.16 ? 77  ARG A CZ  1 
ATOM   602  N NH1 . ARG A 1 77  ? 6.214   9.525   -9.832  1.00 42.18 ? 77  ARG A NH1 1 
ATOM   603  N NH2 . ARG A 1 77  ? 5.959   7.670   -11.159 1.00 39.89 ? 77  ARG A NH2 1 
ATOM   604  N N   . THR A 1 78  ? 0.111   7.297   -11.265 1.00 25.02 ? 78  THR A N   1 
ATOM   605  C CA  . THR A 1 78  ? -0.443  6.002   -11.626 1.00 26.97 ? 78  THR A CA  1 
ATOM   606  C C   . THR A 1 78  ? 0.595   5.241   -12.432 1.00 29.58 ? 78  THR A C   1 
ATOM   607  O O   . THR A 1 78  ? 1.208   5.799   -13.348 1.00 27.08 ? 78  THR A O   1 
ATOM   608  C CB  . THR A 1 78  ? -1.742  6.158   -12.424 1.00 31.79 ? 78  THR A CB  1 
ATOM   609  O OG1 . THR A 1 78  ? -2.799  6.570   -11.543 1.00 29.13 ? 78  THR A OG1 1 
ATOM   610  C CG2 . THR A 1 78  ? -2.121  4.846   -13.088 1.00 33.03 ? 78  THR A CG2 1 
ATOM   611  N N   . VAL A 1 79  ? 0.801   3.973   -12.080 1.00 23.69 ? 79  VAL A N   1 
ATOM   612  C CA  . VAL A 1 79  ? 1.765   3.121   -12.760 1.00 21.54 ? 79  VAL A CA  1 
ATOM   613  C C   . VAL A 1 79  ? 1.098   1.792   -13.085 1.00 20.74 ? 79  VAL A C   1 
ATOM   614  O O   . VAL A 1 79  ? 0.106   1.397   -12.467 1.00 23.35 ? 79  VAL A O   1 
ATOM   615  C CB  . VAL A 1 79  ? 3.043   2.893   -11.922 1.00 21.94 ? 79  VAL A CB  1 
ATOM   616  C CG1 . VAL A 1 79  ? 3.662   4.223   -11.524 1.00 25.99 ? 79  VAL A CG1 1 
ATOM   617  C CG2 . VAL A 1 79  ? 2.732   2.051   -10.694 1.00 22.01 ? 79  VAL A CG2 1 
ATOM   618  N N   . GLU A 1 80  ? 1.661   1.101   -14.070 1.00 16.87 ? 80  GLU A N   1 
ATOM   619  C CA  . GLU A 1 80  ? 1.190   -0.212  -14.486 1.00 18.05 ? 80  GLU A CA  1 
ATOM   620  C C   . GLU A 1 80  ? 2.355   -1.188  -14.439 1.00 22.77 ? 80  GLU A C   1 
ATOM   621  O O   . GLU A 1 80  ? 3.455   -0.869  -14.902 1.00 21.95 ? 80  GLU A O   1 
ATOM   622  C CB  . GLU A 1 80  ? 0.590   -0.170  -15.895 1.00 18.98 ? 80  GLU A CB  1 
ATOM   623  C CG  . GLU A 1 80  ? 0.226   -1.542  -16.439 1.00 21.47 ? 80  GLU A CG  1 
ATOM   624  C CD  . GLU A 1 80  ? -0.302  -1.492  -17.857 1.00 24.75 ? 80  GLU A CD  1 
ATOM   625  O OE1 . GLU A 1 80  ? -0.923  -0.474  -18.229 1.00 34.83 ? 80  GLU A OE1 1 
ATOM   626  O OE2 . GLU A 1 80  ? -0.092  -2.471  -18.602 1.00 29.00 ? 80  GLU A OE2 1 
ATOM   627  N N   . PHE A 1 81  ? 2.115   -2.373  -13.880 1.00 20.00 ? 81  PHE A N   1 
ATOM   628  C CA  . PHE A 1 81  ? 3.165   -3.368  -13.748 1.00 21.20 ? 81  PHE A CA  1 
ATOM   629  C C   . PHE A 1 81  ? 2.600   -4.759  -13.993 1.00 22.51 ? 81  PHE A C   1 
ATOM   630  O O   . PHE A 1 81  ? 1.390   -4.989  -13.919 1.00 19.48 ? 81  PHE A O   1 
ATOM   631  C CB  . PHE A 1 81  ? 3.845   -3.298  -12.370 1.00 24.42 ? 81  PHE A CB  1 
ATOM   632  C CG  . PHE A 1 81  ? 2.900   -3.441  -11.204 1.00 25.67 ? 81  PHE A CG  1 
ATOM   633  C CD1 . PHE A 1 81  ? 2.444   -4.689  -10.809 1.00 23.71 ? 81  PHE A CD1 1 
ATOM   634  C CD2 . PHE A 1 81  ? 2.494   -2.328  -10.483 1.00 22.87 ? 81  PHE A CD2 1 
ATOM   635  C CE1 . PHE A 1 81  ? 1.586   -4.824  -9.731  1.00 21.82 ? 81  PHE A CE1 1 
ATOM   636  C CE2 . PHE A 1 81  ? 1.638   -2.459  -9.404  1.00 25.75 ? 81  PHE A CE2 1 
ATOM   637  C CZ  . PHE A 1 81  ? 1.182   -3.709  -9.029  1.00 24.51 ? 81  PHE A CZ  1 
ATOM   638  N N   . GLU A 1 82  ? 3.504   -5.687  -14.293 1.00 20.06 ? 82  GLU A N   1 
ATOM   639  C CA  . GLU A 1 82  ? 3.127   -7.082  -14.471 1.00 16.96 ? 82  GLU A CA  1 
ATOM   640  C C   . GLU A 1 82  ? 2.800   -7.708  -13.122 1.00 18.85 ? 82  GLU A C   1 
ATOM   641  O O   . GLU A 1 82  ? 3.597   -7.634  -12.182 1.00 19.69 ? 82  GLU A O   1 
ATOM   642  C CB  . GLU A 1 82  ? 4.258   -7.850  -15.150 1.00 20.03 ? 82  GLU A CB  1 
ATOM   643  C CG  . GLU A 1 82  ? 3.980   -9.330  -15.357 1.00 18.11 ? 82  GLU A CG  1 
ATOM   644  C CD  . GLU A 1 82  ? 3.083   -9.595  -16.550 1.00 22.94 ? 82  GLU A CD  1 
ATOM   645  O OE1 . GLU A 1 82  ? 2.788   -8.640  -17.300 1.00 18.55 ? 82  GLU A OE1 1 
ATOM   646  O OE2 . GLU A 1 82  ? 2.677   -10.764 -16.739 1.00 20.25 ? 82  GLU A OE2 1 
ATOM   647  N N   . ILE A 1 83  ? 1.618   -8.318  -13.021 1.00 15.12 ? 83  ILE A N   1 
ATOM   648  C CA  . ILE A 1 83  ? 1.274   -9.064  -11.819 1.00 22.34 ? 83  ILE A CA  1 
ATOM   649  C C   . ILE A 1 83  ? 2.238   -10.230 -11.667 1.00 19.03 ? 83  ILE A C   1 
ATOM   650  O O   . ILE A 1 83  ? 2.505   -10.962 -12.627 1.00 17.21 ? 83  ILE A O   1 
ATOM   651  C CB  . ILE A 1 83  ? -0.183  -9.545  -11.887 1.00 21.64 ? 83  ILE A CB  1 
ATOM   652  C CG1 . ILE A 1 83  ? -1.136  -8.356  -12.030 1.00 20.70 ? 83  ILE A CG1 1 
ATOM   653  C CG2 . ILE A 1 83  ? -0.533  -10.371 -10.657 1.00 19.53 ? 83  ILE A CG2 1 
ATOM   654  C CD1 . ILE A 1 83  ? -2.585  -8.759  -12.220 1.00 23.56 ? 83  ILE A CD1 1 
ATOM   655  N N   . PHE A 1 84  ? 2.773   -10.404 -10.458 1.00 21.52 ? 84  PHE A N   1 
ATOM   656  C CA  . PHE A 1 84  ? 3.680   -11.514 -10.197 1.00 22.83 ? 84  PHE A CA  1 
ATOM   657  C C   . PHE A 1 84  ? 3.052   -12.832 -10.632 1.00 20.30 ? 84  PHE A C   1 
ATOM   658  O O   . PHE A 1 84  ? 1.881   -13.101 -10.355 1.00 20.50 ? 84  PHE A O   1 
ATOM   659  C CB  . PHE A 1 84  ? 4.043   -11.572 -8.711  1.00 20.48 ? 84  PHE A CB  1 
ATOM   660  C CG  . PHE A 1 84  ? 5.056   -10.546 -8.292  1.00 24.45 ? 84  PHE A CG  1 
ATOM   661  C CD1 . PHE A 1 84  ? 5.888   -9.950  -9.225  1.00 24.49 ? 84  PHE A CD1 1 
ATOM   662  C CD2 . PHE A 1 84  ? 5.185   -10.186 -6.963  1.00 23.49 ? 84  PHE A CD2 1 
ATOM   663  C CE1 . PHE A 1 84  ? 6.822   -9.009  -8.841  1.00 29.29 ? 84  PHE A CE1 1 
ATOM   664  C CE2 . PHE A 1 84  ? 6.119   -9.245  -6.571  1.00 30.46 ? 84  PHE A CE2 1 
ATOM   665  C CZ  . PHE A 1 84  ? 6.938   -8.655  -7.512  1.00 26.77 ? 84  PHE A CZ  1 
ATOM   666  N N   . SER A 1 85  ? 3.848   -13.654 -11.321 1.00 17.86 ? 85  SER A N   1 
ATOM   667  C CA  . SER A 1 85  ? 3.342   -14.922 -11.841 1.00 19.00 ? 85  SER A CA  1 
ATOM   668  C C   . SER A 1 85  ? 2.683   -15.752 -10.747 1.00 23.17 ? 85  SER A C   1 
ATOM   669  O O   . SER A 1 85  ? 1.586   -16.289 -10.942 1.00 25.88 ? 85  SER A O   1 
ATOM   670  C CB  . SER A 1 85  ? 4.477   -15.709 -12.494 1.00 22.82 ? 85  SER A CB  1 
ATOM   671  O OG  . SER A 1 85  ? 5.020   -15.005 -13.598 1.00 32.33 ? 85  SER A OG  1 
ATOM   672  N N   . HIS A 1 86  ? 3.333   -15.869 -9.588  1.00 21.85 ? 86  HIS A N   1 
ATOM   673  C CA  . HIS A 1 86  ? 2.800   -16.692 -8.508  1.00 21.26 ? 86  HIS A CA  1 
ATOM   674  C C   . HIS A 1 86  ? 1.605   -16.059 -7.807  1.00 26.79 ? 86  HIS A C   1 
ATOM   675  O O   . HIS A 1 86  ? 1.019   -16.700 -6.928  1.00 26.57 ? 86  HIS A O   1 
ATOM   676  C CB  . HIS A 1 86  ? 3.897   -17.003 -7.487  1.00 22.87 ? 86  HIS A CB  1 
ATOM   677  C CG  . HIS A 1 86  ? 4.499   -15.791 -6.848  1.00 28.58 ? 86  HIS A CG  1 
ATOM   678  N ND1 . HIS A 1 86  ? 5.470   -15.031 -7.462  1.00 26.42 ? 86  HIS A ND1 1 
ATOM   679  C CD2 . HIS A 1 86  ? 4.278   -15.216 -5.642  1.00 27.50 ? 86  HIS A CD2 1 
ATOM   680  C CE1 . HIS A 1 86  ? 5.816   -14.034 -6.667  1.00 27.50 ? 86  HIS A CE1 1 
ATOM   681  N NE2 . HIS A 1 86  ? 5.107   -14.124 -5.555  1.00 30.03 ? 86  HIS A NE2 1 
ATOM   682  N N   . LEU A 1 87  ? 1.227   -14.833 -8.167  1.00 23.92 ? 87  LEU A N   1 
ATOM   683  C CA  . LEU A 1 87  ? 0.068   -14.175 -7.586  1.00 22.59 ? 87  LEU A CA  1 
ATOM   684  C C   . LEU A 1 87  ? -1.043  -13.900 -8.591  1.00 26.91 ? 87  LEU A C   1 
ATOM   685  O O   . LEU A 1 87  ? -2.121  -13.451 -8.184  1.00 27.72 ? 87  LEU A O   1 
ATOM   686  C CB  . LEU A 1 87  ? 0.483   -12.850 -6.926  1.00 22.58 ? 87  LEU A CB  1 
ATOM   687  C CG  . LEU A 1 87  ? 1.508   -12.957 -5.794  1.00 27.42 ? 87  LEU A CG  1 
ATOM   688  C CD1 . LEU A 1 87  ? 1.973   -11.580 -5.346  1.00 27.88 ? 87  LEU A CD1 1 
ATOM   689  C CD2 . LEU A 1 87  ? 0.925   -13.733 -4.624  1.00 23.44 ? 87  LEU A CD2 1 
ATOM   690  N N   . ARG A 1 88  ? -0.818  -14.157 -9.880  1.00 26.75 ? 88  ARG A N   1 
ATOM   691  C CA  A ARG A 1 88  ? -1.799  -13.864 -10.919 0.54 26.05 ? 88  ARG A CA  1 
ATOM   692  C CA  B ARG A 1 88  ? -1.818  -13.833 -10.891 0.46 26.26 ? 88  ARG A CA  1 
ATOM   693  C C   . ARG A 1 88  ? -3.053  -14.722 -10.811 1.00 26.62 ? 88  ARG A C   1 
ATOM   694  O O   . ARG A 1 88  ? -4.057  -14.408 -11.460 1.00 26.24 ? 88  ARG A O   1 
ATOM   695  C CB  A ARG A 1 88  ? -1.155  -14.062 -12.292 0.54 25.05 ? 88  ARG A CB  1 
ATOM   696  C CB  B ARG A 1 88  ? -1.193  -13.918 -12.286 0.46 25.04 ? 88  ARG A CB  1 
ATOM   697  C CG  A ARG A 1 88  ? -2.025  -13.682 -13.473 0.54 23.52 ? 88  ARG A CG  1 
ATOM   698  C CG  B ARG A 1 88  ? -1.691  -15.066 -13.152 0.46 27.46 ? 88  ARG A CG  1 
ATOM   699  C CD  A ARG A 1 88  ? -1.437  -14.245 -14.755 0.54 24.68 ? 88  ARG A CD  1 
ATOM   700  C CD  B ARG A 1 88  ? -2.725  -14.591 -14.166 0.46 26.61 ? 88  ARG A CD  1 
ATOM   701  N NE  A ARG A 1 88  ? 0.018   -14.113 -14.776 0.54 24.54 ? 88  ARG A NE  1 
ATOM   702  N NE  B ARG A 1 88  ? -4.092  -14.812 -13.706 0.46 28.97 ? 88  ARG A NE  1 
ATOM   703  C CZ  A ARG A 1 88  ? 0.807   -14.638 -15.707 0.54 24.71 ? 88  ARG A CZ  1 
ATOM   704  C CZ  B ARG A 1 88  ? -4.812  -15.888 -14.003 0.46 27.00 ? 88  ARG A CZ  1 
ATOM   705  N NH1 A ARG A 1 88  ? 0.286   -15.339 -16.707 0.54 27.31 ? 88  ARG A NH1 1 
ATOM   706  N NH1 B ARG A 1 88  ? -4.295  -16.842 -14.765 0.46 32.49 ? 88  ARG A NH1 1 
ATOM   707  N NH2 A ARG A 1 88  ? 2.119   -14.463 -15.638 0.54 23.16 ? 88  ARG A NH2 1 
ATOM   708  N NH2 B ARG A 1 88  ? -6.049  -16.012 -13.541 0.46 27.71 ? 88  ARG A NH2 1 
ATOM   709  N N   . HIS A 1 89  ? -3.016  -15.797 -10.021 1.00 28.22 ? 89  HIS A N   1 
ATOM   710  C CA  . HIS A 1 89  ? -4.162  -16.697 -9.931  1.00 25.37 ? 89  HIS A CA  1 
ATOM   711  C C   . HIS A 1 89  ? -5.394  -16.005 -9.362  1.00 26.20 ? 89  HIS A C   1 
ATOM   712  O O   . HIS A 1 89  ? -6.522  -16.435 -9.625  1.00 28.90 ? 89  HIS A O   1 
ATOM   713  C CB  . HIS A 1 89  ? -3.801  -17.910 -9.076  1.00 28.65 ? 89  HIS A CB  1 
ATOM   714  C CG  . HIS A 1 89  ? -3.414  -17.560 -7.674  1.00 27.46 ? 89  HIS A CG  1 
ATOM   715  N ND1 . HIS A 1 89  ? -2.188  -17.019 -7.354  1.00 27.81 ? 89  HIS A ND1 1 
ATOM   716  C CD2 . HIS A 1 89  ? -4.095  -17.664 -6.508  1.00 30.19 ? 89  HIS A CD2 1 
ATOM   717  C CE1 . HIS A 1 89  ? -2.128  -16.810 -6.051  1.00 25.60 ? 89  HIS A CE1 1 
ATOM   718  N NE2 . HIS A 1 89  ? -3.273  -17.193 -5.514  1.00 28.64 ? 89  HIS A NE2 1 
ATOM   719  N N   . ARG A 1 90  ? -5.207  -14.945 -8.576  1.00 26.22 ? 90  ARG A N   1 
ATOM   720  C CA  . ARG A 1 90  ? -6.327  -14.246 -7.959  1.00 30.21 ? 90  ARG A CA  1 
ATOM   721  C C   . ARG A 1 90  ? -7.029  -13.278 -8.904  1.00 31.11 ? 90  ARG A C   1 
ATOM   722  O O   . ARG A 1 90  ? -8.022  -12.661 -8.502  1.00 30.13 ? 90  ARG A O   1 
ATOM   723  C CB  . ARG A 1 90  ? -5.852  -13.498 -6.709  1.00 33.84 ? 90  ARG A CB  1 
ATOM   724  C CG  . ARG A 1 90  ? -5.465  -14.409 -5.555  1.00 33.14 ? 90  ARG A CG  1 
ATOM   725  C CD  . ARG A 1 90  ? -6.691  -15.063 -4.930  1.00 32.59 ? 90  ARG A CD  1 
ATOM   726  N NE  . ARG A 1 90  ? -7.480  -14.106 -4.159  1.00 38.04 ? 90  ARG A NE  1 
ATOM   727  C CZ  . ARG A 1 90  ? -8.519  -13.431 -4.638  1.00 38.90 ? 90  ARG A CZ  1 
ATOM   728  N NH1 . ARG A 1 90  ? -8.907  -13.607 -5.893  1.00 38.89 ? 90  ARG A NH1 1 
ATOM   729  N NH2 . ARG A 1 90  ? -9.172  -12.578 -3.859  1.00 43.21 ? 90  ARG A NH2 1 
ATOM   730  N N   . TYR A 1 91  ? -6.553  -13.134 -10.137 1.00 26.83 ? 91  TYR A N   1 
ATOM   731  C CA  . TYR A 1 91  ? -7.133  -12.221 -11.109 1.00 25.90 ? 91  TYR A CA  1 
ATOM   732  C C   . TYR A 1 91  ? -7.891  -12.992 -12.184 1.00 27.29 ? 91  TYR A C   1 
ATOM   733  O O   . TYR A 1 91  ? -7.659  -14.182 -12.410 1.00 24.71 ? 91  TYR A O   1 
ATOM   734  C CB  . TYR A 1 91  ? -6.053  -11.346 -11.753 1.00 29.40 ? 91  TYR A CB  1 
ATOM   735  C CG  . TYR A 1 91  ? -5.330  -10.464 -10.763 1.00 24.44 ? 91  TYR A CG  1 
ATOM   736  C CD1 . TYR A 1 91  ? -4.232  -10.939 -10.058 1.00 24.66 ? 91  TYR A CD1 1 
ATOM   737  C CD2 . TYR A 1 91  ? -5.747  -9.162  -10.528 1.00 26.23 ? 91  TYR A CD2 1 
ATOM   738  C CE1 . TYR A 1 91  ? -3.570  -10.141 -9.150  1.00 23.54 ? 91  TYR A CE1 1 
ATOM   739  C CE2 . TYR A 1 91  ? -5.089  -8.353  -9.619  1.00 25.74 ? 91  TYR A CE2 1 
ATOM   740  C CZ  . TYR A 1 91  ? -4.000  -8.850  -8.933  1.00 28.18 ? 91  TYR A CZ  1 
ATOM   741  O OH  . TYR A 1 91  ? -3.336  -8.058  -8.026  1.00 25.94 ? 91  TYR A OH  1 
ATOM   742  N N   . ALA A 1 92  ? -8.802  -12.288 -12.848 1.00 28.80 ? 92  ALA A N   1 
ATOM   743  C CA  . ALA A 1 92  ? -9.641  -12.913 -13.857 1.00 25.76 ? 92  ALA A CA  1 
ATOM   744  C C   . ALA A 1 92  ? -8.783  -13.548 -14.951 1.00 24.04 ? 92  ALA A C   1 
ATOM   745  O O   . ALA A 1 92  ? -7.655  -13.112 -15.202 1.00 22.27 ? 92  ALA A O   1 
ATOM   746  C CB  . ALA A 1 92  ? -10.597 -11.891 -14.467 1.00 28.10 ? 92  ALA A CB  1 
ATOM   747  N N   . PRO A 1 93  ? -9.292  -14.585 -15.614 1.00 28.72 ? 93  PRO A N   1 
ATOM   748  C CA  . PRO A 1 93  ? -8.508  -15.242 -16.665 1.00 29.48 ? 93  PRO A CA  1 
ATOM   749  C C   . PRO A 1 93  ? -8.016  -14.243 -17.702 1.00 25.81 ? 93  PRO A C   1 
ATOM   750  O O   . PRO A 1 93  ? -8.758  -13.368 -18.154 1.00 24.41 ? 93  PRO A O   1 
ATOM   751  C CB  . PRO A 1 93  ? -9.498  -16.246 -17.266 1.00 32.88 ? 93  PRO A CB  1 
ATOM   752  C CG  . PRO A 1 93  ? -10.466 -16.522 -16.165 1.00 29.46 ? 93  PRO A CG  1 
ATOM   753  C CD  . PRO A 1 93  ? -10.600 -15.229 -15.406 1.00 28.44 ? 93  PRO A CD  1 
ATOM   754  N N   . GLY A 1 94  ? -6.744  -14.376 -18.074 1.00 22.96 ? 94  GLY A N   1 
ATOM   755  C CA  . GLY A 1 94  ? -6.128  -13.498 -19.042 1.00 24.77 ? 94  GLY A CA  1 
ATOM   756  C C   . GLY A 1 94  ? -5.546  -12.216 -18.481 1.00 22.45 ? 94  GLY A C   1 
ATOM   757  O O   . GLY A 1 94  ? -4.784  -11.543 -19.187 1.00 23.35 ? 94  GLY A O   1 
ATOM   758  N N   . VAL A 1 95  ? -5.870  -11.858 -17.243 1.00 22.23 ? 95  VAL A N   1 
ATOM   759  C CA  . VAL A 1 95  ? -5.396  -10.606 -16.658 1.00 22.96 ? 95  VAL A CA  1 
ATOM   760  C C   . VAL A 1 95  ? -3.956  -10.785 -16.192 1.00 24.71 ? 95  VAL A C   1 
ATOM   761  O O   . VAL A 1 95  ? -3.666  -11.635 -15.345 1.00 21.79 ? 95  VAL A O   1 
ATOM   762  C CB  . VAL A 1 95  ? -6.299  -10.162 -15.499 1.00 19.54 ? 95  VAL A CB  1 
ATOM   763  C CG1 . VAL A 1 95  ? -5.707  -8.949  -14.805 1.00 22.61 ? 95  VAL A CG1 1 
ATOM   764  C CG2 . VAL A 1 95  ? -7.701  -9.859  -16.006 1.00 21.61 ? 95  VAL A CG2 1 
ATOM   765  N N   . THR A 1 96  ? -3.049  -9.980  -16.749 1.00 25.72 ? 96  THR A N   1 
ATOM   766  C CA  . THR A 1 96  ? -1.651  -9.987  -16.338 1.00 22.33 ? 96  THR A CA  1 
ATOM   767  C C   . THR A 1 96  ? -1.114  -8.616  -15.953 1.00 19.85 ? 96  THR A C   1 
ATOM   768  O O   . THR A 1 96  ? -0.050  -8.550  -15.329 1.00 24.10 ? 96  THR A O   1 
ATOM   769  C CB  . THR A 1 96  ? -0.758  -10.567 -17.448 1.00 21.23 ? 96  THR A CB  1 
ATOM   770  O OG1 . THR A 1 96  ? -0.893  -9.785  -18.642 1.00 19.85 ? 96  THR A OG1 1 
ATOM   771  C CG2 . THR A 1 96  ? -1.137  -12.011 -17.746 1.00 25.58 ? 96  THR A CG2 1 
ATOM   772  N N   . ARG A 1 97  ? -1.803  -7.531  -16.298 1.00 20.90 ? 97  ARG A N   1 
ATOM   773  C CA  . ARG A 1 97  ? -1.357  -6.179  -16.000 1.00 20.79 ? 97  ARG A CA  1 
ATOM   774  C C   . ARG A 1 97  ? -2.222  -5.575  -14.901 1.00 22.57 ? 97  ARG A C   1 
ATOM   775  O O   . ARG A 1 97  ? -3.424  -5.840  -14.820 1.00 24.81 ? 97  ARG A O   1 
ATOM   776  C CB  . ARG A 1 97  ? -1.416  -5.291  -17.248 1.00 21.56 ? 97  ARG A CB  1 
ATOM   777  C CG  . ARG A 1 97  ? -0.697  -5.863  -18.458 1.00 23.98 ? 97  ARG A CG  1 
ATOM   778  C CD  . ARG A 1 97  ? 0.798   -5.982  -18.219 1.00 21.60 ? 97  ARG A CD  1 
ATOM   779  N NE  . ARG A 1 97  ? 1.430   -4.682  -18.012 1.00 25.86 ? 97  ARG A NE  1 
ATOM   780  C CZ  . ARG A 1 97  ? 2.721   -4.517  -17.741 1.00 23.55 ? 97  ARG A CZ  1 
ATOM   781  N NH1 . ARG A 1 97  ? 3.521   -5.569  -17.642 1.00 20.86 ? 97  ARG A NH1 1 
ATOM   782  N NH2 . ARG A 1 97  ? 3.215   -3.299  -17.567 1.00 24.27 ? 97  ARG A NH2 1 
ATOM   783  N N   . ASN A 1 98  ? -1.600  -4.755  -14.054 1.00 22.98 ? 98  ASN A N   1 
ATOM   784  C CA  . ASN A 1 98  ? -2.296  -4.083  -12.963 1.00 23.27 ? 98  ASN A CA  1 
ATOM   785  C C   . ASN A 1 98  ? -1.918  -2.611  -12.946 1.00 22.06 ? 98  ASN A C   1 
ATOM   786  O O   . ASN A 1 98  ? -0.736  -2.267  -13.034 1.00 21.55 ? 98  ASN A O   1 
ATOM   787  C CB  . ASN A 1 98  ? -1.964  -4.721  -11.609 1.00 20.88 ? 98  ASN A CB  1 
ATOM   788  C CG  . ASN A 1 98  ? -2.637  -4.010  -10.454 1.00 23.79 ? 98  ASN A CG  1 
ATOM   789  O OD1 . ASN A 1 98  ? -3.801  -4.264  -10.146 1.00 24.24 ? 98  ASN A OD1 1 
ATOM   790  N ND2 . ASN A 1 98  ? -1.906  -3.108  -9.808  1.00 22.12 ? 98  ASN A ND2 1 
ATOM   791  N N   . THR A 1 99  ? -2.923  -1.748  -12.824 1.00 19.09 ? 99  THR A N   1 
ATOM   792  C CA  . THR A 1 99  ? -2.715  -0.310  -12.721 1.00 17.94 ? 99  THR A CA  1 
ATOM   793  C C   . THR A 1 99  ? -2.876  0.114   -11.268 1.00 20.95 ? 99  THR A C   1 
ATOM   794  O O   . THR A 1 99  ? -3.859  -0.251  -10.614 1.00 22.84 ? 99  THR A O   1 
ATOM   795  C CB  . THR A 1 99  ? -3.694  0.455   -13.611 1.00 22.71 ? 99  THR A CB  1 
ATOM   796  O OG1 . THR A 1 99  ? -3.537  0.030   -14.971 1.00 23.99 ? 99  THR A OG1 1 
ATOM   797  C CG2 . THR A 1 99  ? -3.420  1.946   -13.526 1.00 23.38 ? 99  THR A CG2 1 
ATOM   798  N N   . GLU A 1 100 ? -1.914  0.889   -10.771 1.00 18.26 ? 100 GLU A N   1 
ATOM   799  C CA  . GLU A 1 100 ? -1.815  1.213   -9.354  1.00 20.97 ? 100 GLU A CA  1 
ATOM   800  C C   . GLU A 1 100 ? -1.741  2.720   -9.175  1.00 20.36 ? 100 GLU A C   1 
ATOM   801  O O   . GLU A 1 100 ? -0.893  3.379   -9.783  1.00 22.67 ? 100 GLU A O   1 
ATOM   802  C CB  . GLU A 1 100 ? -0.583  0.543   -8.735  1.00 17.16 ? 100 GLU A CB  1 
ATOM   803  C CG  . GLU A 1 100 ? -0.374  0.820   -7.257  1.00 18.34 ? 100 GLU A CG  1 
ATOM   804  C CD  . GLU A 1 100 ? 0.851   0.112   -6.713  1.00 22.34 ? 100 GLU A CD  1 
ATOM   805  O OE1 . GLU A 1 100 ? 1.980   0.520   -7.065  1.00 21.09 ? 100 GLU A OE1 1 
ATOM   806  O OE2 . GLU A 1 100 ? 0.684   -0.862  -5.951  1.00 24.08 ? 100 GLU A OE2 1 
ATOM   807  N N   . SER A 1 101 ? -2.628  3.260   -8.344  1.00 18.91 ? 101 SER A N   1 
ATOM   808  C CA  . SER A 1 101 ? -2.621  4.672   -7.985  1.00 20.33 ? 101 SER A CA  1 
ATOM   809  C C   . SER A 1 101 ? -1.981  4.840   -6.612  1.00 22.49 ? 101 SER A C   1 
ATOM   810  O O   . SER A 1 101 ? -2.258  4.069   -5.690  1.00 17.99 ? 101 SER A O   1 
ATOM   811  C CB  . SER A 1 101 ? -4.040  5.243   -7.978  1.00 18.65 ? 101 SER A CB  1 
ATOM   812  O OG  . SER A 1 101 ? -4.662  5.074   -9.241  1.00 26.69 ? 101 SER A OG  1 
ATOM   813  N N   . TRP A 1 102 ? -1.127  5.852   -6.480  1.00 24.47 ? 102 TRP A N   1 
ATOM   814  C CA  . TRP A 1 102 ? -0.330  6.044   -5.277  1.00 20.59 ? 102 TRP A CA  1 
ATOM   815  C C   . TRP A 1 102 ? -0.974  7.064   -4.347  1.00 23.66 ? 102 TRP A C   1 
ATOM   816  O O   . TRP A 1 102 ? -1.486  8.097   -4.792  1.00 21.04 ? 102 TRP A O   1 
ATOM   817  C CB  . TRP A 1 102 ? 1.089   6.497   -5.630  1.00 23.88 ? 102 TRP A CB  1 
ATOM   818  C CG  . TRP A 1 102 ? 1.911   5.451   -6.314  1.00 21.48 ? 102 TRP A CG  1 
ATOM   819  C CD1 . TRP A 1 102 ? 1.567   4.149   -6.535  1.00 21.48 ? 102 TRP A CD1 1 
ATOM   820  C CD2 . TRP A 1 102 ? 3.221   5.621   -6.870  1.00 23.23 ? 102 TRP A CD2 1 
ATOM   821  N NE1 . TRP A 1 102 ? 2.583   3.498   -7.195  1.00 19.60 ? 102 TRP A NE1 1 
ATOM   822  C CE2 . TRP A 1 102 ? 3.610   4.379   -7.410  1.00 19.28 ? 102 TRP A CE2 1 
ATOM   823  C CE3 . TRP A 1 102 ? 4.104   6.702   -6.960  1.00 22.15 ? 102 TRP A CE3 1 
ATOM   824  C CZ2 . TRP A 1 102 ? 4.841   4.189   -8.034  1.00 18.73 ? 102 TRP A CZ2 1 
ATOM   825  C CZ3 . TRP A 1 102 ? 5.325   6.511   -7.580  1.00 21.39 ? 102 TRP A CZ3 1 
ATOM   826  C CH2 . TRP A 1 102 ? 5.683   5.265   -8.109  1.00 21.83 ? 102 TRP A CH2 1 
ATOM   827  N N   . PHE A 1 103 ? -0.937  6.763   -3.051  1.00 21.76 ? 103 PHE A N   1 
ATOM   828  C CA  . PHE A 1 103 ? -1.359  7.683   -2.005  1.00 21.00 ? 103 PHE A CA  1 
ATOM   829  C C   . PHE A 1 103 ? -0.330  7.652   -0.886  1.00 23.48 ? 103 PHE A C   1 
ATOM   830  O O   . PHE A 1 103 ? 0.433   6.693   -0.745  1.00 17.82 ? 103 PHE A O   1 
ATOM   831  C CB  . PHE A 1 103 ? -2.744  7.325   -1.447  1.00 24.36 ? 103 PHE A CB  1 
ATOM   832  C CG  . PHE A 1 103 ? -3.852  7.455   -2.447  1.00 21.03 ? 103 PHE A CG  1 
ATOM   833  C CD1 . PHE A 1 103 ? -4.121  6.429   -3.337  1.00 24.06 ? 103 PHE A CD1 1 
ATOM   834  C CD2 . PHE A 1 103 ? -4.628  8.600   -2.494  1.00 23.28 ? 103 PHE A CD2 1 
ATOM   835  C CE1 . PHE A 1 103 ? -5.143  6.546   -4.261  1.00 22.34 ? 103 PHE A CE1 1 
ATOM   836  C CE2 . PHE A 1 103 ? -5.651  8.725   -3.416  1.00 23.83 ? 103 PHE A CE2 1 
ATOM   837  C CZ  . PHE A 1 103 ? -5.909  7.698   -4.299  1.00 22.01 ? 103 PHE A CZ  1 
ATOM   838  N N   . CYS A 1 104 ? -0.316  8.716   -0.085  1.00 19.29 ? 104 CYS A N   1 
ATOM   839  C CA  . CYS A 1 104 ? 0.551   8.802   1.081   1.00 23.27 ? 104 CYS A CA  1 
ATOM   840  C C   . CYS A 1 104 ? -0.278  9.132   2.314   1.00 21.93 ? 104 CYS A C   1 
ATOM   841  O O   . CYS A 1 104 ? -1.295  9.825   2.231   1.00 24.89 ? 104 CYS A O   1 
ATOM   842  C CB  . CYS A 1 104 ? 1.652   9.855   0.895   1.00 30.72 ? 104 CYS A CB  1 
ATOM   843  S SG  . CYS A 1 104 ? 3.010   9.321   -0.166  1.00 40.48 ? 104 CYS A SG  1 
ATOM   844  N N   . LEU A 1 105 ? 0.170   8.626   3.463   1.00 22.33 ? 105 LEU A N   1 
ATOM   845  C CA  . LEU A 1 105 ? -0.504  8.861   4.738   1.00 20.50 ? 105 LEU A CA  1 
ATOM   846  C C   . LEU A 1 105 ? 0.557   9.075   5.807   1.00 25.26 ? 105 LEU A C   1 
ATOM   847  O O   . LEU A 1 105 ? 1.197   8.116   6.249   1.00 21.29 ? 105 LEU A O   1 
ATOM   848  C CB  . LEU A 1 105 ? -1.423  7.698   5.107   1.00 20.54 ? 105 LEU A CB  1 
ATOM   849  C CG  . LEU A 1 105 ? -2.149  7.846   6.447   1.00 26.16 ? 105 LEU A CG  1 
ATOM   850  C CD1 . LEU A 1 105 ? -3.039  9.081   6.446   1.00 23.98 ? 105 LEU A CD1 1 
ATOM   851  C CD2 . LEU A 1 105 ? -2.953  6.597   6.770   1.00 23.01 ? 105 LEU A CD2 1 
ATOM   852  N N   . ALA A 1 106 ? 0.732   10.325  6.229   1.00 23.01 ? 106 ALA A N   1 
ATOM   853  C CA  . ALA A 1 106 ? 1.755   10.689  7.202   1.00 25.12 ? 106 ALA A CA  1 
ATOM   854  C C   . ALA A 1 106 ? 1.143   10.671  8.597   1.00 27.65 ? 106 ALA A C   1 
ATOM   855  O O   . ALA A 1 106 ? 0.309   11.521  8.929   1.00 28.01 ? 106 ALA A O   1 
ATOM   856  C CB  . ALA A 1 106 ? 2.340   12.061  6.879   1.00 26.09 ? 106 ALA A CB  1 
ATOM   857  N N   . LEU A 1 107 ? 1.551   9.706   9.411   1.00 24.15 ? 107 LEU A N   1 
ATOM   858  C CA  . LEU A 1 107 ? 1.099   9.676   10.790  1.00 23.13 ? 107 LEU A CA  1 
ATOM   859  C C   . LEU A 1 107 ? 1.977   10.584  11.648  1.00 24.57 ? 107 LEU A C   1 
ATOM   860  O O   . LEU A 1 107 ? 3.174   10.730  11.384  1.00 26.03 ? 107 LEU A O   1 
ATOM   861  C CB  . LEU A 1 107 ? 1.138   8.254   11.336  1.00 24.31 ? 107 LEU A CB  1 
ATOM   862  C CG  . LEU A 1 107 ? 0.380   7.197   10.530  1.00 23.88 ? 107 LEU A CG  1 
ATOM   863  C CD1 . LEU A 1 107 ? 0.426   5.854   11.239  1.00 16.60 ? 107 LEU A CD1 1 
ATOM   864  C CD2 . LEU A 1 107 ? -1.057  7.632   10.284  1.00 21.40 ? 107 LEU A CD2 1 
ATOM   865  N N   . PRO A 1 108 ? 1.405   11.207  12.683  1.00 21.74 ? 108 PRO A N   1 
ATOM   866  C CA  . PRO A 1 108 ? 2.219   12.108  13.515  1.00 21.48 ? 108 PRO A CA  1 
ATOM   867  C C   . PRO A 1 108 ? 3.418   11.415  14.127  1.00 23.74 ? 108 PRO A C   1 
ATOM   868  O O   . PRO A 1 108 ? 4.501   12.009  14.217  1.00 26.36 ? 108 PRO A O   1 
ATOM   869  C CB  . PRO A 1 108 ? 1.224   12.590  14.582  1.00 25.10 ? 108 PRO A CB  1 
ATOM   870  C CG  . PRO A 1 108 ? 0.166   11.534  14.620  1.00 24.90 ? 108 PRO A CG  1 
ATOM   871  C CD  . PRO A 1 108 ? 0.040   11.041  13.209  1.00 23.87 ? 108 PRO A CD  1 
ATOM   872  N N   . HIS A 1 109 ? 3.255   10.164  14.548  1.00 25.08 ? 109 HIS A N   1 
ATOM   873  C CA  . HIS A 1 109 ? 4.329   9.381   15.133  1.00 22.37 ? 109 HIS A CA  1 
ATOM   874  C C   . HIS A 1 109 ? 4.163   7.934   14.702  1.00 22.99 ? 109 HIS A C   1 
ATOM   875  O O   . HIS A 1 109 ? 3.128   7.539   14.159  1.00 23.31 ? 109 HIS A O   1 
ATOM   876  C CB  . HIS A 1 109 ? 4.333   9.471   16.665  1.00 24.67 ? 109 HIS A CB  1 
ATOM   877  C CG  . HIS A 1 109 ? 4.239   10.869  17.193  1.00 23.86 ? 109 HIS A CG  1 
ATOM   878  N ND1 . HIS A 1 109 ? 5.326   11.711  17.268  1.00 28.86 ? 109 HIS A ND1 1 
ATOM   879  C CD2 . HIS A 1 109 ? 3.187   11.566  17.686  1.00 26.35 ? 109 HIS A CD2 1 
ATOM   880  C CE1 . HIS A 1 109 ? 4.948   12.871  17.778  1.00 28.56 ? 109 HIS A CE1 1 
ATOM   881  N NE2 . HIS A 1 109 ? 3.656   12.809  18.041  1.00 23.78 ? 109 HIS A NE2 1 
ATOM   882  N N   . GLU A 1 110 ? 5.197   7.139   14.945  1.00 23.41 ? 110 GLU A N   1 
ATOM   883  C CA  . GLU A 1 110 ? 5.052   5.700   14.809  1.00 18.53 ? 110 GLU A CA  1 
ATOM   884  C C   . GLU A 1 110 ? 4.092   5.186   15.873  1.00 25.95 ? 110 GLU A C   1 
ATOM   885  O O   . GLU A 1 110 ? 3.979   5.750   16.964  1.00 25.83 ? 110 GLU A O   1 
ATOM   886  C CB  . GLU A 1 110 ? 6.409   5.015   14.932  1.00 21.52 ? 110 GLU A CB  1 
ATOM   887  C CG  . GLU A 1 110 ? 7.450   5.572   13.978  1.00 22.69 ? 110 GLU A CG  1 
ATOM   888  C CD  . GLU A 1 110 ? 8.799   4.901   14.128  1.00 21.78 ? 110 GLU A CD  1 
ATOM   889  O OE1 . GLU A 1 110 ? 8.891   3.906   14.878  1.00 30.21 ? 110 GLU A OE1 1 
ATOM   890  O OE2 . GLU A 1 110 ? 9.769   5.372   13.498  1.00 25.03 ? 110 GLU A OE2 1 
ATOM   891  N N   . ARG A 1 111 ? 3.377   4.115   15.540  1.00 25.23 ? 111 ARG A N   1 
ATOM   892  C CA  . ARG A 1 111 ? 2.361   3.599   16.445  1.00 28.78 ? 111 ARG A CA  1 
ATOM   893  C C   . ARG A 1 111 ? 2.284   2.087   16.312  1.00 30.47 ? 111 ARG A C   1 
ATOM   894  O O   . ARG A 1 111 ? 2.711   1.506   15.310  1.00 28.18 ? 111 ARG A O   1 
ATOM   895  C CB  . ARG A 1 111 ? 0.988   4.217   16.161  1.00 29.63 ? 111 ARG A CB  1 
ATOM   896  C CG  . ARG A 1 111 ? 0.379   3.760   14.843  1.00 27.98 ? 111 ARG A CG  1 
ATOM   897  C CD  . ARG A 1 111 ? -1.092  4.125   14.746  1.00 30.53 ? 111 ARG A CD  1 
ATOM   898  N NE  . ARG A 1 111 ? -1.301  5.567   14.661  1.00 28.27 ? 111 ARG A NE  1 
ATOM   899  C CZ  . ARG A 1 111 ? -2.486  6.137   14.470  1.00 28.56 ? 111 ARG A CZ  1 
ATOM   900  N NH1 . ARG A 1 111 ? -3.570  5.384   14.345  1.00 30.75 ? 111 ARG A NH1 1 
ATOM   901  N NH2 . ARG A 1 111 ? -2.589  7.457   14.401  1.00 29.20 ? 111 ARG A NH2 1 
ATOM   902  N N   . GLN A 1 112 ? 1.736   1.457   17.344  1.00 35.69 ? 112 GLN A N   1 
ATOM   903  C CA  . GLN A 1 112 ? 1.363   0.056   17.235  1.00 33.92 ? 112 GLN A CA  1 
ATOM   904  C C   . GLN A 1 112 ? 0.264   -0.097  16.191  1.00 30.56 ? 112 GLN A C   1 
ATOM   905  O O   . GLN A 1 112 ? -0.704  0.671   16.165  1.00 31.24 ? 112 GLN A O   1 
ATOM   906  C CB  . GLN A 1 112 ? 0.900   -0.476  18.591  1.00 38.06 ? 112 GLN A CB  1 
ATOM   907  C CG  . GLN A 1 112 ? 1.698   -1.666  19.092  1.00 43.32 ? 112 GLN A CG  1 
ATOM   908  C CD  . GLN A 1 112 ? 1.318   -2.079  20.503  1.00 50.99 ? 112 GLN A CD  1 
ATOM   909  O OE1 . GLN A 1 112 ? 0.361   -1.563  21.083  1.00 52.56 ? 112 GLN A OE1 1 
ATOM   910  N NE2 . GLN A 1 112 ? 2.076   -3.014  21.065  1.00 47.12 ? 112 GLN A NE2 1 
ATOM   911  N N   . ILE A 1 113 ? 0.429   -1.084  15.312  1.00 24.64 ? 113 ILE A N   1 
ATOM   912  C CA  . ILE A 1 113 ? -0.505  -1.352  14.224  1.00 27.08 ? 113 ILE A CA  1 
ATOM   913  C C   . ILE A 1 113 ? -1.243  -2.651  14.521  1.00 30.80 ? 113 ILE A C   1 
ATOM   914  O O   . ILE A 1 113 ? -0.618  -3.662  14.857  1.00 29.72 ? 113 ILE A O   1 
ATOM   915  C CB  . ILE A 1 113 ? 0.218   -1.434  12.867  1.00 30.21 ? 113 ILE A CB  1 
ATOM   916  C CG1 . ILE A 1 113 ? 0.861   -0.093  12.511  1.00 28.08 ? 113 ILE A CG1 1 
ATOM   917  C CG2 . ILE A 1 113 ? -0.752  -1.870  11.772  1.00 29.09 ? 113 ILE A CG2 1 
ATOM   918  C CD1 . ILE A 1 113 ? -0.111  1.051   12.515  1.00 26.65 ? 113 ILE A CD1 1 
ATOM   919  N N   . VAL A 1 114 ? -2.570  -2.622  14.396  1.00 25.62 ? 114 VAL A N   1 
ATOM   920  C CA  . VAL A 1 114 ? -3.384  -3.828  14.522  1.00 29.33 ? 114 VAL A CA  1 
ATOM   921  C C   . VAL A 1 114 ? -3.820  -4.273  13.129  1.00 33.68 ? 114 VAL A C   1 
ATOM   922  O O   . VAL A 1 114 ? -4.858  -3.833  12.616  1.00 34.86 ? 114 VAL A O   1 
ATOM   923  C CB  . VAL A 1 114 ? -4.609  -3.604  15.433  1.00 34.93 ? 114 VAL A CB  1 
ATOM   924  C CG1 . VAL A 1 114 ? -4.188  -3.423  16.882  1.00 33.62 ? 114 VAL A CG1 1 
ATOM   925  C CG2 . VAL A 1 114 ? -5.428  -2.408  14.968  1.00 35.02 ? 114 VAL A CG2 1 
ATOM   926  N N   . PHE A 1 115 ? -3.045  -5.163  12.517  1.00 32.12 ? 115 PHE A N   1 
ATOM   927  C CA  . PHE A 1 115 ? -3.307  -5.631  11.164  1.00 34.51 ? 115 PHE A CA  1 
ATOM   928  C C   . PHE A 1 115 ? -4.255  -6.822  11.180  1.00 35.53 ? 115 PHE A C   1 
ATOM   929  O O   . PHE A 1 115 ? -4.399  -7.520  12.187  1.00 37.82 ? 115 PHE A O   1 
ATOM   930  C CB  . PHE A 1 115 ? -2.005  -6.016  10.462  1.00 31.95 ? 115 PHE A CB  1 
ATOM   931  C CG  . PHE A 1 115 ? -1.132  -6.930  11.271  1.00 36.65 ? 115 PHE A CG  1 
ATOM   932  C CD1 . PHE A 1 115 ? -0.239  -6.413  12.197  1.00 31.76 ? 115 PHE A CD1 1 
ATOM   933  C CD2 . PHE A 1 115 ? -1.193  -8.303  11.101  1.00 30.49 ? 115 PHE A CD2 1 
ATOM   934  C CE1 . PHE A 1 115 ? 0.571   -7.247  12.940  1.00 34.07 ? 115 PHE A CE1 1 
ATOM   935  C CE2 . PHE A 1 115 ? -0.384  -9.144  11.841  1.00 39.29 ? 115 PHE A CE2 1 
ATOM   936  C CZ  . PHE A 1 115 ? 0.500   -8.615  12.761  1.00 35.81 ? 115 PHE A CZ  1 
ATOM   937  N N   . THR A 1 116 ? -4.897  -7.052  10.040  1.00 36.18 ? 116 THR A N   1 
ATOM   938  C CA  . THR A 1 116 ? -5.903  -8.098  9.905   1.00 44.44 ? 116 THR A CA  1 
ATOM   939  C C   . THR A 1 116 ? -5.587  -9.112  8.820   1.00 46.18 ? 116 THR A C   1 
ATOM   940  O O   . THR A 1 116 ? -5.827  -10.307 9.015   1.00 51.13 ? 116 THR A O   1 
ATOM   941  C CB  . THR A 1 116 ? -7.280  -7.473  9.624   1.00 39.42 ? 116 THR A CB  1 
ATOM   942  O OG1 . THR A 1 116 ? -7.228  -6.724  8.402   1.00 40.63 ? 116 THR A OG1 1 
ATOM   943  C CG2 . THR A 1 116 ? -7.682  -6.550  10.763  1.00 42.06 ? 116 THR A CG2 1 
ATOM   944  N N   . GLU A 1 117 ? -5.062  -8.675  7.675   1.00 41.26 ? 117 GLU A N   1 
ATOM   945  C CA  . GLU A 1 117 ? -4.810  -9.557  6.540   1.00 41.74 ? 117 GLU A CA  1 
ATOM   946  C C   . GLU A 1 117 ? -3.325  -9.792  6.292   1.00 39.23 ? 117 GLU A C   1 
ATOM   947  O O   . GLU A 1 117 ? -2.962  -10.390 5.273   1.00 45.27 ? 117 GLU A O   1 
ATOM   948  C CB  . GLU A 1 117 ? -5.471  -8.991  5.279   1.00 52.07 ? 117 GLU A CB  1 
ATOM   949  C CG  . GLU A 1 117 ? -6.982  -8.857  5.382   1.00 54.58 ? 117 GLU A CG  1 
ATOM   950  C CD  . GLU A 1 117 ? -7.681  -10.199 5.471   1.00 63.03 ? 117 GLU A CD  1 
ATOM   951  O OE1 . GLU A 1 117 ? -7.042  -11.227 5.155   1.00 67.14 ? 117 GLU A OE1 1 
ATOM   952  O OE2 . GLU A 1 117 ? -8.867  -10.229 5.860   1.00 64.37 ? 117 GLU A OE2 1 
ATOM   953  N N   . HIS A 1 118 ? -2.458  -9.339  7.191   1.00 31.75 ? 118 HIS A N   1 
ATOM   954  C CA  . HIS A 1 118 ? -1.023  -9.531  7.067   1.00 29.27 ? 118 HIS A CA  1 
ATOM   955  C C   . HIS A 1 118 ? -0.511  -10.371 8.230   1.00 29.75 ? 118 HIS A C   1 
ATOM   956  O O   . HIS A 1 118 ? -1.210  -10.600 9.221   1.00 30.73 ? 118 HIS A O   1 
ATOM   957  C CB  . HIS A 1 118 ? -0.284  -8.186  7.009   1.00 26.93 ? 118 HIS A CB  1 
ATOM   958  C CG  . HIS A 1 118 ? -0.441  -7.466  5.705   1.00 30.23 ? 118 HIS A CG  1 
ATOM   959  N ND1 . HIS A 1 118 ? -1.534  -6.678  5.417   1.00 28.73 ? 118 HIS A ND1 1 
ATOM   960  C CD2 . HIS A 1 118 ? 0.353   -7.423  4.608   1.00 26.93 ? 118 HIS A CD2 1 
ATOM   961  C CE1 . HIS A 1 118 ? -1.403  -6.175  4.202   1.00 28.68 ? 118 HIS A CE1 1 
ATOM   962  N NE2 . HIS A 1 118 ? -0.267  -6.611  3.690   1.00 30.42 ? 118 HIS A NE2 1 
ATOM   963  N N   . LEU A 1 119 ? 0.731   -10.835 8.099   1.00 24.42 ? 119 LEU A N   1 
ATOM   964  C CA  . LEU A 1 119 ? 1.354   -11.653 9.131   1.00 25.74 ? 119 LEU A CA  1 
ATOM   965  C C   . LEU A 1 119 ? 2.069   -10.826 10.188  1.00 30.78 ? 119 LEU A C   1 
ATOM   966  O O   . LEU A 1 119 ? 2.111   -11.231 11.356  1.00 31.88 ? 119 LEU A O   1 
ATOM   967  C CB  . LEU A 1 119 ? 2.342   -12.639 8.500   1.00 22.70 ? 119 LEU A CB  1 
ATOM   968  C CG  . LEU A 1 119 ? 1.766   -13.620 7.474   1.00 26.42 ? 119 LEU A CG  1 
ATOM   969  C CD1 . LEU A 1 119 ? 2.844   -14.564 6.955   1.00 27.08 ? 119 LEU A CD1 1 
ATOM   970  C CD2 . LEU A 1 119 ? 0.605   -14.402 8.068   1.00 26.15 ? 119 LEU A CD2 1 
ATOM   971  N N   . ALA A 1 120 ? 2.633   -9.685  9.811   1.00 30.00 ? 120 ALA A N   1 
ATOM   972  C CA  . ALA A 1 120 ? 3.347   -8.846  10.764  1.00 29.25 ? 120 ALA A CA  1 
ATOM   973  C C   . ALA A 1 120 ? 3.616   -7.496  10.118  1.00 31.69 ? 120 ALA A C   1 
ATOM   974  O O   . ALA A 1 120 ? 3.451   -7.317  8.908   1.00 25.35 ? 120 ALA A O   1 
ATOM   975  C CB  . ALA A 1 120 ? 4.652   -9.500  11.217  1.00 29.42 ? 120 ALA A CB  1 
ATOM   976  N N   . TYR A 1 121 ? 4.043   -6.547  10.945  1.00 25.64 ? 121 TYR A N   1 
ATOM   977  C CA  . TYR A 1 121 ? 4.405   -5.216  10.492  1.00 27.44 ? 121 TYR A CA  1 
ATOM   978  C C   . TYR A 1 121 ? 5.752   -4.837  11.086  1.00 27.26 ? 121 TYR A C   1 
ATOM   979  O O   . TYR A 1 121 ? 6.233   -5.455  12.037  1.00 29.37 ? 121 TYR A O   1 
ATOM   980  C CB  . TYR A 1 121 ? 3.345   -4.176  10.876  1.00 21.38 ? 121 TYR A CB  1 
ATOM   981  C CG  . TYR A 1 121 ? 3.321   -3.823  12.346  1.00 29.13 ? 121 TYR A CG  1 
ATOM   982  C CD1 . TYR A 1 121 ? 2.568   -4.564  13.249  1.00 28.52 ? 121 TYR A CD1 1 
ATOM   983  C CD2 . TYR A 1 121 ? 4.046   -2.743  12.831  1.00 24.60 ? 121 TYR A CD2 1 
ATOM   984  C CE1 . TYR A 1 121 ? 2.543   -4.239  14.594  1.00 31.68 ? 121 TYR A CE1 1 
ATOM   985  C CE2 . TYR A 1 121 ? 4.028   -2.412  14.171  1.00 30.83 ? 121 TYR A CE2 1 
ATOM   986  C CZ  . TYR A 1 121 ? 3.275   -3.163  15.048  1.00 31.34 ? 121 TYR A CZ  1 
ATOM   987  O OH  . TYR A 1 121 ? 3.256   -2.834  16.382  1.00 36.43 ? 121 TYR A OH  1 
ATOM   988  N N   . LYS A 1 122 ? 6.352   -3.796  10.519  1.00 28.25 ? 122 LYS A N   1 
ATOM   989  C CA  . LYS A 1 122 ? 7.688   -3.379  10.916  1.00 26.83 ? 122 LYS A CA  1 
ATOM   990  C C   . LYS A 1 122 ? 7.930   -1.960  10.419  1.00 30.30 ? 122 LYS A C   1 
ATOM   991  O O   . LYS A 1 122 ? 7.684   -1.663  9.247   1.00 23.35 ? 122 LYS A O   1 
ATOM   992  C CB  . LYS A 1 122 ? 8.730   -4.346  10.351  1.00 32.32 ? 122 LYS A CB  1 
ATOM   993  C CG  . LYS A 1 122 ? 10.175  -4.001  10.659  1.00 37.90 ? 122 LYS A CG  1 
ATOM   994  C CD  . LYS A 1 122 ? 11.097  -5.147  10.253  1.00 41.78 ? 122 LYS A CD  1 
ATOM   995  C CE  . LYS A 1 122 ? 10.819  -5.620  8.832   1.00 39.69 ? 122 LYS A CE  1 
ATOM   996  N NZ  . LYS A 1 122 ? 11.659  -6.794  8.456   1.00 43.78 ? 122 LYS A NZ  1 
ATOM   997  N N   . TRP A 1 123 ? 8.387   -1.087  11.312  1.00 25.46 ? 123 TRP A N   1 
ATOM   998  C CA  . TRP A 1 123 ? 8.761   0.273   10.947  1.00 24.81 ? 123 TRP A CA  1 
ATOM   999  C C   . TRP A 1 123 ? 10.233  0.286   10.553  1.00 26.81 ? 123 TRP A C   1 
ATOM   1000 O O   . TRP A 1 123 ? 11.093  -0.120  11.341  1.00 27.07 ? 123 TRP A O   1 
ATOM   1001 C CB  . TRP A 1 123 ? 8.506   1.240   12.100  1.00 28.01 ? 123 TRP A CB  1 
ATOM   1002 C CG  . TRP A 1 123 ? 7.062   1.487   12.402  1.00 25.96 ? 123 TRP A CG  1 
ATOM   1003 C CD1 . TRP A 1 123 ? 6.293   0.839   13.324  1.00 25.63 ? 123 TRP A CD1 1 
ATOM   1004 C CD2 . TRP A 1 123 ? 6.220   2.474   11.799  1.00 21.50 ? 123 TRP A CD2 1 
ATOM   1005 N NE1 . TRP A 1 123 ? 5.020   1.356   13.326  1.00 25.15 ? 123 TRP A NE1 1 
ATOM   1006 C CE2 . TRP A 1 123 ? 4.950   2.362   12.398  1.00 25.02 ? 123 TRP A CE2 1 
ATOM   1007 C CE3 . TRP A 1 123 ? 6.416   3.440   10.810  1.00 23.65 ? 123 TRP A CE3 1 
ATOM   1008 C CZ2 . TRP A 1 123 ? 3.881   3.178   12.038  1.00 26.34 ? 123 TRP A CZ2 1 
ATOM   1009 C CZ3 . TRP A 1 123 ? 5.355   4.249   10.454  1.00 20.60 ? 123 TRP A CZ3 1 
ATOM   1010 C CH2 . TRP A 1 123 ? 4.104   4.113   11.065  1.00 22.58 ? 123 TRP A CH2 1 
ATOM   1011 N N   . LEU A 1 124 ? 10.521  0.738   9.336   1.00 21.52 ? 124 LEU A N   1 
ATOM   1012 C CA  . LEU A 1 124 ? 11.884  0.797   8.830   1.00 21.06 ? 124 LEU A CA  1 
ATOM   1013 C C   . LEU A 1 124 ? 12.151  2.174   8.244   1.00 23.10 ? 124 LEU A C   1 
ATOM   1014 O O   . LEU A 1 124 ? 11.230  2.866   7.803   1.00 26.15 ? 124 LEU A O   1 
ATOM   1015 C CB  . LEU A 1 124 ? 12.131  -0.275  7.760   1.00 26.56 ? 124 LEU A CB  1 
ATOM   1016 C CG  . LEU A 1 124 ? 11.985  -1.738  8.177   1.00 25.02 ? 124 LEU A CG  1 
ATOM   1017 C CD1 . LEU A 1 124 ? 12.125  -2.647  6.968   1.00 26.97 ? 124 LEU A CD1 1 
ATOM   1018 C CD2 . LEU A 1 124 ? 13.016  -2.086  9.236   1.00 33.42 ? 124 LEU A CD2 1 
ATOM   1019 N N   . ASP A 1 125 ? 13.423  2.567   8.232   1.00 22.62 ? 125 ASP A N   1 
ATOM   1020 C CA  . ASP A 1 125 ? 13.774  3.810   7.565   1.00 24.94 ? 125 ASP A CA  1 
ATOM   1021 C C   . ASP A 1 125 ? 13.471  3.695   6.075   1.00 26.15 ? 125 ASP A C   1 
ATOM   1022 O O   . ASP A 1 125 ? 13.519  2.610   5.491   1.00 26.26 ? 125 ASP A O   1 
ATOM   1023 C CB  . ASP A 1 125 ? 15.246  4.167   7.795   1.00 28.54 ? 125 ASP A CB  1 
ATOM   1024 C CG  . ASP A 1 125 ? 16.200  3.095   7.303   1.00 29.01 ? 125 ASP A CG  1 
ATOM   1025 O OD1 . ASP A 1 125 ? 16.534  3.098   6.099   1.00 27.06 ? 125 ASP A OD1 1 
ATOM   1026 O OD2 . ASP A 1 125 ? 16.626  2.258   8.124   1.00 35.58 ? 125 ASP A OD2 1 
ATOM   1027 N N   . ALA A 1 126 ? 13.131  4.831   5.468   1.00 27.25 ? 126 ALA A N   1 
ATOM   1028 C CA  . ALA A 1 126 ? 12.697  4.846   4.071   1.00 27.01 ? 126 ALA A CA  1 
ATOM   1029 C C   . ALA A 1 126 ? 13.607  4.047   3.152   1.00 23.71 ? 126 ALA A C   1 
ATOM   1030 O O   . ALA A 1 126 ? 13.102  3.177   2.422   1.00 27.01 ? 126 ALA A O   1 
ATOM   1031 C CB  . ALA A 1 126 ? 12.579  6.301   3.596   1.00 24.08 ? 126 ALA A CB  1 
ATOM   1032 N N   . PRO A 1 127 ? 14.923  4.277   3.122   1.00 27.49 ? 127 PRO A N   1 
ATOM   1033 C CA  . PRO A 1 127 ? 15.782  3.464   2.247   1.00 24.74 ? 127 PRO A CA  1 
ATOM   1034 C C   . PRO A 1 127 ? 15.653  1.971   2.498   1.00 28.69 ? 127 PRO A C   1 
ATOM   1035 O O   . PRO A 1 127 ? 15.554  1.188   1.543   1.00 23.41 ? 127 PRO A O   1 
ATOM   1036 C CB  . PRO A 1 127 ? 17.192  3.978   2.572   1.00 26.00 ? 127 PRO A CB  1 
ATOM   1037 C CG  . PRO A 1 127 ? 16.980  5.367   3.069   1.00 31.77 ? 127 PRO A CG  1 
ATOM   1038 C CD  . PRO A 1 127 ? 15.677  5.336   3.816   1.00 28.35 ? 127 PRO A CD  1 
ATOM   1039 N N   . ALA A 1 128 ? 15.647  1.553   3.765   1.00 23.27 ? 128 ALA A N   1 
ATOM   1040 C CA  . ALA A 1 128 ? 15.510  0.135   4.083   1.00 26.76 ? 128 ALA A CA  1 
ATOM   1041 C C   . ALA A 1 128 ? 14.167  -0.404  3.607   1.00 24.06 ? 128 ALA A C   1 
ATOM   1042 O O   . ALA A 1 128 ? 14.096  -1.471  2.985   1.00 22.88 ? 128 ALA A O   1 
ATOM   1043 C CB  . ALA A 1 128 ? 15.677  -0.079  5.588   1.00 26.15 ? 128 ALA A CB  1 
ATOM   1044 N N   . ALA A 1 129 ? 13.085  0.324   3.892   1.00 22.89 ? 129 ALA A N   1 
ATOM   1045 C CA  . ALA A 1 129 ? 11.766  -0.118  3.455   1.00 23.60 ? 129 ALA A CA  1 
ATOM   1046 C C   . ALA A 1 129 ? 11.710  -0.268  1.940   1.00 21.90 ? 129 ALA A C   1 
ATOM   1047 O O   . ALA A 1 129 ? 11.166  -1.252  1.424   1.00 23.60 ? 129 ALA A O   1 
ATOM   1048 C CB  . ALA A 1 129 ? 10.697  0.860   3.942   1.00 23.31 ? 129 ALA A CB  1 
ATOM   1049 N N   . ALA A 1 130 ? 12.276  0.695   1.209   1.00 24.03 ? 130 ALA A N   1 
ATOM   1050 C CA  . ALA A 1 130 ? 12.275  0.609   -0.246  1.00 20.71 ? 130 ALA A CA  1 
ATOM   1051 C C   . ALA A 1 130 ? 13.066  -0.600  -0.731  1.00 23.81 ? 130 ALA A C   1 
ATOM   1052 O O   . ALA A 1 130 ? 12.652  -1.284  -1.673  1.00 25.57 ? 130 ALA A O   1 
ATOM   1053 C CB  . ALA A 1 130 ? 12.836  1.896   -0.849  1.00 21.15 ? 130 ALA A CB  1 
ATOM   1054 N N   . ALA A 1 131 ? 14.210  -0.879  -0.104  1.00 23.38 ? 131 ALA A N   1 
ATOM   1055 C CA  . ALA A 1 131 ? 15.020  -2.012  -0.533  1.00 25.80 ? 131 ALA A CA  1 
ATOM   1056 C C   . ALA A 1 131 ? 14.426  -3.348  -0.108  1.00 26.49 ? 131 ALA A C   1 
ATOM   1057 O O   . ALA A 1 131 ? 14.794  -4.382  -0.673  1.00 27.68 ? 131 ALA A O   1 
ATOM   1058 C CB  . ALA A 1 131 ? 16.446  -1.881  0.008   1.00 20.92 ? 131 ALA A CB  1 
ATOM   1059 N N   . LEU A 1 132 ? 13.510  -3.347  0.862   1.00 25.54 ? 132 LEU A N   1 
ATOM   1060 C CA  . LEU A 1 132 ? 12.947  -4.596  1.362   1.00 22.42 ? 132 LEU A CA  1 
ATOM   1061 C C   . LEU A 1 132 ? 11.820  -5.111  0.473   1.00 23.33 ? 132 LEU A C   1 
ATOM   1062 O O   . LEU A 1 132 ? 11.733  -6.318  0.215   1.00 20.97 ? 132 LEU A O   1 
ATOM   1063 C CB  . LEU A 1 132 ? 12.442  -4.404  2.792   1.00 23.20 ? 132 LEU A CB  1 
ATOM   1064 C CG  . LEU A 1 132 ? 11.663  -5.570  3.403   1.00 25.87 ? 132 LEU A CG  1 
ATOM   1065 C CD1 . LEU A 1 132 ? 12.571  -6.768  3.620   1.00 23.30 ? 132 LEU A CD1 1 
ATOM   1066 C CD2 . LEU A 1 132 ? 11.000  -5.145  4.704   1.00 23.14 ? 132 LEU A CD2 1 
ATOM   1067 N N   . THR A 1 133 ? 10.951  -4.223  0.001   1.00 21.18 ? 133 THR A N   1 
ATOM   1068 C CA  . THR A 1 133 ? 9.789   -4.647  -0.766  1.00 20.04 ? 133 THR A CA  1 
ATOM   1069 C C   . THR A 1 133 ? 10.209  -5.277  -2.090  1.00 24.06 ? 133 THR A C   1 
ATOM   1070 O O   . THR A 1 133 ? 11.222  -4.904  -2.690  1.00 24.12 ? 133 THR A O   1 
ATOM   1071 C CB  . THR A 1 133 ? 8.861   -3.462  -1.035  1.00 18.16 ? 133 THR A CB  1 
ATOM   1072 O OG1 . THR A 1 133 ? 7.638   -3.935  -1.613  1.00 20.36 ? 133 THR A OG1 1 
ATOM   1073 C CG2 . THR A 1 133 ? 9.519   -2.483  -1.998  1.00 19.75 ? 133 THR A CG2 1 
ATOM   1074 N N   . LYS A 1 134 ? 9.414   -6.241  -2.546  1.00 21.24 ? 134 LYS A N   1 
ATOM   1075 C CA  . LYS A 1 134 ? 9.629   -6.852  -3.850  1.00 25.06 ? 134 LYS A CA  1 
ATOM   1076 C C   . LYS A 1 134 ? 8.885   -6.132  -4.967  1.00 26.90 ? 134 LYS A C   1 
ATOM   1077 O O   . LYS A 1 134 ? 9.112   -6.441  -6.141  1.00 29.58 ? 134 LYS A O   1 
ATOM   1078 C CB  . LYS A 1 134 ? 9.218   -8.329  -3.821  1.00 28.93 ? 134 LYS A CB  1 
ATOM   1079 C CG  . LYS A 1 134 ? 10.070  -9.185  -2.893  1.00 33.15 ? 134 LYS A CG  1 
ATOM   1080 C CD  . LYS A 1 134 ? 9.953   -10.669 -3.214  1.00 37.60 ? 134 LYS A CD  1 
ATOM   1081 C CE  . LYS A 1 134 ? 8.552   -11.193 -2.965  1.00 31.27 ? 134 LYS A CE  1 
ATOM   1082 N NZ  . LYS A 1 134 ? 8.465   -12.663 -3.203  1.00 28.94 ? 134 LYS A NZ  1 
ATOM   1083 N N   . SER A 1 135 ? 8.014   -5.184  -4.631  1.00 23.55 ? 135 SER A N   1 
ATOM   1084 C CA  . SER A 1 135 ? 7.267   -4.417  -5.619  1.00 23.73 ? 135 SER A CA  1 
ATOM   1085 C C   . SER A 1 135 ? 8.075   -3.191  -6.023  1.00 22.44 ? 135 SER A C   1 
ATOM   1086 O O   . SER A 1 135 ? 8.392   -2.347  -5.175  1.00 22.40 ? 135 SER A O   1 
ATOM   1087 C CB  . SER A 1 135 ? 5.907   -4.006  -5.056  1.00 21.69 ? 135 SER A CB  1 
ATOM   1088 O OG  . SER A 1 135 ? 5.351   -2.928  -5.786  1.00 19.87 ? 135 SER A OG  1 
ATOM   1089 N N   . TRP A 1 136 ? 8.402   -3.085  -7.315  1.00 21.38 ? 136 TRP A N   1 
ATOM   1090 C CA  . TRP A 1 136 ? 9.166   -1.927  -7.771  1.00 22.86 ? 136 TRP A CA  1 
ATOM   1091 C C   . TRP A 1 136 ? 8.356   -0.641  -7.660  1.00 20.84 ? 136 TRP A C   1 
ATOM   1092 O O   . TRP A 1 136 ? 8.926   0.424   -7.393  1.00 24.08 ? 136 TRP A O   1 
ATOM   1093 C CB  . TRP A 1 136 ? 9.664   -2.135  -9.206  1.00 21.78 ? 136 TRP A CB  1 
ATOM   1094 C CG  . TRP A 1 136 ? 8.597   -2.218  -10.271 1.00 20.88 ? 136 TRP A CG  1 
ATOM   1095 C CD1 . TRP A 1 136 ? 8.095   -3.353  -10.841 1.00 19.90 ? 136 TRP A CD1 1 
ATOM   1096 C CD2 . TRP A 1 136 ? 7.935   -1.119  -10.915 1.00 18.94 ? 136 TRP A CD2 1 
ATOM   1097 N NE1 . TRP A 1 136 ? 7.151   -3.031  -11.789 1.00 22.43 ? 136 TRP A NE1 1 
ATOM   1098 C CE2 . TRP A 1 136 ? 7.034   -1.667  -11.852 1.00 21.16 ? 136 TRP A CE2 1 
ATOM   1099 C CE3 . TRP A 1 136 ? 8.009   0.270   -10.781 1.00 21.26 ? 136 TRP A CE3 1 
ATOM   1100 C CZ2 . TRP A 1 136 ? 6.214   -0.871  -12.654 1.00 23.65 ? 136 TRP A CZ2 1 
ATOM   1101 C CZ3 . TRP A 1 136 ? 7.194   1.059   -11.579 1.00 24.20 ? 136 TRP A CZ3 1 
ATOM   1102 C CH2 . TRP A 1 136 ? 6.309   0.486   -12.503 1.00 22.73 ? 136 TRP A CH2 1 
ATOM   1103 N N   . SER A 1 137 ? 7.036   -0.715  -7.845  1.00 17.36 ? 137 SER A N   1 
ATOM   1104 C CA  . SER A 1 137 ? 6.209   0.475   -7.676  1.00 17.39 ? 137 SER A CA  1 
ATOM   1105 C C   . SER A 1 137 ? 6.186   0.925   -6.220  1.00 21.76 ? 137 SER A C   1 
ATOM   1106 O O   . SER A 1 137 ? 6.210   2.127   -5.935  1.00 19.01 ? 137 SER A O   1 
ATOM   1107 C CB  . SER A 1 137 ? 4.792   0.211   -8.184  1.00 19.42 ? 137 SER A CB  1 
ATOM   1108 O OG  . SER A 1 137 ? 4.184   -0.865  -7.491  1.00 22.13 ? 137 SER A OG  1 
ATOM   1109 N N   . ASN A 1 138 ? 6.136   -0.028  -5.284  1.00 16.28 ? 138 ASN A N   1 
ATOM   1110 C CA  . ASN A 1 138 ? 6.189   0.322   -3.869  1.00 17.84 ? 138 ASN A CA  1 
ATOM   1111 C C   . ASN A 1 138 ? 7.531   0.952   -3.517  1.00 21.37 ? 138 ASN A C   1 
ATOM   1112 O O   . ASN A 1 138 ? 7.593   1.899   -2.724  1.00 19.31 ? 138 ASN A O   1 
ATOM   1113 C CB  . ASN A 1 138 ? 5.936   -0.919  -3.013  1.00 20.58 ? 138 ASN A CB  1 
ATOM   1114 C CG  . ASN A 1 138 ? 5.430   -0.581  -1.622  1.00 22.96 ? 138 ASN A CG  1 
ATOM   1115 O OD1 . ASN A 1 138 ? 4.665   -1.344  -1.031  1.00 21.59 ? 138 ASN A OD1 1 
ATOM   1116 N ND2 . ASN A 1 138 ? 5.846   0.565   -1.095  1.00 18.67 ? 138 ASN A ND2 1 
ATOM   1117 N N   . ARG A 1 139 ? 8.617   0.437   -4.096  1.00 22.32 ? 139 ARG A N   1 
ATOM   1118 C CA  . ARG A 1 139 ? 9.922   1.058   -3.898  1.00 23.47 ? 139 ARG A CA  1 
ATOM   1119 C C   . ARG A 1 139 ? 9.917   2.494   -4.405  1.00 22.52 ? 139 ARG A C   1 
ATOM   1120 O O   . ARG A 1 139 ? 10.379  3.413   -3.718  1.00 20.96 ? 139 ARG A O   1 
ATOM   1121 C CB  . ARG A 1 139 ? 11.004  0.245   -4.610  1.00 20.57 ? 139 ARG A CB  1 
ATOM   1122 C CG  . ARG A 1 139 ? 12.414  0.589   -4.169  1.00 27.05 ? 139 ARG A CG  1 
ATOM   1123 C CD  . ARG A 1 139 ? 13.419  0.481   -5.305  1.00 32.41 ? 139 ARG A CD  1 
ATOM   1124 N NE  . ARG A 1 139 ? 13.238  -0.719  -6.118  1.00 33.17 ? 139 ARG A NE  1 
ATOM   1125 C CZ  . ARG A 1 139 ? 12.748  -0.714  -7.355  1.00 32.86 ? 139 ARG A CZ  1 
ATOM   1126 N NH1 . ARG A 1 139 ? 12.389  0.430   -7.923  1.00 30.88 ? 139 ARG A NH1 1 
ATOM   1127 N NH2 . ARG A 1 139 ? 12.623  -1.849  -8.028  1.00 25.35 ? 139 ARG A NH2 1 
ATOM   1128 N N   . GLN A 1 140 ? 9.388   2.703   -5.612  1.00 21.08 ? 140 GLN A N   1 
ATOM   1129 C CA  . GLN A 1 140 ? 9.414   4.029   -6.224  1.00 24.34 ? 140 GLN A CA  1 
ATOM   1130 C C   . GLN A 1 140 ? 8.621   5.042   -5.407  1.00 20.01 ? 140 GLN A C   1 
ATOM   1131 O O   . GLN A 1 140 ? 9.038   6.197   -5.260  1.00 23.12 ? 140 GLN A O   1 
ATOM   1132 C CB  . GLN A 1 140 ? 8.868   3.955   -7.649  1.00 25.94 ? 140 GLN A CB  1 
ATOM   1133 C CG  . GLN A 1 140 ? 9.860   4.375   -8.714  1.00 34.45 ? 140 GLN A CG  1 
ATOM   1134 C CD  . GLN A 1 140 ? 9.242   4.428   -10.097 1.00 32.90 ? 140 GLN A CD  1 
ATOM   1135 O OE1 . GLN A 1 140 ? 8.359   3.637   -10.425 1.00 39.28 ? 140 GLN A OE1 1 
ATOM   1136 N NE2 . GLN A 1 140 ? 9.698   5.372   -10.911 1.00 43.75 ? 140 GLN A NE2 1 
ATOM   1137 N N   . ALA A 1 141 ? 7.467   4.632   -4.877  1.00 18.37 ? 141 ALA A N   1 
ATOM   1138 C CA  . ALA A 1 141 ? 6.631   5.563   -4.126  1.00 19.27 ? 141 ALA A CA  1 
ATOM   1139 C C   . ALA A 1 141 ? 7.321   6.007   -2.844  1.00 21.68 ? 141 ALA A C   1 
ATOM   1140 O O   . ALA A 1 141 ? 7.275   7.188   -2.480  1.00 24.25 ? 141 ALA A O   1 
ATOM   1141 C CB  . ALA A 1 141 ? 5.276   4.923   -3.820  1.00 20.79 ? 141 ALA A CB  1 
ATOM   1142 N N   . ILE A 1 142 ? 7.962   5.072   -2.142  1.00 18.60 ? 142 ILE A N   1 
ATOM   1143 C CA  . ILE A 1 142 ? 8.705   5.425   -0.934  1.00 16.54 ? 142 ILE A CA  1 
ATOM   1144 C C   . ILE A 1 142 ? 9.831   6.393   -1.272  1.00 23.79 ? 142 ILE A C   1 
ATOM   1145 O O   . ILE A 1 142 ? 9.993   7.439   -0.632  1.00 23.97 ? 142 ILE A O   1 
ATOM   1146 C CB  . ILE A 1 142 ? 9.236   4.155   -0.244  1.00 20.19 ? 142 ILE A CB  1 
ATOM   1147 C CG1 . ILE A 1 142 ? 8.072   3.300   0.264   1.00 17.26 ? 142 ILE A CG1 1 
ATOM   1148 C CG2 . ILE A 1 142 ? 10.180  4.519   0.895   1.00 18.94 ? 142 ILE A CG2 1 
ATOM   1149 C CD1 . ILE A 1 142 ? 8.486   1.916   0.732   1.00 20.18 ? 142 ILE A CD1 1 
ATOM   1150 N N   . GLU A 1 143 ? 10.619  6.063   -2.298  1.00 22.56 ? 143 GLU A N   1 
ATOM   1151 C CA  . GLU A 1 143 ? 11.731  6.924   -2.686  1.00 25.40 ? 143 GLU A CA  1 
ATOM   1152 C C   . GLU A 1 143 ? 11.253  8.319   -3.074  1.00 28.78 ? 143 GLU A C   1 
ATOM   1153 O O   . GLU A 1 143 ? 11.834  9.323   -2.647  1.00 31.39 ? 143 GLU A O   1 
ATOM   1154 C CB  . GLU A 1 143 ? 12.506  6.286   -3.839  1.00 24.30 ? 143 GLU A CB  1 
ATOM   1155 C CG  . GLU A 1 143 ? 13.171  4.968   -3.485  1.00 28.68 ? 143 GLU A CG  1 
ATOM   1156 C CD  . GLU A 1 143 ? 13.840  4.315   -4.677  1.00 34.67 ? 143 GLU A CD  1 
ATOM   1157 O OE1 . GLU A 1 143 ? 13.436  4.607   -5.823  1.00 36.93 ? 143 GLU A OE1 1 
ATOM   1158 O OE2 . GLU A 1 143 ? 14.774  3.514   -4.470  1.00 39.23 ? 143 GLU A OE2 1 
ATOM   1159 N N   . GLN A 1 144 ? 10.191  8.402   -3.878  1.00 28.53 ? 144 GLN A N   1 
ATOM   1160 C CA  . GLN A 1 144 ? 9.783   9.690   -4.428  1.00 26.98 ? 144 GLN A CA  1 
ATOM   1161 C C   . GLN A 1 144 ? 8.946   10.512  -3.456  1.00 32.59 ? 144 GLN A C   1 
ATOM   1162 O O   . GLN A 1 144 ? 8.944   11.744  -3.547  1.00 29.35 ? 144 GLN A O   1 
ATOM   1163 C CB  . GLN A 1 144 ? 9.012   9.486   -5.735  1.00 30.28 ? 144 GLN A CB  1 
ATOM   1164 C CG  . GLN A 1 144 ? 9.846   8.871   -6.848  1.00 35.56 ? 144 GLN A CG  1 
ATOM   1165 C CD  . GLN A 1 144 ? 9.118   8.827   -8.183  1.00 43.05 ? 144 GLN A CD  1 
ATOM   1166 O OE1 . GLN A 1 144 ? 7.929   9.136   -8.268  1.00 38.31 ? 144 GLN A OE1 1 
ATOM   1167 N NE2 . GLN A 1 144 ? 9.835   8.445   -9.234  1.00 47.20 ? 144 GLN A NE2 1 
ATOM   1168 N N   . PHE A 1 145 ? 8.235   9.873   -2.524  1.00 28.65 ? 145 PHE A N   1 
ATOM   1169 C CA  . PHE A 1 145 ? 7.307   10.591  -1.661  1.00 26.81 ? 145 PHE A CA  1 
ATOM   1170 C C   . PHE A 1 145 ? 7.628   10.497  -0.175  1.00 31.27 ? 145 PHE A C   1 
ATOM   1171 O O   . PHE A 1 145 ? 6.868   11.038  0.638   1.00 33.04 ? 145 PHE A O   1 
ATOM   1172 C CB  . PHE A 1 145 ? 5.874   10.101  -1.907  1.00 25.65 ? 145 PHE A CB  1 
ATOM   1173 C CG  . PHE A 1 145 ? 5.313   10.526  -3.235  1.00 28.06 ? 145 PHE A CG  1 
ATOM   1174 C CD1 . PHE A 1 145 ? 4.600   11.709  -3.354  1.00 25.85 ? 145 PHE A CD1 1 
ATOM   1175 C CD2 . PHE A 1 145 ? 5.510   9.754   -4.366  1.00 25.13 ? 145 PHE A CD2 1 
ATOM   1176 C CE1 . PHE A 1 145 ? 4.086   12.108  -4.573  1.00 29.09 ? 145 PHE A CE1 1 
ATOM   1177 C CE2 . PHE A 1 145 ? 5.000   10.149  -5.589  1.00 26.87 ? 145 PHE A CE2 1 
ATOM   1178 C CZ  . PHE A 1 145 ? 4.286   11.328  -5.692  1.00 33.48 ? 145 PHE A CZ  1 
ATOM   1179 N N   . VAL A 1 146 ? 8.721   9.845   0.211   1.00 24.90 ? 146 VAL A N   1 
ATOM   1180 C CA  . VAL A 1 146 ? 9.130   9.825   1.610   1.00 28.71 ? 146 VAL A CA  1 
ATOM   1181 C C   . VAL A 1 146 ? 10.586  10.261  1.714   1.00 33.16 ? 146 VAL A C   1 
ATOM   1182 O O   . VAL A 1 146 ? 10.934  11.109  2.542   1.00 36.66 ? 146 VAL A O   1 
ATOM   1183 C CB  . VAL A 1 146 ? 8.918   8.439   2.245   1.00 28.56 ? 146 VAL A CB  1 
ATOM   1184 C CG1 . VAL A 1 146 ? 9.409   8.436   3.686   1.00 30.17 ? 146 VAL A CG1 1 
ATOM   1185 C CG2 . VAL A 1 146 ? 7.450   8.044   2.181   1.00 26.57 ? 146 VAL A CG2 1 
ATOM   1186 N N   . ILE A 1 147 ? 11.443  9.690   0.867   1.00 31.81 ? 147 ILE A N   1 
ATOM   1187 C CA  . ILE A 1 147 ? 12.869  9.994   0.938   1.00 34.20 ? 147 ILE A CA  1 
ATOM   1188 C C   . ILE A 1 147 ? 13.144  11.415  0.460   1.00 43.09 ? 147 ILE A C   1 
ATOM   1189 O O   . ILE A 1 147 ? 13.954  12.138  1.055   1.00 46.41 ? 147 ILE A O   1 
ATOM   1190 C CB  . ILE A 1 147 ? 13.675  8.957   0.135   1.00 33.89 ? 147 ILE A CB  1 
ATOM   1191 C CG1 . ILE A 1 147 ? 13.470  7.560   0.724   1.00 29.71 ? 147 ILE A CG1 1 
ATOM   1192 C CG2 . ILE A 1 147 ? 15.151  9.325   0.117   1.00 39.96 ? 147 ILE A CG2 1 
ATOM   1193 C CD1 . ILE A 1 147 ? 14.207  6.464   -0.017  1.00 31.75 ? 147 ILE A CD1 1 
ATOM   1194 N N   . ASN A 1 148 ? 12.487  11.840  -0.614  1.00 45.59 ? 148 ASN A N   1 
ATOM   1195 C CA  . ASN A 1 148 ? 12.670  13.195  -1.129  1.00 43.81 ? 148 ASN A CA  1 
ATOM   1196 C C   . ASN A 1 148 ? 11.613  14.139  -0.571  1.00 49.77 ? 148 ASN A C   1 
ATOM   1197 O O   . ASN A 1 148 ? 10.459  13.752  -0.385  1.00 48.65 ? 148 ASN A O   1 
ATOM   1198 C CB  . ASN A 1 148 ? 12.626  13.203  -2.659  1.00 39.05 ? 148 ASN A CB  1 
ATOM   1199 C CG  . ASN A 1 148 ? 13.747  12.391  -3.280  1.00 46.80 ? 148 ASN A CG  1 
ATOM   1200 O OD1 . ASN A 1 148 ? 14.838  12.283  -2.719  1.00 50.32 ? 148 ASN A OD1 1 
ATOM   1201 N ND2 . ASN A 1 148 ? 13.482  11.815  -4.447  1.00 47.17 ? 148 ASN A ND2 1 
HETATM 1202 S S   . SO4 B 2 .   ? 6.798   -4.430  -15.299 0.50 22.22 ? 201 SO4 A S   1 
HETATM 1203 O O1  . SO4 B 2 .   ? 7.810   -5.368  -15.775 0.49 24.18 ? 201 SO4 A O1  1 
HETATM 1204 O O2  . SO4 B 2 .   ? 5.614   -4.319  -16.146 0.59 24.39 ? 201 SO4 A O2  1 
HETATM 1205 O O3  . SO4 B 2 .   ? 6.197   -4.763  -14.010 0.53 24.17 ? 201 SO4 A O3  1 
HETATM 1206 O O4  . SO4 B 2 .   ? 7.457   -3.130  -15.383 0.59 24.74 ? 201 SO4 A O4  1 
HETATM 1207 C C1  . GOL C 3 .   ? -6.565  -12.749 -1.285  1.00 51.31 ? 202 GOL A C1  1 
HETATM 1208 O O1  . GOL C 3 .   ? -5.843  -12.211 -2.370  1.00 52.84 ? 202 GOL A O1  1 
HETATM 1209 C C2  . GOL C 3 .   ? -6.832  -11.661 -0.250  1.00 58.47 ? 202 GOL A C2  1 
HETATM 1210 O O2  . GOL C 3 .   ? -5.798  -11.661 0.709   1.00 60.30 ? 202 GOL A O2  1 
HETATM 1211 C C3  . GOL C 3 .   ? -6.912  -10.293 -0.921  1.00 55.57 ? 202 GOL A C3  1 
HETATM 1212 O O3  . GOL C 3 .   ? -5.616  -9.811  -1.198  1.00 57.41 ? 202 GOL A O3  1 
HETATM 1213 H H11 . GOL C 3 .   ? -7.511  -13.159 -1.640  1.00 61.57 ? 202 GOL A H11 1 
HETATM 1214 H H12 . GOL C 3 .   ? -5.995  -13.558 -0.829  1.00 61.57 ? 202 GOL A H12 1 
HETATM 1215 H HO1 . GOL C 3 .   ? -5.617  -12.929 -2.999  1.00 63.41 ? 202 GOL A HO1 1 
HETATM 1216 H H2  . GOL C 3 .   ? -7.786  -11.869 0.236   1.00 70.16 ? 202 GOL A H2  1 
HETATM 1217 H HO2 . GOL C 3 .   ? -4.947  -11.454 0.270   1.00 72.36 ? 202 GOL A HO2 1 
HETATM 1218 H H31 . GOL C 3 .   ? -7.480  -10.373 -1.849  1.00 66.68 ? 202 GOL A H31 1 
HETATM 1219 H H32 . GOL C 3 .   ? -7.431  -9.594  -0.267  1.00 66.68 ? 202 GOL A H32 1 
HETATM 1220 H HO3 . GOL C 3 .   ? -5.680  -8.972  -1.701  1.00 68.89 ? 202 GOL A HO3 1 
HETATM 1221 O O   . HOH D 4 .   ? 0.281   16.218  -8.722  1.00 41.63 ? 301 HOH A O   1 
HETATM 1222 O O   . HOH D 4 .   ? 10.859  6.715   -11.900 1.00 45.57 ? 302 HOH A O   1 
HETATM 1223 O O   . HOH D 4 .   ? -3.502  -15.874 7.915   1.00 40.15 ? 303 HOH A O   1 
HETATM 1224 O O   . HOH D 4 .   ? 5.677   14.750  5.709   1.00 36.87 ? 304 HOH A O   1 
HETATM 1225 O O   . HOH D 4 .   ? -13.356 5.638   8.280   1.00 40.42 ? 305 HOH A O   1 
HETATM 1226 O O   . HOH D 4 .   ? -5.231  -1.348  -15.070 1.00 34.55 ? 306 HOH A O   1 
HETATM 1227 O O   . HOH D 4 .   ? -9.424  -5.001  3.116   1.00 33.95 ? 307 HOH A O   1 
HETATM 1228 O O   . HOH D 4 .   ? -8.768  -3.877  13.407  1.00 42.85 ? 308 HOH A O   1 
HETATM 1229 O O   . HOH D 4 .   ? -8.113  5.232   13.797  1.00 27.74 ? 309 HOH A O   1 
HETATM 1230 O O   . HOH D 4 .   ? -12.849 12.833  14.699  0.50 31.71 ? 310 HOH A O   1 
HETATM 1231 O O   . HOH D 4 .   ? -1.447  -1.790  -5.448  1.00 19.08 ? 311 HOH A O   1 
HETATM 1232 O O   . HOH D 4 .   ? 13.656  2.478   -7.909  1.00 42.77 ? 312 HOH A O   1 
HETATM 1233 O O   . HOH D 4 .   ? 1.291   -9.285  -19.560 1.00 22.89 ? 313 HOH A O   1 
HETATM 1234 O O   . HOH D 4 .   ? 17.265  -0.070  8.349   1.00 33.44 ? 314 HOH A O   1 
HETATM 1235 O O   . HOH D 4 .   ? 12.762  13.095  10.809  1.00 21.83 ? 315 HOH A O   1 
HETATM 1236 O O   . HOH D 4 .   ? -1.125  -10.721 2.830   1.00 36.60 ? 316 HOH A O   1 
HETATM 1237 O O   . HOH D 4 .   ? 1.679   -12.041 -2.453  1.00 36.54 ? 317 HOH A O   1 
HETATM 1238 O O   . HOH D 4 .   ? -3.924  -7.416  1.911   1.00 42.86 ? 318 HOH A O   1 
HETATM 1239 O O   . HOH D 4 .   ? 1.733   -13.553 12.187  1.00 30.68 ? 319 HOH A O   1 
HETATM 1240 O O   . HOH D 4 .   ? -5.572  -16.989 -16.908 1.00 53.41 ? 320 HOH A O   1 
HETATM 1241 O O   . HOH D 4 .   ? 1.369   -11.875 -14.922 1.00 21.33 ? 321 HOH A O   1 
HETATM 1242 O O   . HOH D 4 .   ? 12.952  7.419   6.835   1.00 26.49 ? 322 HOH A O   1 
HETATM 1243 O O   . HOH D 4 .   ? 0.696   7.761   14.866  1.00 25.55 ? 323 HOH A O   1 
HETATM 1244 O O   . HOH D 4 .   ? 9.227   -8.096  0.338   1.00 20.96 ? 324 HOH A O   1 
HETATM 1245 O O   . HOH D 4 .   ? 13.020  6.475   -7.503  1.00 32.57 ? 325 HOH A O   1 
HETATM 1246 O O   . HOH D 4 .   ? 12.579  -3.178  -5.831  1.00 34.88 ? 326 HOH A O   1 
HETATM 1247 O O   . HOH D 4 .   ? 7.311   8.383   16.383  1.00 30.88 ? 327 HOH A O   1 
HETATM 1248 O O   . HOH D 4 .   ? 6.030   -6.809  -12.112 1.00 19.44 ? 328 HOH A O   1 
HETATM 1249 O O   . HOH D 4 .   ? -0.592  12.702  4.997   1.00 26.18 ? 329 HOH A O   1 
HETATM 1250 O O   . HOH D 4 .   ? -3.769  0.174   13.929  1.00 31.94 ? 330 HOH A O   1 
HETATM 1251 O O   . HOH D 4 .   ? -8.144  12.532  -5.156  1.00 31.33 ? 331 HOH A O   1 
HETATM 1252 O O   . HOH D 4 .   ? 15.243  0.551   9.495   1.00 27.54 ? 332 HOH A O   1 
HETATM 1253 O O   . HOH D 4 .   ? 11.002  2.406   15.009  1.00 28.42 ? 333 HOH A O   1 
HETATM 1254 O O   . HOH D 4 .   ? -6.043  -5.517  0.145   1.00 34.51 ? 334 HOH A O   1 
HETATM 1255 O O   . HOH D 4 .   ? -11.643 -10.956 -3.708  1.00 40.72 ? 335 HOH A O   1 
HETATM 1256 O O   . HOH D 4 .   ? 4.099   2.334   3.898   1.00 17.50 ? 336 HOH A O   1 
HETATM 1257 O O   . HOH D 4 .   ? -7.580  -18.449 -10.926 1.00 33.54 ? 337 HOH A O   1 
HETATM 1258 O O   . HOH D 4 .   ? 2.836   -2.526  -5.139  1.00 24.49 ? 338 HOH A O   1 
HETATM 1259 O O   . HOH D 4 .   ? -0.371  -18.042 -11.027 1.00 27.79 ? 339 HOH A O   1 
HETATM 1260 O O   . HOH D 4 .   ? 12.869  -3.205  -3.847  1.00 28.57 ? 340 HOH A O   1 
HETATM 1261 O O   . HOH D 4 .   ? 0.058   13.598  10.546  1.00 29.40 ? 341 HOH A O   1 
HETATM 1262 O O   . HOH D 4 .   ? 5.393   -2.936  -8.608  1.00 21.52 ? 342 HOH A O   1 
HETATM 1263 O O   . HOH D 4 .   ? -4.118  -5.436  -7.793  1.00 31.15 ? 343 HOH A O   1 
HETATM 1264 O O   . HOH D 4 .   ? -9.831  -9.626  -12.370 1.00 20.90 ? 344 HOH A O   1 
HETATM 1265 O O   . HOH D 4 .   ? 11.733  -10.598 1.702   1.00 30.55 ? 345 HOH A O   1 
HETATM 1266 O O   . HOH D 4 .   ? -13.527 9.882   -3.565  1.00 27.73 ? 346 HOH A O   1 
HETATM 1267 O O   . HOH D 4 .   ? -0.481  -18.800 -8.342  1.00 24.56 ? 347 HOH A O   1 
HETATM 1268 O O   . HOH D 4 .   ? -5.430  -4.875  -5.791  1.00 63.72 ? 348 HOH A O   1 
HETATM 1269 O O   . HOH D 4 .   ? 14.819  8.354   10.472  1.00 31.40 ? 349 HOH A O   1 
HETATM 1270 O O   . HOH D 4 .   ? 8.666   -5.547  -8.624  1.00 25.09 ? 350 HOH A O   1 
HETATM 1271 O O   . HOH D 4 .   ? -4.112  2.877   15.121  1.00 35.89 ? 351 HOH A O   1 
HETATM 1272 O O   . HOH D 4 .   ? 10.623  -11.621 5.595   1.00 35.89 ? 352 HOH A O   1 
HETATM 1273 O O   . HOH D 4 .   ? -7.751  12.551  3.582   1.00 33.51 ? 353 HOH A O   1 
HETATM 1274 O O   . HOH D 4 .   ? -13.469 -5.441  -12.225 1.00 36.47 ? 354 HOH A O   1 
HETATM 1275 O O   . HOH D 4 .   ? 3.543   2.483   -15.420 1.00 32.34 ? 355 HOH A O   1 
HETATM 1276 O O   . HOH D 4 .   ? 1.022   2.789   19.580  1.00 28.42 ? 356 HOH A O   1 
HETATM 1277 O O   . HOH D 4 .   ? 18.992  2.202   5.399   1.00 28.61 ? 357 HOH A O   1 
HETATM 1278 O O   . HOH D 4 .   ? -2.666  8.939   -7.406  1.00 20.36 ? 358 HOH A O   1 
HETATM 1279 O O   . HOH D 4 .   ? -9.261  4.915   6.765   1.00 26.32 ? 359 HOH A O   1 
HETATM 1280 O O   . HOH D 4 .   ? -6.227  5.860   16.726  1.00 45.43 ? 360 HOH A O   1 
HETATM 1281 O O   . HOH D 4 .   ? -2.142  -12.006 -5.884  1.00 32.85 ? 361 HOH A O   1 
HETATM 1282 O O   . HOH D 4 .   ? 16.562  1.528   -0.958  1.00 24.95 ? 362 HOH A O   1 
HETATM 1283 O O   . HOH D 4 .   ? 8.381   12.585  18.001  1.00 32.38 ? 363 HOH A O   1 
HETATM 1284 O O   . HOH D 4 .   ? -1.928  -4.639  1.204   1.00 31.32 ? 364 HOH A O   1 
HETATM 1285 O O   . HOH D 4 .   ? 4.051   -17.051 -2.216  1.00 31.81 ? 365 HOH A O   1 
HETATM 1286 O O   . HOH D 4 .   ? -15.519 2.463   -0.478  1.00 31.09 ? 366 HOH A O   1 
HETATM 1287 O O   . HOH D 4 .   ? -3.505  -6.392  7.413   1.00 28.43 ? 367 HOH A O   1 
HETATM 1288 O O   . HOH D 4 .   ? -2.858  1.613   -17.127 1.00 31.59 ? 368 HOH A O   1 
HETATM 1289 O O   . HOH D 4 .   ? 1.050   9.017   -13.213 1.00 35.81 ? 369 HOH A O   1 
HETATM 1290 O O   . HOH D 4 .   ? -11.474 -1.467  -10.661 1.00 25.98 ? 370 HOH A O   1 
HETATM 1291 O O   . HOH D 4 .   ? -5.285  -5.494  -16.860 1.00 26.15 ? 371 HOH A O   1 
HETATM 1292 O O   . HOH D 4 .   ? 15.493  1.220   -3.037  1.00 36.01 ? 372 HOH A O   1 
HETATM 1293 O O   . HOH D 4 .   ? -15.863 -2.163  3.332   1.00 39.94 ? 373 HOH A O   1 
HETATM 1294 O O   . HOH D 4 .   ? -2.255  12.734  7.887   1.00 30.12 ? 374 HOH A O   1 
HETATM 1295 O O   . HOH D 4 .   ? 1.882   14.713  19.105  1.00 61.18 ? 375 HOH A O   1 
HETATM 1296 O O   . HOH D 4 .   ? -4.202  14.996  -2.073  1.00 32.55 ? 376 HOH A O   1 
HETATM 1297 O O   . HOH D 4 .   ? -12.283 14.360  9.593   1.00 30.35 ? 377 HOH A O   1 
HETATM 1298 O O   . HOH D 4 .   ? -11.845 -7.880  -5.735  1.00 48.56 ? 378 HOH A O   1 
HETATM 1299 O O   . HOH D 4 .   ? 9.079   -17.066 3.751   1.00 26.54 ? 379 HOH A O   1 
HETATM 1300 O O   . HOH D 4 .   ? 3.270   -3.459  -2.534  1.00 22.58 ? 380 HOH A O   1 
HETATM 1301 O O   . HOH D 4 .   ? 7.518   2.164   16.680  1.00 27.88 ? 381 HOH A O   1 
HETATM 1302 O O   . HOH D 4 .   ? -11.613 -13.138 -18.044 1.00 34.83 ? 382 HOH A O   1 
HETATM 1303 O O   . HOH D 4 .   ? -3.326  -16.373 -2.754  1.00 27.99 ? 383 HOH A O   1 
HETATM 1304 O O   . HOH D 4 .   ? -6.761  11.023  -1.074  1.00 29.72 ? 384 HOH A O   1 
HETATM 1305 O O   . HOH D 4 .   ? -15.889 -4.628  -7.081  1.00 36.08 ? 385 HOH A O   1 
HETATM 1306 O O   . HOH D 4 .   ? 1.882   -8.516  -8.439  1.00 18.30 ? 386 HOH A O   1 
HETATM 1307 O O   . HOH D 4 .   ? 7.441   -4.360  14.450  1.00 35.96 ? 387 HOH A O   1 
HETATM 1308 O O   . HOH D 4 .   ? 1.034   0.298   23.230  1.00 45.53 ? 388 HOH A O   1 
HETATM 1309 O O   . HOH D 4 .   ? -3.805  -7.727  -18.446 1.00 22.26 ? 389 HOH A O   1 
HETATM 1310 O O   . HOH D 4 .   ? 10.776  -8.776  -6.737  1.00 43.57 ? 390 HOH A O   1 
HETATM 1311 O O   . HOH D 4 .   ? -6.132  17.579  10.599  1.00 30.96 ? 391 HOH A O   1 
HETATM 1312 O O   . HOH D 4 .   ? -14.276 3.904   1.584   1.00 30.67 ? 392 HOH A O   1 
HETATM 1313 O O   . HOH D 4 .   ? 3.632   7.479   -13.591 1.00 34.36 ? 393 HOH A O   1 
HETATM 1314 O O   . HOH D 4 .   ? -0.476  -8.446  -7.171  1.00 32.67 ? 394 HOH A O   1 
HETATM 1315 O O   . HOH D 4 .   ? 16.259  -3.189  4.201   1.00 33.21 ? 395 HOH A O   1 
HETATM 1316 O O   . HOH D 4 .   ? -6.831  -7.918  13.945  1.00 40.15 ? 396 HOH A O   1 
HETATM 1317 O O   . HOH D 4 .   ? -7.080  9.249   -7.686  1.00 31.67 ? 397 HOH A O   1 
HETATM 1318 O O   . HOH D 4 .   ? 14.004  9.312   -6.160  1.00 56.10 ? 398 HOH A O   1 
HETATM 1319 O O   . HOH D 4 .   ? -15.584 -16.580 -4.434  1.00 40.34 ? 399 HOH A O   1 
HETATM 1320 O O   . HOH D 4 .   ? 16.504  -5.455  1.729   1.00 27.12 ? 400 HOH A O   1 
HETATM 1321 O O   . HOH D 4 .   ? -4.462  8.222   -8.958  1.00 34.19 ? 401 HOH A O   1 
HETATM 1322 O O   . HOH D 4 .   ? -13.810 -17.007 -3.098  1.00 42.66 ? 402 HOH A O   1 
HETATM 1323 O O   . HOH D 4 .   ? 4.084   -7.892  13.849  1.00 28.18 ? 403 HOH A O   1 
HETATM 1324 O O   . HOH D 4 .   ? 13.853  -8.747  0.798   1.00 29.43 ? 404 HOH A O   1 
HETATM 1325 O O   . HOH D 4 .   ? -2.295  -10.194 -5.686  1.00 35.26 ? 405 HOH A O   1 
HETATM 1326 O O   . HOH D 4 .   ? -12.686 9.257   -0.683  1.00 29.49 ? 406 HOH A O   1 
HETATM 1327 O O   . HOH D 4 .   ? 8.662   -15.659 7.898   1.00 40.72 ? 407 HOH A O   1 
HETATM 1328 O O   . HOH D 4 .   ? 6.586   -2.198  15.844  1.00 36.25 ? 408 HOH A O   1 
HETATM 1329 O O   . HOH D 4 .   ? -13.960 -6.042  -6.452  1.00 51.10 ? 409 HOH A O   1 
HETATM 1330 O O   . HOH D 4 .   ? -2.146  -4.565  -5.735  1.00 31.00 ? 410 HOH A O   1 
HETATM 1331 O O   . HOH D 4 .   ? 2.411   -5.236  -5.780  1.00 18.64 ? 411 HOH A O   1 
HETATM 1332 O O   . HOH D 4 .   ? -9.902  5.911   14.919  1.00 38.57 ? 412 HOH A O   1 
HETATM 1333 O O   . HOH D 4 .   ? 5.566   -5.571  -9.379  1.00 19.18 ? 413 HOH A O   1 
HETATM 1334 O O   . HOH D 4 .   ? 11.911  4.868   17.980  1.00 32.91 ? 414 HOH A O   1 
HETATM 1335 O O   . HOH D 4 .   ? -11.807 -9.203  -12.577 1.00 31.83 ? 415 HOH A O   1 
HETATM 1336 O O   . HOH D 4 .   ? 8.168   -8.122  -12.866 0.50 21.76 ? 416 HOH A O   1 
HETATM 1337 O O   . HOH D 4 .   ? 0.662   15.450  16.596  1.00 31.02 ? 417 HOH A O   1 
HETATM 1338 O O   . HOH D 4 .   ? 18.085  -2.304  4.226   1.00 38.93 ? 418 HOH A O   1 
HETATM 1339 O O   . HOH D 4 .   ? -8.132  12.833  -2.306  1.00 28.80 ? 419 HOH A O   1 
HETATM 1340 O O   . HOH D 4 .   ? 3.907   -6.647  -7.667  1.00 28.76 ? 420 HOH A O   1 
HETATM 1341 O O   . HOH D 4 .   ? -7.358  15.450  -1.531  1.00 39.13 ? 421 HOH A O   1 
HETATM 1342 O O   . HOH D 4 .   ? -8.696  14.888  2.099   1.00 34.29 ? 422 HOH A O   1 
HETATM 1343 O O   . HOH D 4 .   ? 0.280   -6.442  -5.337  1.00 29.04 ? 423 HOH A O   1 
HETATM 1344 O O   . HOH D 4 .   ? -12.437 12.267  -4.218  1.00 30.26 ? 424 HOH A O   1 
HETATM 1345 O O   . HOH D 4 .   ? -15.708 6.367   1.745   1.00 30.15 ? 425 HOH A O   1 
HETATM 1346 O O   . HOH D 4 .   ? -11.902 12.657  5.022   1.00 38.29 ? 426 HOH A O   1 
HETATM 1347 O O   . HOH D 4 .   ? 2.090   -6.848  -6.968  1.00 41.24 ? 427 HOH A O   1 
HETATM 1348 O O   . HOH D 4 .   ? 2.845   18.799  15.282  1.00 50.13 ? 428 HOH A O   1 
HETATM 1349 O O   . HOH D 4 .   ? -11.549 11.480  0.288   1.00 37.12 ? 429 HOH A O   1 
HETATM 1350 O O   . HOH D 4 .   ? 19.886  -1.649  -0.685  1.00 31.06 ? 430 HOH A O   1 
# 
loop_
_pdbx_poly_seq_scheme.asym_id 
_pdbx_poly_seq_scheme.entity_id 
_pdbx_poly_seq_scheme.seq_id 
_pdbx_poly_seq_scheme.mon_id 
_pdbx_poly_seq_scheme.ndb_seq_num 
_pdbx_poly_seq_scheme.pdb_seq_num 
_pdbx_poly_seq_scheme.auth_seq_num 
_pdbx_poly_seq_scheme.pdb_mon_id 
_pdbx_poly_seq_scheme.auth_mon_id 
_pdbx_poly_seq_scheme.pdb_strand_id 
_pdbx_poly_seq_scheme.pdb_ins_code 
_pdbx_poly_seq_scheme.hetero 
A 1 1   MET 1   1   ?   ?   ?   A . n 
A 1 2   LYS 2   2   ?   ?   ?   A . n 
A 1 3   ASP 3   3   ?   ?   ?   A . n 
A 1 4   LYS 4   4   ?   ?   ?   A . n 
A 1 5   VAL 5   5   5   VAL VAL A . n 
A 1 6   TYR 6   6   6   TYR TYR A . n 
A 1 7   LYS 7   7   7   LYS LYS A . n 
A 1 8   ARG 8   8   8   ARG ARG A . n 
A 1 9   PRO 9   9   9   PRO PRO A . n 
A 1 10  VAL 10  10  10  VAL VAL A . n 
A 1 11  SER 11  11  11  SER SER A . n 
A 1 12  ILE 12  12  12  ILE ILE A . n 
A 1 13  LEU 13  13  13  LEU LEU A . n 
A 1 14  VAL 14  14  14  VAL VAL A . n 
A 1 15  VAL 15  15  15  VAL VAL A . n 
A 1 16  ILE 16  16  16  ILE ILE A . n 
A 1 17  TYR 17  17  17  TYR TYR A . n 
A 1 18  ALA 18  18  18  ALA ALA A . n 
A 1 19  GLN 19  19  19  GLN GLN A . n 
A 1 20  ASP 20  20  20  ASP ASP A . n 
A 1 21  THR 21  21  21  THR THR A . n 
A 1 22  LYS 22  22  22  LYS LYS A . n 
A 1 23  ARG 23  23  23  ARG ARG A . n 
A 1 24  VAL 24  24  24  VAL VAL A . n 
A 1 25  LEU 25  25  25  LEU LEU A . n 
A 1 26  MET 26  26  26  MET MET A . n 
A 1 27  LEU 27  27  27  LEU LEU A . n 
A 1 28  GLN 28  28  28  GLN GLN A . n 
A 1 29  ARG 29  29  29  ARG ARG A . n 
A 1 30  ARG 30  30  30  ARG ARG A . n 
A 1 31  ASP 31  31  31  ASP ASP A . n 
A 1 32  ASP 32  32  32  ASP ASP A . n 
A 1 33  PRO 33  33  33  PRO PRO A . n 
A 1 34  ASP 34  34  34  ASP ASP A . n 
A 1 35  PHE 35  35  35  PHE PHE A . n 
A 1 36  TRP 36  36  36  TRP TRP A . n 
A 1 37  GLN 37  37  37  GLN GLN A . n 
A 1 38  SER 38  38  38  SER SER A . n 
A 1 39  VAL 39  39  39  VAL VAL A . n 
A 1 40  THR 40  40  40  THR THR A . n 
A 1 41  GLY 41  41  41  GLY GLY A . n 
A 1 42  SER 42  42  42  SER SER A . n 
A 1 43  VAL 43  43  43  VAL VAL A . n 
A 1 44  GLU 44  44  44  GLU GLU A . n 
A 1 45  GLU 45  45  45  GLU GLU A . n 
A 1 46  GLY 46  46  46  GLY GLY A . n 
A 1 47  GLU 47  47  47  GLU GLU A . n 
A 1 48  THR 48  48  48  THR THR A . n 
A 1 49  ALA 49  49  49  ALA ALA A . n 
A 1 50  PRO 50  50  50  PRO PRO A . n 
A 1 51  GLN 51  51  51  GLN GLN A . n 
A 1 52  ALA 52  52  52  ALA ALA A . n 
A 1 53  ALA 53  53  53  ALA ALA A . n 
A 1 54  MET 54  54  54  MET MET A . n 
A 1 55  ARG 55  55  55  ARG ARG A . n 
A 1 56  GLU 56  56  56  GLU GLU A . n 
A 1 57  VAL 57  57  57  VAL VAL A . n 
A 1 58  LYS 58  58  58  LYS LYS A . n 
A 1 59  GLU 59  59  59  GLU GLU A . n 
A 1 60  GLU 60  60  60  GLU GLU A . n 
A 1 61  VAL 61  61  61  VAL VAL A . n 
A 1 62  THR 62  62  62  THR THR A . n 
A 1 63  ILE 63  63  63  ILE ILE A . n 
A 1 64  ASP 64  64  64  ASP ASP A . n 
A 1 65  VAL 65  65  65  VAL VAL A . n 
A 1 66  VAL 66  66  66  VAL VAL A . n 
A 1 67  ALA 67  67  67  ALA ALA A . n 
A 1 68  GLU 68  68  68  GLU GLU A . n 
A 1 69  GLN 69  69  69  GLN GLN A . n 
A 1 70  LEU 70  70  70  LEU LEU A . n 
A 1 71  THR 71  71  71  THR THR A . n 
A 1 72  LEU 72  72  72  LEU LEU A . n 
A 1 73  ILE 73  73  73  ILE ILE A . n 
A 1 74  ASP 74  74  74  ASP ASP A . n 
A 1 75  CYS 75  75  75  CYS CYS A . n 
A 1 76  GLN 76  76  76  GLN GLN A . n 
A 1 77  ARG 77  77  77  ARG ARG A . n 
A 1 78  THR 78  78  78  THR THR A . n 
A 1 79  VAL 79  79  79  VAL VAL A . n 
A 1 80  GLU 80  80  80  GLU GLU A . n 
A 1 81  PHE 81  81  81  PHE PHE A . n 
A 1 82  GLU 82  82  82  GLU GLU A . n 
A 1 83  ILE 83  83  83  ILE ILE A . n 
A 1 84  PHE 84  84  84  PHE PHE A . n 
A 1 85  SER 85  85  85  SER SER A . n 
A 1 86  HIS 86  86  86  HIS HIS A . n 
A 1 87  LEU 87  87  87  LEU LEU A . n 
A 1 88  ARG 88  88  88  ARG ARG A . n 
A 1 89  HIS 89  89  89  HIS HIS A . n 
A 1 90  ARG 90  90  90  ARG ARG A . n 
A 1 91  TYR 91  91  91  TYR TYR A . n 
A 1 92  ALA 92  92  92  ALA ALA A . n 
A 1 93  PRO 93  93  93  PRO PRO A . n 
A 1 94  GLY 94  94  94  GLY GLY A . n 
A 1 95  VAL 95  95  95  VAL VAL A . n 
A 1 96  THR 96  96  96  THR THR A . n 
A 1 97  ARG 97  97  97  ARG ARG A . n 
A 1 98  ASN 98  98  98  ASN ASN A . n 
A 1 99  THR 99  99  99  THR THR A . n 
A 1 100 GLU 100 100 100 GLU GLU A . n 
A 1 101 SER 101 101 101 SER SER A . n 
A 1 102 TRP 102 102 102 TRP TRP A . n 
A 1 103 PHE 103 103 103 PHE PHE A . n 
A 1 104 CYS 104 104 104 CYS CYS A . n 
A 1 105 LEU 105 105 105 LEU LEU A . n 
A 1 106 ALA 106 106 106 ALA ALA A . n 
A 1 107 LEU 107 107 107 LEU LEU A . n 
A 1 108 PRO 108 108 108 PRO PRO A . n 
A 1 109 HIS 109 109 109 HIS HIS A . n 
A 1 110 GLU 110 110 110 GLU GLU A . n 
A 1 111 ARG 111 111 111 ARG ARG A . n 
A 1 112 GLN 112 112 112 GLN GLN A . n 
A 1 113 ILE 113 113 113 ILE ILE A . n 
A 1 114 VAL 114 114 114 VAL VAL A . n 
A 1 115 PHE 115 115 115 PHE PHE A . n 
A 1 116 THR 116 116 116 THR THR A . n 
A 1 117 GLU 117 117 117 GLU GLU A . n 
A 1 118 HIS 118 118 118 HIS HIS A . n 
A 1 119 LEU 119 119 119 LEU LEU A . n 
A 1 120 ALA 120 120 120 ALA ALA A . n 
A 1 121 TYR 121 121 121 TYR TYR A . n 
A 1 122 LYS 122 122 122 LYS LYS A . n 
A 1 123 TRP 123 123 123 TRP TRP A . n 
A 1 124 LEU 124 124 124 LEU LEU A . n 
A 1 125 ASP 125 125 125 ASP ASP A . n 
A 1 126 ALA 126 126 126 ALA ALA A . n 
A 1 127 PRO 127 127 127 PRO PRO A . n 
A 1 128 ALA 128 128 128 ALA ALA A . n 
A 1 129 ALA 129 129 129 ALA ALA A . n 
A 1 130 ALA 130 130 130 ALA ALA A . n 
A 1 131 ALA 131 131 131 ALA ALA A . n 
A 1 132 LEU 132 132 132 LEU LEU A . n 
A 1 133 THR 133 133 133 THR THR A . n 
A 1 134 LYS 134 134 134 LYS LYS A . n 
A 1 135 SER 135 135 135 SER SER A . n 
A 1 136 TRP 136 136 136 TRP TRP A . n 
A 1 137 SER 137 137 137 SER SER A . n 
A 1 138 ASN 138 138 138 ASN ASN A . n 
A 1 139 ARG 139 139 139 ARG ARG A . n 
A 1 140 GLN 140 140 140 GLN GLN A . n 
A 1 141 ALA 141 141 141 ALA ALA A . n 
A 1 142 ILE 142 142 142 ILE ILE A . n 
A 1 143 GLU 143 143 143 GLU GLU A . n 
A 1 144 GLN 144 144 144 GLN GLN A . n 
A 1 145 PHE 145 145 145 PHE PHE A . n 
A 1 146 VAL 146 146 146 VAL VAL A . n 
A 1 147 ILE 147 147 147 ILE ILE A . n 
A 1 148 ASN 148 148 148 ASN ASN A . n 
A 1 149 ALA 149 149 ?   ?   ?   A . n 
A 1 150 ALA 150 150 ?   ?   ?   A . n 
# 
loop_
_pdbx_nonpoly_scheme.asym_id 
_pdbx_nonpoly_scheme.entity_id 
_pdbx_nonpoly_scheme.mon_id 
_pdbx_nonpoly_scheme.ndb_seq_num 
_pdbx_nonpoly_scheme.pdb_seq_num 
_pdbx_nonpoly_scheme.auth_seq_num 
_pdbx_nonpoly_scheme.pdb_mon_id 
_pdbx_nonpoly_scheme.auth_mon_id 
_pdbx_nonpoly_scheme.pdb_strand_id 
_pdbx_nonpoly_scheme.pdb_ins_code 
B 2 SO4 1   201 1   SO4 SO4 A . 
C 3 GOL 1   202 1   GOL GOL A . 
D 4 HOH 1   301 115 HOH HOH A . 
D 4 HOH 2   302 66  HOH HOH A . 
D 4 HOH 3   303 106 HOH HOH A . 
D 4 HOH 4   304 65  HOH HOH A . 
D 4 HOH 5   305 96  HOH HOH A . 
D 4 HOH 6   306 87  HOH HOH A . 
D 4 HOH 7   307 51  HOH HOH A . 
D 4 HOH 8   308 75  HOH HOH A . 
D 4 HOH 9   309 8   HOH HOH A . 
D 4 HOH 10  310 94  HOH HOH A . 
D 4 HOH 11  311 5   HOH HOH A . 
D 4 HOH 12  312 108 HOH HOH A . 
D 4 HOH 13  313 3   HOH HOH A . 
D 4 HOH 14  314 78  HOH HOH A . 
D 4 HOH 15  315 28  HOH HOH A . 
D 4 HOH 16  316 121 HOH HOH A . 
D 4 HOH 17  317 95  HOH HOH A . 
D 4 HOH 18  318 99  HOH HOH A . 
D 4 HOH 19  319 73  HOH HOH A . 
D 4 HOH 20  320 129 HOH HOH A . 
D 4 HOH 21  321 59  HOH HOH A . 
D 4 HOH 22  322 15  HOH HOH A . 
D 4 HOH 23  323 30  HOH HOH A . 
D 4 HOH 24  324 6   HOH HOH A . 
D 4 HOH 25  325 54  HOH HOH A . 
D 4 HOH 26  326 104 HOH HOH A . 
D 4 HOH 27  327 47  HOH HOH A . 
D 4 HOH 28  328 10  HOH HOH A . 
D 4 HOH 29  329 9   HOH HOH A . 
D 4 HOH 30  330 22  HOH HOH A . 
D 4 HOH 31  331 64  HOH HOH A . 
D 4 HOH 32  332 24  HOH HOH A . 
D 4 HOH 33  333 103 HOH HOH A . 
D 4 HOH 34  334 56  HOH HOH A . 
D 4 HOH 35  335 112 HOH HOH A . 
D 4 HOH 36  336 1   HOH HOH A . 
D 4 HOH 37  337 89  HOH HOH A . 
D 4 HOH 38  338 14  HOH HOH A . 
D 4 HOH 39  339 98  HOH HOH A . 
D 4 HOH 40  340 43  HOH HOH A . 
D 4 HOH 41  341 57  HOH HOH A . 
D 4 HOH 42  342 7   HOH HOH A . 
D 4 HOH 43  343 34  HOH HOH A . 
D 4 HOH 44  344 76  HOH HOH A . 
D 4 HOH 45  345 88  HOH HOH A . 
D 4 HOH 46  346 19  HOH HOH A . 
D 4 HOH 47  347 21  HOH HOH A . 
D 4 HOH 48  348 128 HOH HOH A . 
D 4 HOH 49  349 105 HOH HOH A . 
D 4 HOH 50  350 37  HOH HOH A . 
D 4 HOH 51  351 72  HOH HOH A . 
D 4 HOH 52  352 110 HOH HOH A . 
D 4 HOH 53  353 29  HOH HOH A . 
D 4 HOH 54  354 40  HOH HOH A . 
D 4 HOH 55  355 119 HOH HOH A . 
D 4 HOH 56  356 13  HOH HOH A . 
D 4 HOH 57  357 42  HOH HOH A . 
D 4 HOH 58  358 23  HOH HOH A . 
D 4 HOH 59  359 20  HOH HOH A . 
D 4 HOH 60  360 130 HOH HOH A . 
D 4 HOH 61  361 48  HOH HOH A . 
D 4 HOH 62  362 25  HOH HOH A . 
D 4 HOH 63  363 36  HOH HOH A . 
D 4 HOH 64  364 50  HOH HOH A . 
D 4 HOH 65  365 62  HOH HOH A . 
D 4 HOH 66  366 92  HOH HOH A . 
D 4 HOH 67  367 4   HOH HOH A . 
D 4 HOH 68  368 116 HOH HOH A . 
D 4 HOH 69  369 70  HOH HOH A . 
D 4 HOH 70  370 52  HOH HOH A . 
D 4 HOH 71  371 12  HOH HOH A . 
D 4 HOH 72  372 86  HOH HOH A . 
D 4 HOH 73  373 109 HOH HOH A . 
D 4 HOH 74  374 44  HOH HOH A . 
D 4 HOH 75  375 35  HOH HOH A . 
D 4 HOH 76  376 26  HOH HOH A . 
D 4 HOH 77  377 69  HOH HOH A . 
D 4 HOH 78  378 126 HOH HOH A . 
D 4 HOH 79  379 49  HOH HOH A . 
D 4 HOH 80  380 27  HOH HOH A . 
D 4 HOH 81  381 53  HOH HOH A . 
D 4 HOH 82  382 117 HOH HOH A . 
D 4 HOH 83  383 33  HOH HOH A . 
D 4 HOH 84  384 81  HOH HOH A . 
D 4 HOH 85  385 82  HOH HOH A . 
D 4 HOH 86  386 11  HOH HOH A . 
D 4 HOH 87  387 39  HOH HOH A . 
D 4 HOH 88  388 100 HOH HOH A . 
D 4 HOH 89  389 2   HOH HOH A . 
D 4 HOH 90  390 85  HOH HOH A . 
D 4 HOH 91  391 84  HOH HOH A . 
D 4 HOH 92  392 38  HOH HOH A . 
D 4 HOH 93  393 63  HOH HOH A . 
D 4 HOH 94  394 61  HOH HOH A . 
D 4 HOH 95  395 79  HOH HOH A . 
D 4 HOH 96  396 122 HOH HOH A . 
D 4 HOH 97  397 46  HOH HOH A . 
D 4 HOH 98  398 107 HOH HOH A . 
D 4 HOH 99  399 120 HOH HOH A . 
D 4 HOH 100 400 60  HOH HOH A . 
D 4 HOH 101 401 80  HOH HOH A . 
D 4 HOH 102 402 123 HOH HOH A . 
D 4 HOH 103 403 68  HOH HOH A . 
D 4 HOH 104 404 91  HOH HOH A . 
D 4 HOH 105 405 90  HOH HOH A . 
D 4 HOH 106 406 71  HOH HOH A . 
D 4 HOH 107 407 127 HOH HOH A . 
D 4 HOH 108 408 74  HOH HOH A . 
D 4 HOH 109 409 124 HOH HOH A . 
D 4 HOH 110 410 93  HOH HOH A . 
D 4 HOH 111 411 31  HOH HOH A . 
D 4 HOH 112 412 67  HOH HOH A . 
D 4 HOH 113 413 17  HOH HOH A . 
D 4 HOH 114 414 102 HOH HOH A . 
D 4 HOH 115 415 114 HOH HOH A . 
D 4 HOH 116 416 45  HOH HOH A . 
D 4 HOH 117 417 101 HOH HOH A . 
D 4 HOH 118 418 125 HOH HOH A . 
D 4 HOH 119 419 55  HOH HOH A . 
D 4 HOH 120 420 18  HOH HOH A . 
D 4 HOH 121 421 77  HOH HOH A . 
D 4 HOH 122 422 58  HOH HOH A . 
D 4 HOH 123 423 16  HOH HOH A . 
D 4 HOH 124 424 32  HOH HOH A . 
D 4 HOH 125 425 83  HOH HOH A . 
D 4 HOH 126 426 113 HOH HOH A . 
D 4 HOH 127 427 118 HOH HOH A . 
D 4 HOH 128 428 111 HOH HOH A . 
D 4 HOH 129 429 97  HOH HOH A . 
D 4 HOH 130 430 41  HOH HOH A . 
# 
loop_
_pdbx_struct_assembly.id 
_pdbx_struct_assembly.details 
_pdbx_struct_assembly.method_details 
_pdbx_struct_assembly.oligomeric_details 
_pdbx_struct_assembly.oligomeric_count 
1 author_defined_assembly   ?    monomeric 1 
2 software_defined_assembly PISA dimeric   2 
# 
loop_
_pdbx_struct_assembly_gen.assembly_id 
_pdbx_struct_assembly_gen.oper_expression 
_pdbx_struct_assembly_gen.asym_id_list 
1 1   A,B,C,D 
2 1,2 A,B,C,D 
# 
loop_
_pdbx_struct_assembly_prop.biol_id 
_pdbx_struct_assembly_prop.type 
_pdbx_struct_assembly_prop.value 
_pdbx_struct_assembly_prop.details 
2 'ABSA (A^2)' 1090  ? 
2 MORE         -38   ? 
2 'SSA (A^2)'  14080 ? 
# 
loop_
_pdbx_struct_oper_list.id 
_pdbx_struct_oper_list.type 
_pdbx_struct_oper_list.name 
_pdbx_struct_oper_list.symmetry_operation 
_pdbx_struct_oper_list.matrix[1][1] 
_pdbx_struct_oper_list.matrix[1][2] 
_pdbx_struct_oper_list.matrix[1][3] 
_pdbx_struct_oper_list.vector[1] 
_pdbx_struct_oper_list.matrix[2][1] 
_pdbx_struct_oper_list.matrix[2][2] 
_pdbx_struct_oper_list.matrix[2][3] 
_pdbx_struct_oper_list.vector[2] 
_pdbx_struct_oper_list.matrix[3][1] 
_pdbx_struct_oper_list.matrix[3][2] 
_pdbx_struct_oper_list.matrix[3][3] 
_pdbx_struct_oper_list.vector[3] 
1 'identity operation'         1_555 x,y,z     1.0000000000  0.0000000000  0.0000000000 0.0000000000  0.0000000000  1.0000000000 0.0000000000  0.0000000000   0.0000000000 0.0000000000  1.0000000000  0.0000000000   
2 'crystal symmetry operation' 2_455 -x-1,y,-z -0.8246485171 -0.4722910663 0.3112811782 15.0734610898 -0.4722910663 0.2720670943 -0.8384036288 -12.8411114585 0.3112811782 -0.8384036288 -0.4474185772 -27.9743736132 
# 
loop_
_pdbx_struct_special_symmetry.id 
_pdbx_struct_special_symmetry.PDB_model_num 
_pdbx_struct_special_symmetry.auth_asym_id 
_pdbx_struct_special_symmetry.auth_comp_id 
_pdbx_struct_special_symmetry.auth_seq_id 
_pdbx_struct_special_symmetry.PDB_ins_code 
_pdbx_struct_special_symmetry.label_asym_id 
_pdbx_struct_special_symmetry.label_comp_id 
_pdbx_struct_special_symmetry.label_seq_id 
1 1 A SO4 201 ? B SO4 . 
2 1 A HOH 310 ? D HOH . 
3 1 A HOH 416 ? D HOH . 
# 
loop_
_pdbx_audit_revision_history.ordinal 
_pdbx_audit_revision_history.data_content_type 
_pdbx_audit_revision_history.major_revision 
_pdbx_audit_revision_history.minor_revision 
_pdbx_audit_revision_history.revision_date 
1 'Structure model' 1 0 2017-06-21 
2 'Structure model' 1 1 2017-08-09 
3 'Structure model' 1 2 2017-11-22 
4 'Structure model' 1 3 2022-03-16 
5 'Structure model' 1 4 2023-10-04 
# 
_pdbx_audit_revision_details.ordinal             1 
_pdbx_audit_revision_details.revision_ordinal    1 
_pdbx_audit_revision_details.data_content_type   'Structure model' 
_pdbx_audit_revision_details.provider            repository 
_pdbx_audit_revision_details.type                'Initial release' 
_pdbx_audit_revision_details.description         ? 
_pdbx_audit_revision_details.details             ? 
# 
loop_
_pdbx_audit_revision_group.ordinal 
_pdbx_audit_revision_group.revision_ordinal 
_pdbx_audit_revision_group.data_content_type 
_pdbx_audit_revision_group.group 
1 2 'Structure model' 'Database references'        
2 3 'Structure model' 'Refinement description'     
3 4 'Structure model' 'Author supporting evidence' 
4 4 'Structure model' 'Database references'        
5 5 'Structure model' 'Data collection'            
6 5 'Structure model' 'Refinement description'     
# 
loop_
_pdbx_audit_revision_category.ordinal 
_pdbx_audit_revision_category.revision_ordinal 
_pdbx_audit_revision_category.data_content_type 
_pdbx_audit_revision_category.category 
1 2 'Structure model' citation                      
2 2 'Structure model' citation_author               
3 3 'Structure model' software                      
4 4 'Structure model' database_2                    
5 4 'Structure model' pdbx_audit_support            
6 5 'Structure model' chem_comp_atom                
7 5 'Structure model' chem_comp_bond                
8 5 'Structure model' pdbx_initial_refinement_model 
# 
loop_
_pdbx_audit_revision_item.ordinal 
_pdbx_audit_revision_item.revision_ordinal 
_pdbx_audit_revision_item.data_content_type 
_pdbx_audit_revision_item.item 
1  2 'Structure model' '_citation.journal_abbrev'                 
2  2 'Structure model' '_citation.journal_volume'                 
3  2 'Structure model' '_citation.page_first'                     
4  2 'Structure model' '_citation.page_last'                      
5  2 'Structure model' '_citation.pdbx_database_id_DOI'           
6  2 'Structure model' '_citation.pdbx_database_id_PubMed'        
7  2 'Structure model' '_citation.title'                          
8  2 'Structure model' '_citation_author.name'                    
9  3 'Structure model' '_software.classification'                 
10 4 'Structure model' '_database_2.pdbx_DOI'                     
11 4 'Structure model' '_database_2.pdbx_database_accession'      
12 4 'Structure model' '_pdbx_audit_support.funding_organization' 
# 
loop_
_software.citation_id 
_software.classification 
_software.compiler_name 
_software.compiler_version 
_software.contact_author 
_software.contact_author_email 
_software.date 
_software.description 
_software.dependencies 
_software.hardware 
_software.language 
_software.location 
_software.mods 
_software.name 
_software.os 
_software.os_version 
_software.type 
_software.version 
_software.pdbx_ordinal 
? refinement     ? ? ? ? ? ? ? ? ? ? ? PHENIX   ? ? ? '(1.10.1_2155: ???)' 1 
? phasing        ? ? ? ? ? ? ? ? ? ? ? HKL-3000 ? ? ? .                    2 
? 'data scaling' ? ? ? ? ? ? ? ? ? ? ? HKL-3000 ? ? ? .                    3 
? phasing        ? ? ? ? ? ? ? ? ? ? ? PHASER   ? ? ? .                    4 
# 
loop_
_pdbx_validate_close_contact.id 
_pdbx_validate_close_contact.PDB_model_num 
_pdbx_validate_close_contact.auth_atom_id_1 
_pdbx_validate_close_contact.auth_asym_id_1 
_pdbx_validate_close_contact.auth_comp_id_1 
_pdbx_validate_close_contact.auth_seq_id_1 
_pdbx_validate_close_contact.PDB_ins_code_1 
_pdbx_validate_close_contact.label_alt_id_1 
_pdbx_validate_close_contact.auth_atom_id_2 
_pdbx_validate_close_contact.auth_asym_id_2 
_pdbx_validate_close_contact.auth_comp_id_2 
_pdbx_validate_close_contact.auth_seq_id_2 
_pdbx_validate_close_contact.PDB_ins_code_2 
_pdbx_validate_close_contact.label_alt_id_2 
_pdbx_validate_close_contact.dist 
1  1 O   A HOH 361 ? ? O A HOH 405 ? ? 1.83 
2  1 O   A HOH 420 ? ? O A HOH 427 ? ? 1.96 
3  1 OE1 A GLN 76  ? A O A HOH 301 ? ? 1.97 
4  1 O   A HOH 326 ? ? O A HOH 340 ? ? 2.01 
5  1 O   A HOH 411 ? ? O A HOH 427 ? ? 2.03 
6  1 O   A HOH 395 ? ? O A HOH 418 ? ? 2.03 
7  1 O   A HOH 344 ? ? O A HOH 415 ? ? 2.03 
8  1 NE2 A GLN 140 ? ? O A HOH 302 ? ? 2.03 
9  1 NH1 A ARG 30  ? ? O A HOH 303 ? ? 2.12 
10 1 OE1 A GLN 19  ? A O A HOH 304 ? ? 2.12 
11 1 OD1 A ASP 64  ? ? O A HOH 305 ? ? 2.17 
12 1 OG1 A THR 99  ? ? O A HOH 306 ? ? 2.19 
# 
loop_
_pdbx_validate_symm_contact.id 
_pdbx_validate_symm_contact.PDB_model_num 
_pdbx_validate_symm_contact.auth_atom_id_1 
_pdbx_validate_symm_contact.auth_asym_id_1 
_pdbx_validate_symm_contact.auth_comp_id_1 
_pdbx_validate_symm_contact.auth_seq_id_1 
_pdbx_validate_symm_contact.PDB_ins_code_1 
_pdbx_validate_symm_contact.label_alt_id_1 
_pdbx_validate_symm_contact.site_symmetry_1 
_pdbx_validate_symm_contact.auth_atom_id_2 
_pdbx_validate_symm_contact.auth_asym_id_2 
_pdbx_validate_symm_contact.auth_comp_id_2 
_pdbx_validate_symm_contact.auth_seq_id_2 
_pdbx_validate_symm_contact.PDB_ins_code_2 
_pdbx_validate_symm_contact.label_alt_id_2 
_pdbx_validate_symm_contact.site_symmetry_2 
_pdbx_validate_symm_contact.dist 
1 1 O A HOH 349 ? ? 1_555 O A HOH 349 ? ? 2_456 1.67 
2 1 O A HOH 382 ? ? 1_555 O A HOH 407 ? ? 4_355 1.86 
3 1 O A HOH 400 ? ? 1_555 O A HOH 406 ? ? 3_545 2.07 
# 
_pdbx_validate_torsion.id              1 
_pdbx_validate_torsion.PDB_model_num   1 
_pdbx_validate_torsion.auth_comp_id    PRO 
_pdbx_validate_torsion.auth_asym_id    A 
_pdbx_validate_torsion.auth_seq_id     9 
_pdbx_validate_torsion.PDB_ins_code    ? 
_pdbx_validate_torsion.label_alt_id    ? 
_pdbx_validate_torsion.phi             -77.71 
_pdbx_validate_torsion.psi             26.13 
# 
loop_
_pdbx_unobs_or_zero_occ_residues.id 
_pdbx_unobs_or_zero_occ_residues.PDB_model_num 
_pdbx_unobs_or_zero_occ_residues.polymer_flag 
_pdbx_unobs_or_zero_occ_residues.occupancy_flag 
_pdbx_unobs_or_zero_occ_residues.auth_asym_id 
_pdbx_unobs_or_zero_occ_residues.auth_comp_id 
_pdbx_unobs_or_zero_occ_residues.auth_seq_id 
_pdbx_unobs_or_zero_occ_residues.PDB_ins_code 
_pdbx_unobs_or_zero_occ_residues.label_asym_id 
_pdbx_unobs_or_zero_occ_residues.label_comp_id 
_pdbx_unobs_or_zero_occ_residues.label_seq_id 
1 1 Y 1 A MET 1   ? A MET 1   
2 1 Y 1 A LYS 2   ? A LYS 2   
3 1 Y 1 A ASP 3   ? A ASP 3   
4 1 Y 1 A LYS 4   ? A LYS 4   
5 1 Y 1 A ALA 149 ? A ALA 149 
6 1 Y 1 A ALA 150 ? A ALA 150 
# 
loop_
_chem_comp_atom.comp_id 
_chem_comp_atom.atom_id 
_chem_comp_atom.type_symbol 
_chem_comp_atom.pdbx_aromatic_flag 
_chem_comp_atom.pdbx_stereo_config 
_chem_comp_atom.pdbx_ordinal 
ALA N    N N N 1   
ALA CA   C N S 2   
ALA C    C N N 3   
ALA O    O N N 4   
ALA CB   C N N 5   
ALA OXT  O N N 6   
ALA H    H N N 7   
ALA H2   H N N 8   
ALA HA   H N N 9   
ALA HB1  H N N 10  
ALA HB2  H N N 11  
ALA HB3  H N N 12  
ALA HXT  H N N 13  
ARG N    N N N 14  
ARG CA   C N S 15  
ARG C    C N N 16  
ARG O    O N N 17  
ARG CB   C N N 18  
ARG CG   C N N 19  
ARG CD   C N N 20  
ARG NE   N N N 21  
ARG CZ   C N N 22  
ARG NH1  N N N 23  
ARG NH2  N N N 24  
ARG OXT  O N N 25  
ARG H    H N N 26  
ARG H2   H N N 27  
ARG HA   H N N 28  
ARG HB2  H N N 29  
ARG HB3  H N N 30  
ARG HG2  H N N 31  
ARG HG3  H N N 32  
ARG HD2  H N N 33  
ARG HD3  H N N 34  
ARG HE   H N N 35  
ARG HH11 H N N 36  
ARG HH12 H N N 37  
ARG HH21 H N N 38  
ARG HH22 H N N 39  
ARG HXT  H N N 40  
ASN N    N N N 41  
ASN CA   C N S 42  
ASN C    C N N 43  
ASN O    O N N 44  
ASN CB   C N N 45  
ASN CG   C N N 46  
ASN OD1  O N N 47  
ASN ND2  N N N 48  
ASN OXT  O N N 49  
ASN H    H N N 50  
ASN H2   H N N 51  
ASN HA   H N N 52  
ASN HB2  H N N 53  
ASN HB3  H N N 54  
ASN HD21 H N N 55  
ASN HD22 H N N 56  
ASN HXT  H N N 57  
ASP N    N N N 58  
ASP CA   C N S 59  
ASP C    C N N 60  
ASP O    O N N 61  
ASP CB   C N N 62  
ASP CG   C N N 63  
ASP OD1  O N N 64  
ASP OD2  O N N 65  
ASP OXT  O N N 66  
ASP H    H N N 67  
ASP H2   H N N 68  
ASP HA   H N N 69  
ASP HB2  H N N 70  
ASP HB3  H N N 71  
ASP HD2  H N N 72  
ASP HXT  H N N 73  
CYS N    N N N 74  
CYS CA   C N R 75  
CYS C    C N N 76  
CYS O    O N N 77  
CYS CB   C N N 78  
CYS SG   S N N 79  
CYS OXT  O N N 80  
CYS H    H N N 81  
CYS H2   H N N 82  
CYS HA   H N N 83  
CYS HB2  H N N 84  
CYS HB3  H N N 85  
CYS HG   H N N 86  
CYS HXT  H N N 87  
GLN N    N N N 88  
GLN CA   C N S 89  
GLN C    C N N 90  
GLN O    O N N 91  
GLN CB   C N N 92  
GLN CG   C N N 93  
GLN CD   C N N 94  
GLN OE1  O N N 95  
GLN NE2  N N N 96  
GLN OXT  O N N 97  
GLN H    H N N 98  
GLN H2   H N N 99  
GLN HA   H N N 100 
GLN HB2  H N N 101 
GLN HB3  H N N 102 
GLN HG2  H N N 103 
GLN HG3  H N N 104 
GLN HE21 H N N 105 
GLN HE22 H N N 106 
GLN HXT  H N N 107 
GLU N    N N N 108 
GLU CA   C N S 109 
GLU C    C N N 110 
GLU O    O N N 111 
GLU CB   C N N 112 
GLU CG   C N N 113 
GLU CD   C N N 114 
GLU OE1  O N N 115 
GLU OE2  O N N 116 
GLU OXT  O N N 117 
GLU H    H N N 118 
GLU H2   H N N 119 
GLU HA   H N N 120 
GLU HB2  H N N 121 
GLU HB3  H N N 122 
GLU HG2  H N N 123 
GLU HG3  H N N 124 
GLU HE2  H N N 125 
GLU HXT  H N N 126 
GLY N    N N N 127 
GLY CA   C N N 128 
GLY C    C N N 129 
GLY O    O N N 130 
GLY OXT  O N N 131 
GLY H    H N N 132 
GLY H2   H N N 133 
GLY HA2  H N N 134 
GLY HA3  H N N 135 
GLY HXT  H N N 136 
GOL C1   C N N 137 
GOL O1   O N N 138 
GOL C2   C N N 139 
GOL O2   O N N 140 
GOL C3   C N N 141 
GOL O3   O N N 142 
GOL H11  H N N 143 
GOL H12  H N N 144 
GOL HO1  H N N 145 
GOL H2   H N N 146 
GOL HO2  H N N 147 
GOL H31  H N N 148 
GOL H32  H N N 149 
GOL HO3  H N N 150 
HIS N    N N N 151 
HIS CA   C N S 152 
HIS C    C N N 153 
HIS O    O N N 154 
HIS CB   C N N 155 
HIS CG   C Y N 156 
HIS ND1  N Y N 157 
HIS CD2  C Y N 158 
HIS CE1  C Y N 159 
HIS NE2  N Y N 160 
HIS OXT  O N N 161 
HIS H    H N N 162 
HIS H2   H N N 163 
HIS HA   H N N 164 
HIS HB2  H N N 165 
HIS HB3  H N N 166 
HIS HD1  H N N 167 
HIS HD2  H N N 168 
HIS HE1  H N N 169 
HIS HE2  H N N 170 
HIS HXT  H N N 171 
HOH O    O N N 172 
HOH H1   H N N 173 
HOH H2   H N N 174 
ILE N    N N N 175 
ILE CA   C N S 176 
ILE C    C N N 177 
ILE O    O N N 178 
ILE CB   C N S 179 
ILE CG1  C N N 180 
ILE CG2  C N N 181 
ILE CD1  C N N 182 
ILE OXT  O N N 183 
ILE H    H N N 184 
ILE H2   H N N 185 
ILE HA   H N N 186 
ILE HB   H N N 187 
ILE HG12 H N N 188 
ILE HG13 H N N 189 
ILE HG21 H N N 190 
ILE HG22 H N N 191 
ILE HG23 H N N 192 
ILE HD11 H N N 193 
ILE HD12 H N N 194 
ILE HD13 H N N 195 
ILE HXT  H N N 196 
LEU N    N N N 197 
LEU CA   C N S 198 
LEU C    C N N 199 
LEU O    O N N 200 
LEU CB   C N N 201 
LEU CG   C N N 202 
LEU CD1  C N N 203 
LEU CD2  C N N 204 
LEU OXT  O N N 205 
LEU H    H N N 206 
LEU H2   H N N 207 
LEU HA   H N N 208 
LEU HB2  H N N 209 
LEU HB3  H N N 210 
LEU HG   H N N 211 
LEU HD11 H N N 212 
LEU HD12 H N N 213 
LEU HD13 H N N 214 
LEU HD21 H N N 215 
LEU HD22 H N N 216 
LEU HD23 H N N 217 
LEU HXT  H N N 218 
LYS N    N N N 219 
LYS CA   C N S 220 
LYS C    C N N 221 
LYS O    O N N 222 
LYS CB   C N N 223 
LYS CG   C N N 224 
LYS CD   C N N 225 
LYS CE   C N N 226 
LYS NZ   N N N 227 
LYS OXT  O N N 228 
LYS H    H N N 229 
LYS H2   H N N 230 
LYS HA   H N N 231 
LYS HB2  H N N 232 
LYS HB3  H N N 233 
LYS HG2  H N N 234 
LYS HG3  H N N 235 
LYS HD2  H N N 236 
LYS HD3  H N N 237 
LYS HE2  H N N 238 
LYS HE3  H N N 239 
LYS HZ1  H N N 240 
LYS HZ2  H N N 241 
LYS HZ3  H N N 242 
LYS HXT  H N N 243 
MET N    N N N 244 
MET CA   C N S 245 
MET C    C N N 246 
MET O    O N N 247 
MET CB   C N N 248 
MET CG   C N N 249 
MET SD   S N N 250 
MET CE   C N N 251 
MET OXT  O N N 252 
MET H    H N N 253 
MET H2   H N N 254 
MET HA   H N N 255 
MET HB2  H N N 256 
MET HB3  H N N 257 
MET HG2  H N N 258 
MET HG3  H N N 259 
MET HE1  H N N 260 
MET HE2  H N N 261 
MET HE3  H N N 262 
MET HXT  H N N 263 
PHE N    N N N 264 
PHE CA   C N S 265 
PHE C    C N N 266 
PHE O    O N N 267 
PHE CB   C N N 268 
PHE CG   C Y N 269 
PHE CD1  C Y N 270 
PHE CD2  C Y N 271 
PHE CE1  C Y N 272 
PHE CE2  C Y N 273 
PHE CZ   C Y N 274 
PHE OXT  O N N 275 
PHE H    H N N 276 
PHE H2   H N N 277 
PHE HA   H N N 278 
PHE HB2  H N N 279 
PHE HB3  H N N 280 
PHE HD1  H N N 281 
PHE HD2  H N N 282 
PHE HE1  H N N 283 
PHE HE2  H N N 284 
PHE HZ   H N N 285 
PHE HXT  H N N 286 
PRO N    N N N 287 
PRO CA   C N S 288 
PRO C    C N N 289 
PRO O    O N N 290 
PRO CB   C N N 291 
PRO CG   C N N 292 
PRO CD   C N N 293 
PRO OXT  O N N 294 
PRO H    H N N 295 
PRO HA   H N N 296 
PRO HB2  H N N 297 
PRO HB3  H N N 298 
PRO HG2  H N N 299 
PRO HG3  H N N 300 
PRO HD2  H N N 301 
PRO HD3  H N N 302 
PRO HXT  H N N 303 
SER N    N N N 304 
SER CA   C N S 305 
SER C    C N N 306 
SER O    O N N 307 
SER CB   C N N 308 
SER OG   O N N 309 
SER OXT  O N N 310 
SER H    H N N 311 
SER H2   H N N 312 
SER HA   H N N 313 
SER HB2  H N N 314 
SER HB3  H N N 315 
SER HG   H N N 316 
SER HXT  H N N 317 
SO4 S    S N N 318 
SO4 O1   O N N 319 
SO4 O2   O N N 320 
SO4 O3   O N N 321 
SO4 O4   O N N 322 
THR N    N N N 323 
THR CA   C N S 324 
THR C    C N N 325 
THR O    O N N 326 
THR CB   C N R 327 
THR OG1  O N N 328 
THR CG2  C N N 329 
THR OXT  O N N 330 
THR H    H N N 331 
THR H2   H N N 332 
THR HA   H N N 333 
THR HB   H N N 334 
THR HG1  H N N 335 
THR HG21 H N N 336 
THR HG22 H N N 337 
THR HG23 H N N 338 
THR HXT  H N N 339 
TRP N    N N N 340 
TRP CA   C N S 341 
TRP C    C N N 342 
TRP O    O N N 343 
TRP CB   C N N 344 
TRP CG   C Y N 345 
TRP CD1  C Y N 346 
TRP CD2  C Y N 347 
TRP NE1  N Y N 348 
TRP CE2  C Y N 349 
TRP CE3  C Y N 350 
TRP CZ2  C Y N 351 
TRP CZ3  C Y N 352 
TRP CH2  C Y N 353 
TRP OXT  O N N 354 
TRP H    H N N 355 
TRP H2   H N N 356 
TRP HA   H N N 357 
TRP HB2  H N N 358 
TRP HB3  H N N 359 
TRP HD1  H N N 360 
TRP HE1  H N N 361 
TRP HE3  H N N 362 
TRP HZ2  H N N 363 
TRP HZ3  H N N 364 
TRP HH2  H N N 365 
TRP HXT  H N N 366 
TYR N    N N N 367 
TYR CA   C N S 368 
TYR C    C N N 369 
TYR O    O N N 370 
TYR CB   C N N 371 
TYR CG   C Y N 372 
TYR CD1  C Y N 373 
TYR CD2  C Y N 374 
TYR CE1  C Y N 375 
TYR CE2  C Y N 376 
TYR CZ   C Y N 377 
TYR OH   O N N 378 
TYR OXT  O N N 379 
TYR H    H N N 380 
TYR H2   H N N 381 
TYR HA   H N N 382 
TYR HB2  H N N 383 
TYR HB3  H N N 384 
TYR HD1  H N N 385 
TYR HD2  H N N 386 
TYR HE1  H N N 387 
TYR HE2  H N N 388 
TYR HH   H N N 389 
TYR HXT  H N N 390 
VAL N    N N N 391 
VAL CA   C N S 392 
VAL C    C N N 393 
VAL O    O N N 394 
VAL CB   C N N 395 
VAL CG1  C N N 396 
VAL CG2  C N N 397 
VAL OXT  O N N 398 
VAL H    H N N 399 
VAL H2   H N N 400 
VAL HA   H N N 401 
VAL HB   H N N 402 
VAL HG11 H N N 403 
VAL HG12 H N N 404 
VAL HG13 H N N 405 
VAL HG21 H N N 406 
VAL HG22 H N N 407 
VAL HG23 H N N 408 
VAL HXT  H N N 409 
# 
loop_
_chem_comp_bond.comp_id 
_chem_comp_bond.atom_id_1 
_chem_comp_bond.atom_id_2 
_chem_comp_bond.value_order 
_chem_comp_bond.pdbx_aromatic_flag 
_chem_comp_bond.pdbx_stereo_config 
_chem_comp_bond.pdbx_ordinal 
ALA N   CA   sing N N 1   
ALA N   H    sing N N 2   
ALA N   H2   sing N N 3   
ALA CA  C    sing N N 4   
ALA CA  CB   sing N N 5   
ALA CA  HA   sing N N 6   
ALA C   O    doub N N 7   
ALA C   OXT  sing N N 8   
ALA CB  HB1  sing N N 9   
ALA CB  HB2  sing N N 10  
ALA CB  HB3  sing N N 11  
ALA OXT HXT  sing N N 12  
ARG N   CA   sing N N 13  
ARG N   H    sing N N 14  
ARG N   H2   sing N N 15  
ARG CA  C    sing N N 16  
ARG CA  CB   sing N N 17  
ARG CA  HA   sing N N 18  
ARG C   O    doub N N 19  
ARG C   OXT  sing N N 20  
ARG CB  CG   sing N N 21  
ARG CB  HB2  sing N N 22  
ARG CB  HB3  sing N N 23  
ARG CG  CD   sing N N 24  
ARG CG  HG2  sing N N 25  
ARG CG  HG3  sing N N 26  
ARG CD  NE   sing N N 27  
ARG CD  HD2  sing N N 28  
ARG CD  HD3  sing N N 29  
ARG NE  CZ   sing N N 30  
ARG NE  HE   sing N N 31  
ARG CZ  NH1  sing N N 32  
ARG CZ  NH2  doub N N 33  
ARG NH1 HH11 sing N N 34  
ARG NH1 HH12 sing N N 35  
ARG NH2 HH21 sing N N 36  
ARG NH2 HH22 sing N N 37  
ARG OXT HXT  sing N N 38  
ASN N   CA   sing N N 39  
ASN N   H    sing N N 40  
ASN N   H2   sing N N 41  
ASN CA  C    sing N N 42  
ASN CA  CB   sing N N 43  
ASN CA  HA   sing N N 44  
ASN C   O    doub N N 45  
ASN C   OXT  sing N N 46  
ASN CB  CG   sing N N 47  
ASN CB  HB2  sing N N 48  
ASN CB  HB3  sing N N 49  
ASN CG  OD1  doub N N 50  
ASN CG  ND2  sing N N 51  
ASN ND2 HD21 sing N N 52  
ASN ND2 HD22 sing N N 53  
ASN OXT HXT  sing N N 54  
ASP N   CA   sing N N 55  
ASP N   H    sing N N 56  
ASP N   H2   sing N N 57  
ASP CA  C    sing N N 58  
ASP CA  CB   sing N N 59  
ASP CA  HA   sing N N 60  
ASP C   O    doub N N 61  
ASP C   OXT  sing N N 62  
ASP CB  CG   sing N N 63  
ASP CB  HB2  sing N N 64  
ASP CB  HB3  sing N N 65  
ASP CG  OD1  doub N N 66  
ASP CG  OD2  sing N N 67  
ASP OD2 HD2  sing N N 68  
ASP OXT HXT  sing N N 69  
CYS N   CA   sing N N 70  
CYS N   H    sing N N 71  
CYS N   H2   sing N N 72  
CYS CA  C    sing N N 73  
CYS CA  CB   sing N N 74  
CYS CA  HA   sing N N 75  
CYS C   O    doub N N 76  
CYS C   OXT  sing N N 77  
CYS CB  SG   sing N N 78  
CYS CB  HB2  sing N N 79  
CYS CB  HB3  sing N N 80  
CYS SG  HG   sing N N 81  
CYS OXT HXT  sing N N 82  
GLN N   CA   sing N N 83  
GLN N   H    sing N N 84  
GLN N   H2   sing N N 85  
GLN CA  C    sing N N 86  
GLN CA  CB   sing N N 87  
GLN CA  HA   sing N N 88  
GLN C   O    doub N N 89  
GLN C   OXT  sing N N 90  
GLN CB  CG   sing N N 91  
GLN CB  HB2  sing N N 92  
GLN CB  HB3  sing N N 93  
GLN CG  CD   sing N N 94  
GLN CG  HG2  sing N N 95  
GLN CG  HG3  sing N N 96  
GLN CD  OE1  doub N N 97  
GLN CD  NE2  sing N N 98  
GLN NE2 HE21 sing N N 99  
GLN NE2 HE22 sing N N 100 
GLN OXT HXT  sing N N 101 
GLU N   CA   sing N N 102 
GLU N   H    sing N N 103 
GLU N   H2   sing N N 104 
GLU CA  C    sing N N 105 
GLU CA  CB   sing N N 106 
GLU CA  HA   sing N N 107 
GLU C   O    doub N N 108 
GLU C   OXT  sing N N 109 
GLU CB  CG   sing N N 110 
GLU CB  HB2  sing N N 111 
GLU CB  HB3  sing N N 112 
GLU CG  CD   sing N N 113 
GLU CG  HG2  sing N N 114 
GLU CG  HG3  sing N N 115 
GLU CD  OE1  doub N N 116 
GLU CD  OE2  sing N N 117 
GLU OE2 HE2  sing N N 118 
GLU OXT HXT  sing N N 119 
GLY N   CA   sing N N 120 
GLY N   H    sing N N 121 
GLY N   H2   sing N N 122 
GLY CA  C    sing N N 123 
GLY CA  HA2  sing N N 124 
GLY CA  HA3  sing N N 125 
GLY C   O    doub N N 126 
GLY C   OXT  sing N N 127 
GLY OXT HXT  sing N N 128 
GOL C1  O1   sing N N 129 
GOL C1  C2   sing N N 130 
GOL C1  H11  sing N N 131 
GOL C1  H12  sing N N 132 
GOL O1  HO1  sing N N 133 
GOL C2  O2   sing N N 134 
GOL C2  C3   sing N N 135 
GOL C2  H2   sing N N 136 
GOL O2  HO2  sing N N 137 
GOL C3  O3   sing N N 138 
GOL C3  H31  sing N N 139 
GOL C3  H32  sing N N 140 
GOL O3  HO3  sing N N 141 
HIS N   CA   sing N N 142 
HIS N   H    sing N N 143 
HIS N   H2   sing N N 144 
HIS CA  C    sing N N 145 
HIS CA  CB   sing N N 146 
HIS CA  HA   sing N N 147 
HIS C   O    doub N N 148 
HIS C   OXT  sing N N 149 
HIS CB  CG   sing N N 150 
HIS CB  HB2  sing N N 151 
HIS CB  HB3  sing N N 152 
HIS CG  ND1  sing Y N 153 
HIS CG  CD2  doub Y N 154 
HIS ND1 CE1  doub Y N 155 
HIS ND1 HD1  sing N N 156 
HIS CD2 NE2  sing Y N 157 
HIS CD2 HD2  sing N N 158 
HIS CE1 NE2  sing Y N 159 
HIS CE1 HE1  sing N N 160 
HIS NE2 HE2  sing N N 161 
HIS OXT HXT  sing N N 162 
HOH O   H1   sing N N 163 
HOH O   H2   sing N N 164 
ILE N   CA   sing N N 165 
ILE N   H    sing N N 166 
ILE N   H2   sing N N 167 
ILE CA  C    sing N N 168 
ILE CA  CB   sing N N 169 
ILE CA  HA   sing N N 170 
ILE C   O    doub N N 171 
ILE C   OXT  sing N N 172 
ILE CB  CG1  sing N N 173 
ILE CB  CG2  sing N N 174 
ILE CB  HB   sing N N 175 
ILE CG1 CD1  sing N N 176 
ILE CG1 HG12 sing N N 177 
ILE CG1 HG13 sing N N 178 
ILE CG2 HG21 sing N N 179 
ILE CG2 HG22 sing N N 180 
ILE CG2 HG23 sing N N 181 
ILE CD1 HD11 sing N N 182 
ILE CD1 HD12 sing N N 183 
ILE CD1 HD13 sing N N 184 
ILE OXT HXT  sing N N 185 
LEU N   CA   sing N N 186 
LEU N   H    sing N N 187 
LEU N   H2   sing N N 188 
LEU CA  C    sing N N 189 
LEU CA  CB   sing N N 190 
LEU CA  HA   sing N N 191 
LEU C   O    doub N N 192 
LEU C   OXT  sing N N 193 
LEU CB  CG   sing N N 194 
LEU CB  HB2  sing N N 195 
LEU CB  HB3  sing N N 196 
LEU CG  CD1  sing N N 197 
LEU CG  CD2  sing N N 198 
LEU CG  HG   sing N N 199 
LEU CD1 HD11 sing N N 200 
LEU CD1 HD12 sing N N 201 
LEU CD1 HD13 sing N N 202 
LEU CD2 HD21 sing N N 203 
LEU CD2 HD22 sing N N 204 
LEU CD2 HD23 sing N N 205 
LEU OXT HXT  sing N N 206 
LYS N   CA   sing N N 207 
LYS N   H    sing N N 208 
LYS N   H2   sing N N 209 
LYS CA  C    sing N N 210 
LYS CA  CB   sing N N 211 
LYS CA  HA   sing N N 212 
LYS C   O    doub N N 213 
LYS C   OXT  sing N N 214 
LYS CB  CG   sing N N 215 
LYS CB  HB2  sing N N 216 
LYS CB  HB3  sing N N 217 
LYS CG  CD   sing N N 218 
LYS CG  HG2  sing N N 219 
LYS CG  HG3  sing N N 220 
LYS CD  CE   sing N N 221 
LYS CD  HD2  sing N N 222 
LYS CD  HD3  sing N N 223 
LYS CE  NZ   sing N N 224 
LYS CE  HE2  sing N N 225 
LYS CE  HE3  sing N N 226 
LYS NZ  HZ1  sing N N 227 
LYS NZ  HZ2  sing N N 228 
LYS NZ  HZ3  sing N N 229 
LYS OXT HXT  sing N N 230 
MET N   CA   sing N N 231 
MET N   H    sing N N 232 
MET N   H2   sing N N 233 
MET CA  C    sing N N 234 
MET CA  CB   sing N N 235 
MET CA  HA   sing N N 236 
MET C   O    doub N N 237 
MET C   OXT  sing N N 238 
MET CB  CG   sing N N 239 
MET CB  HB2  sing N N 240 
MET CB  HB3  sing N N 241 
MET CG  SD   sing N N 242 
MET CG  HG2  sing N N 243 
MET CG  HG3  sing N N 244 
MET SD  CE   sing N N 245 
MET CE  HE1  sing N N 246 
MET CE  HE2  sing N N 247 
MET CE  HE3  sing N N 248 
MET OXT HXT  sing N N 249 
PHE N   CA   sing N N 250 
PHE N   H    sing N N 251 
PHE N   H2   sing N N 252 
PHE CA  C    sing N N 253 
PHE CA  CB   sing N N 254 
PHE CA  HA   sing N N 255 
PHE C   O    doub N N 256 
PHE C   OXT  sing N N 257 
PHE CB  CG   sing N N 258 
PHE CB  HB2  sing N N 259 
PHE CB  HB3  sing N N 260 
PHE CG  CD1  doub Y N 261 
PHE CG  CD2  sing Y N 262 
PHE CD1 CE1  sing Y N 263 
PHE CD1 HD1  sing N N 264 
PHE CD2 CE2  doub Y N 265 
PHE CD2 HD2  sing N N 266 
PHE CE1 CZ   doub Y N 267 
PHE CE1 HE1  sing N N 268 
PHE CE2 CZ   sing Y N 269 
PHE CE2 HE2  sing N N 270 
PHE CZ  HZ   sing N N 271 
PHE OXT HXT  sing N N 272 
PRO N   CA   sing N N 273 
PRO N   CD   sing N N 274 
PRO N   H    sing N N 275 
PRO CA  C    sing N N 276 
PRO CA  CB   sing N N 277 
PRO CA  HA   sing N N 278 
PRO C   O    doub N N 279 
PRO C   OXT  sing N N 280 
PRO CB  CG   sing N N 281 
PRO CB  HB2  sing N N 282 
PRO CB  HB3  sing N N 283 
PRO CG  CD   sing N N 284 
PRO CG  HG2  sing N N 285 
PRO CG  HG3  sing N N 286 
PRO CD  HD2  sing N N 287 
PRO CD  HD3  sing N N 288 
PRO OXT HXT  sing N N 289 
SER N   CA   sing N N 290 
SER N   H    sing N N 291 
SER N   H2   sing N N 292 
SER CA  C    sing N N 293 
SER CA  CB   sing N N 294 
SER CA  HA   sing N N 295 
SER C   O    doub N N 296 
SER C   OXT  sing N N 297 
SER CB  OG   sing N N 298 
SER CB  HB2  sing N N 299 
SER CB  HB3  sing N N 300 
SER OG  HG   sing N N 301 
SER OXT HXT  sing N N 302 
SO4 S   O1   doub N N 303 
SO4 S   O2   doub N N 304 
SO4 S   O3   sing N N 305 
SO4 S   O4   sing N N 306 
THR N   CA   sing N N 307 
THR N   H    sing N N 308 
THR N   H2   sing N N 309 
THR CA  C    sing N N 310 
THR CA  CB   sing N N 311 
THR CA  HA   sing N N 312 
THR C   O    doub N N 313 
THR C   OXT  sing N N 314 
THR CB  OG1  sing N N 315 
THR CB  CG2  sing N N 316 
THR CB  HB   sing N N 317 
THR OG1 HG1  sing N N 318 
THR CG2 HG21 sing N N 319 
THR CG2 HG22 sing N N 320 
THR CG2 HG23 sing N N 321 
THR OXT HXT  sing N N 322 
TRP N   CA   sing N N 323 
TRP N   H    sing N N 324 
TRP N   H2   sing N N 325 
TRP CA  C    sing N N 326 
TRP CA  CB   sing N N 327 
TRP CA  HA   sing N N 328 
TRP C   O    doub N N 329 
TRP C   OXT  sing N N 330 
TRP CB  CG   sing N N 331 
TRP CB  HB2  sing N N 332 
TRP CB  HB3  sing N N 333 
TRP CG  CD1  doub Y N 334 
TRP CG  CD2  sing Y N 335 
TRP CD1 NE1  sing Y N 336 
TRP CD1 HD1  sing N N 337 
TRP CD2 CE2  doub Y N 338 
TRP CD2 CE3  sing Y N 339 
TRP NE1 CE2  sing Y N 340 
TRP NE1 HE1  sing N N 341 
TRP CE2 CZ2  sing Y N 342 
TRP CE3 CZ3  doub Y N 343 
TRP CE3 HE3  sing N N 344 
TRP CZ2 CH2  doub Y N 345 
TRP CZ2 HZ2  sing N N 346 
TRP CZ3 CH2  sing Y N 347 
TRP CZ3 HZ3  sing N N 348 
TRP CH2 HH2  sing N N 349 
TRP OXT HXT  sing N N 350 
TYR N   CA   sing N N 351 
TYR N   H    sing N N 352 
TYR N   H2   sing N N 353 
TYR CA  C    sing N N 354 
TYR CA  CB   sing N N 355 
TYR CA  HA   sing N N 356 
TYR C   O    doub N N 357 
TYR C   OXT  sing N N 358 
TYR CB  CG   sing N N 359 
TYR CB  HB2  sing N N 360 
TYR CB  HB3  sing N N 361 
TYR CG  CD1  doub Y N 362 
TYR CG  CD2  sing Y N 363 
TYR CD1 CE1  sing Y N 364 
TYR CD1 HD1  sing N N 365 
TYR CD2 CE2  doub Y N 366 
TYR CD2 HD2  sing N N 367 
TYR CE1 CZ   doub Y N 368 
TYR CE1 HE1  sing N N 369 
TYR CE2 CZ   sing Y N 370 
TYR CE2 HE2  sing N N 371 
TYR CZ  OH   sing N N 372 
TYR OH  HH   sing N N 373 
TYR OXT HXT  sing N N 374 
VAL N   CA   sing N N 375 
VAL N   H    sing N N 376 
VAL N   H2   sing N N 377 
VAL CA  C    sing N N 378 
VAL CA  CB   sing N N 379 
VAL CA  HA   sing N N 380 
VAL C   O    doub N N 381 
VAL C   OXT  sing N N 382 
VAL CB  CG1  sing N N 383 
VAL CB  CG2  sing N N 384 
VAL CB  HB   sing N N 385 
VAL CG1 HG11 sing N N 386 
VAL CG1 HG12 sing N N 387 
VAL CG1 HG13 sing N N 388 
VAL CG2 HG21 sing N N 389 
VAL CG2 HG22 sing N N 390 
VAL CG2 HG23 sing N N 391 
VAL OXT HXT  sing N N 392 
# 
loop_
_pdbx_audit_support.funding_organization 
_pdbx_audit_support.country 
_pdbx_audit_support.grant_number 
_pdbx_audit_support.ordinal 
'Kimberly Clark Foundation'                        'United States' ?       1 
'National Science Foundation (NSF, United States)' 'United States' 0845445 2 
# 
loop_
_pdbx_entity_nonpoly.entity_id 
_pdbx_entity_nonpoly.name 
_pdbx_entity_nonpoly.comp_id 
2 'SULFATE ION' SO4 
3 GLYCEROL      GOL 
4 water         HOH 
# 
_pdbx_initial_refinement_model.id               1 
_pdbx_initial_refinement_model.entity_id_list   ? 
_pdbx_initial_refinement_model.type             'experimental model' 
_pdbx_initial_refinement_model.source_name      PDB 
_pdbx_initial_refinement_model.accession_code   2O1C 
_pdbx_initial_refinement_model.details          ? 
# 
